data_9MBB
#
_entry.id   9MBB
#
_cell.length_a   1.00
_cell.length_b   1.00
_cell.length_c   1.00
_cell.angle_alpha   90.00
_cell.angle_beta   90.00
_cell.angle_gamma   90.00
#
_symmetry.space_group_name_H-M   'P 1'
#
loop_
_entity.id
_entity.type
_entity.pdbx_description
1 polymer 'Metabotropic glutamate receptor 8'
2 non-polymer 2-[(1S,2S)-2-carboxycyclopropyl]-3-(9H-xanthen-9-yl)-D-alanine
#
_entity_poly.entity_id   1
_entity_poly.type   'polypeptide(L)'
_entity_poly.pdbx_seq_one_letter_code
;MVCEGKRSASCPCFFLLTAKFYWILTMMQRTHSQEYAHSIRVDGDIILGGLFPVHAKGERGVPCGELKKEKGIHRLEAML
YAIDQINKDPDLLSNITLGVRILDTCSRDTYALEQSLTFVQALIEKDASDVKCANGDPPIFTKPDKISGVIGAAASSVSI
MVANILRLFKIPQISYASTAPELSDNTRYDFFSRVVPPDSYQAQAMVDIVTALGWNYVSTLASEGNYGESGVEAFTQISR
EIGGVCIAQSQKIPREPRPGEFEKIIKRLLETPNARAVIMFANEDDIRRILEAAKKLNQSGHFLWIGSDSWGSKIAPVYQ
QEEIAEGAVTILPKRASIDGFDRYFRSRTLANNRRNVWFAEFWEENFGCKLGSHGKRNSHIKKCTGLERIARDSSYEQEG
KVQFVIDAVYSMAYALHNMHKDLCPGYIGLCPRMSTIDGKELLGYIRAVNFNGSAGTPVTFNENGDAPGRYDIFQYQITN
KSTEYKVIGHWTNQLHLKVEDMQWAHREHTHPASVCSLPCKPGERKKTVKGVPCCWHCERCEGYNYQVDELSCELCPLDQ
RPNMNRTGCQLIPIIKLEWHSPWAVVPVFVAILGIIATTFVIVTFVRYNDTPIVRASGRELSYVLLTGIFLCYSITFLMI
AAPDTIICSFRRVFLGLGMCFSYAALLTKTNRIHRIFEQGKKSVTAPKFISPASQLVITFSLISVQLLGVFVWFVVDPPH
IIIDYGEQRTLDPEKARGVLKCDISDLSLICSLGYSILLMVTCTVYAIKTRGVPETFNEAKPIGFTMYTTCIIWLAFIPI
FFGTAQSAEKMYIQTTTLTVSMSLSASVSLGMLYMPKVYIIIFHPEQNVQKRKRSFKAVVTAATMQSKLIQKGNDRPNGE
VKSELCESLETNTSSTKTTYISYSNHSI
;
_entity_poly.pdbx_strand_id   A,B
#
loop_
_chem_comp.id
_chem_comp.type
_chem_comp.name
_chem_comp.formula
Z99 non-polymer 2-[(1S,2S)-2-carboxycyclopropyl]-3-(9H-xanthen-9-yl)-D-alanine 'C20 H19 N O5'
#
# COMPACT_ATOMS: atom_id res chain seq x y z
N SER A 39 -15.24 -62.58 0.64
CA SER A 39 -16.24 -62.80 -0.40
C SER A 39 -17.47 -63.50 0.16
N ILE A 40 -18.55 -62.74 0.34
CA ILE A 40 -19.81 -63.25 0.89
C ILE A 40 -20.91 -62.96 -0.11
N ARG A 41 -21.67 -64.00 -0.47
CA ARG A 41 -22.71 -63.89 -1.48
C ARG A 41 -24.06 -64.02 -0.78
N VAL A 42 -24.88 -62.97 -0.82
CA VAL A 42 -26.22 -63.01 -0.26
C VAL A 42 -27.20 -62.54 -1.33
N ASP A 43 -27.74 -63.50 -2.10
CA ASP A 43 -28.95 -63.36 -2.90
C ASP A 43 -29.17 -61.98 -3.50
N GLY A 44 -30.37 -61.43 -3.30
CA GLY A 44 -30.63 -60.02 -3.49
C GLY A 44 -31.17 -59.69 -4.87
N ASP A 45 -31.79 -58.51 -4.95
CA ASP A 45 -32.21 -57.90 -6.20
C ASP A 45 -31.53 -56.57 -6.49
N ILE A 46 -31.16 -55.82 -5.46
CA ILE A 46 -30.28 -54.67 -5.58
C ILE A 46 -29.08 -54.94 -4.68
N ILE A 47 -27.92 -55.19 -5.29
CA ILE A 47 -26.74 -55.63 -4.56
C ILE A 47 -25.89 -54.42 -4.19
N LEU A 48 -25.36 -54.44 -2.97
CA LEU A 48 -24.40 -53.46 -2.49
C LEU A 48 -23.07 -54.15 -2.22
N GLY A 49 -22.08 -53.36 -1.79
CA GLY A 49 -20.77 -53.88 -1.49
C GLY A 49 -20.29 -53.42 -0.12
N GLY A 50 -19.35 -54.18 0.42
CA GLY A 50 -18.77 -53.85 1.71
C GLY A 50 -17.29 -54.16 1.85
N LEU A 51 -16.51 -53.16 2.26
CA LEU A 51 -15.08 -53.32 2.52
C LEU A 51 -14.82 -53.18 4.01
N PHE A 52 -14.09 -54.12 4.59
CA PHE A 52 -13.90 -54.17 6.02
C PHE A 52 -12.46 -54.53 6.35
N PRO A 53 -11.96 -54.10 7.51
CA PRO A 53 -10.56 -54.38 7.90
C PRO A 53 -10.39 -55.69 8.64
N VAL A 54 -10.79 -56.80 8.02
CA VAL A 54 -10.43 -58.12 8.55
C VAL A 54 -8.96 -58.36 8.32
N HIS A 55 -8.32 -59.04 9.28
CA HIS A 55 -6.88 -59.26 9.28
C HIS A 55 -6.15 -57.93 9.40
N ALA A 56 -4.83 -57.93 9.23
CA ALA A 56 -4.05 -56.72 9.42
C ALA A 56 -2.93 -56.68 8.39
N LYS A 57 -2.16 -55.59 8.41
CA LYS A 57 -1.06 -55.40 7.48
C LYS A 57 0.02 -56.45 7.66
N VAL A 62 1.02 -61.40 1.15
CA VAL A 62 0.59 -60.01 1.32
C VAL A 62 -0.21 -59.80 2.61
N PRO A 63 -1.32 -60.52 2.82
CA PRO A 63 -2.11 -60.30 4.04
C PRO A 63 -1.53 -61.05 5.22
N CYS A 64 -1.04 -60.31 6.20
CA CYS A 64 -0.51 -60.95 7.40
C CYS A 64 -1.65 -61.60 8.19
N GLY A 65 -1.31 -62.61 8.98
CA GLY A 65 -2.35 -63.29 9.72
C GLY A 65 -2.49 -62.85 11.16
N GLU A 66 -3.45 -61.95 11.38
CA GLU A 66 -3.85 -61.53 12.72
C GLU A 66 -5.31 -61.13 12.57
N LEU A 67 -6.22 -61.95 13.08
CA LEU A 67 -7.63 -61.61 12.99
C LEU A 67 -7.89 -60.33 13.76
N LYS A 68 -8.22 -59.26 13.05
CA LYS A 68 -8.29 -57.95 13.69
C LYS A 68 -9.51 -57.85 14.60
N LYS A 69 -10.46 -58.78 14.46
CA LYS A 69 -11.54 -58.96 15.43
C LYS A 69 -12.47 -57.76 15.47
N GLU A 70 -12.28 -56.92 16.49
CA GLU A 70 -13.18 -55.80 16.73
C GLU A 70 -13.38 -54.96 15.48
N LYS A 71 -12.29 -54.65 14.77
CA LYS A 71 -12.40 -53.84 13.57
C LYS A 71 -13.16 -54.57 12.47
N GLY A 72 -12.76 -55.81 12.15
CA GLY A 72 -13.37 -56.46 11.02
C GLY A 72 -14.66 -57.24 11.27
N ILE A 73 -14.59 -58.23 12.16
CA ILE A 73 -15.68 -59.19 12.32
C ILE A 73 -16.94 -58.48 12.80
N HIS A 74 -16.79 -57.64 13.83
CA HIS A 74 -17.92 -56.87 14.36
C HIS A 74 -18.63 -56.11 13.26
N ARG A 75 -17.86 -55.40 12.44
CA ARG A 75 -18.44 -54.57 11.39
C ARG A 75 -19.11 -55.41 10.30
N LEU A 76 -18.54 -56.57 9.94
CA LEU A 76 -19.25 -57.46 9.02
C LEU A 76 -20.58 -57.90 9.58
N GLU A 77 -20.60 -58.29 10.86
CA GLU A 77 -21.85 -58.73 11.45
C GLU A 77 -22.85 -57.60 11.50
N ALA A 78 -22.37 -56.38 11.78
CA ALA A 78 -23.26 -55.22 11.79
C ALA A 78 -23.87 -54.97 10.42
N MET A 79 -23.07 -55.03 9.36
CA MET A 79 -23.59 -54.82 8.02
C MET A 79 -24.64 -55.87 7.65
N LEU A 80 -24.30 -57.15 7.85
CA LEU A 80 -25.26 -58.21 7.52
C LEU A 80 -26.52 -58.11 8.38
N TYR A 81 -26.38 -57.73 9.64
CA TYR A 81 -27.52 -57.52 10.52
C TYR A 81 -28.44 -56.43 9.98
N ALA A 82 -27.86 -55.28 9.66
CA ALA A 82 -28.67 -54.17 9.17
C ALA A 82 -29.37 -54.52 7.87
N ILE A 83 -28.69 -55.27 7.00
CA ILE A 83 -29.34 -55.77 5.79
C ILE A 83 -30.50 -56.69 6.14
N ASP A 84 -30.31 -57.56 7.15
CA ASP A 84 -31.37 -58.50 7.53
C ASP A 84 -32.63 -57.78 8.00
N GLN A 85 -32.49 -56.73 8.81
CA GLN A 85 -33.70 -55.95 9.12
C GLN A 85 -34.14 -55.01 8.03
N ILE A 86 -33.30 -54.70 7.03
CA ILE A 86 -33.81 -53.91 5.91
C ILE A 86 -34.78 -54.74 5.08
N ASN A 87 -34.49 -56.03 4.89
CA ASN A 87 -35.36 -56.88 4.07
C ASN A 87 -36.64 -57.29 4.78
N LYS A 88 -36.79 -57.01 6.08
CA LYS A 88 -38.03 -57.37 6.77
C LYS A 88 -39.02 -56.22 6.87
N ASP A 89 -38.56 -54.97 6.98
CA ASP A 89 -39.45 -53.84 7.14
C ASP A 89 -40.39 -53.75 5.94
N PRO A 90 -41.69 -53.99 6.14
CA PRO A 90 -42.62 -54.02 4.99
C PRO A 90 -42.74 -52.70 4.25
N ASP A 91 -42.50 -51.57 4.92
CA ASP A 91 -42.78 -50.26 4.34
C ASP A 91 -41.50 -49.45 4.12
N LEU A 92 -40.40 -50.12 3.82
CA LEU A 92 -39.15 -49.46 3.49
C LEU A 92 -38.84 -49.51 2.00
N LEU A 93 -38.84 -50.71 1.42
CA LEU A 93 -38.53 -50.87 0.01
C LEU A 93 -39.52 -51.81 -0.69
N SER A 94 -40.66 -52.05 -0.06
CA SER A 94 -41.76 -52.85 -0.64
C SER A 94 -41.22 -54.25 -0.95
N ASN A 95 -41.53 -54.81 -2.12
CA ASN A 95 -41.10 -56.16 -2.45
C ASN A 95 -39.65 -56.27 -2.89
N ILE A 96 -38.99 -55.14 -3.16
CA ILE A 96 -37.58 -55.19 -3.54
C ILE A 96 -36.75 -55.73 -2.40
N THR A 97 -35.80 -56.61 -2.73
CA THR A 97 -34.90 -57.20 -1.76
C THR A 97 -33.47 -56.76 -2.03
N LEU A 98 -32.65 -56.69 -0.97
CA LEU A 98 -31.27 -56.27 -1.07
C LEU A 98 -30.33 -57.47 -1.04
N GLY A 99 -29.20 -57.33 -1.75
CA GLY A 99 -28.14 -58.30 -1.72
C GLY A 99 -26.83 -57.65 -1.30
N VAL A 100 -25.86 -58.49 -0.96
CA VAL A 100 -24.64 -58.04 -0.30
C VAL A 100 -23.43 -58.69 -0.94
N ARG A 101 -22.36 -57.91 -1.12
CA ARG A 101 -21.07 -58.38 -1.63
C ARG A 101 -19.99 -57.85 -0.69
N ILE A 102 -19.59 -58.65 0.29
CA ILE A 102 -18.64 -58.21 1.31
C ILE A 102 -17.27 -58.77 0.95
N LEU A 103 -16.31 -57.88 0.76
CA LEU A 103 -14.92 -58.27 0.54
C LEU A 103 -14.09 -57.86 1.76
N ASP A 104 -12.80 -58.15 1.68
CA ASP A 104 -11.87 -57.90 2.77
C ASP A 104 -10.80 -56.90 2.35
N THR A 105 -10.35 -56.12 3.33
CA THR A 105 -9.13 -55.33 3.22
C THR A 105 -8.27 -55.64 4.43
N CYS A 106 -6.96 -55.68 4.22
CA CYS A 106 -6.01 -56.08 5.26
C CYS A 106 -5.13 -54.91 5.64
N SER A 107 -5.71 -53.71 5.72
CA SER A 107 -4.99 -52.48 6.03
C SER A 107 -3.89 -52.21 5.01
N ARG A 108 -4.18 -52.51 3.75
CA ARG A 108 -3.29 -52.20 2.64
C ARG A 108 -4.08 -51.51 1.54
N ASP A 109 -3.42 -50.60 0.84
CA ASP A 109 -4.08 -49.86 -0.23
C ASP A 109 -4.28 -50.71 -1.47
N THR A 110 -3.26 -51.49 -1.82
CA THR A 110 -3.28 -52.23 -3.08
C THR A 110 -4.21 -53.43 -3.00
N TYR A 111 -4.27 -54.09 -1.85
CA TYR A 111 -5.18 -55.21 -1.69
C TYR A 111 -6.62 -54.76 -1.87
N ALA A 112 -6.96 -53.61 -1.29
CA ALA A 112 -8.25 -52.98 -1.53
C ALA A 112 -8.43 -52.59 -2.99
N LEU A 113 -7.36 -52.19 -3.67
CA LEU A 113 -7.47 -51.91 -5.11
C LEU A 113 -7.91 -53.16 -5.87
N GLU A 114 -7.28 -54.30 -5.60
CA GLU A 114 -7.69 -55.53 -6.26
C GLU A 114 -9.14 -55.87 -5.95
N GLN A 115 -9.54 -55.71 -4.68
CA GLN A 115 -10.92 -56.04 -4.32
C GLN A 115 -11.92 -55.10 -4.99
N SER A 116 -11.56 -53.81 -5.13
CA SER A 116 -12.44 -52.87 -5.79
C SER A 116 -12.51 -53.14 -7.28
N LEU A 117 -11.44 -53.67 -7.87
CA LEU A 117 -11.54 -54.22 -9.22
C LEU A 117 -12.54 -55.36 -9.26
N THR A 118 -12.50 -56.22 -8.24
CA THR A 118 -13.45 -57.32 -8.16
C THR A 118 -14.89 -56.83 -8.15
N PHE A 119 -15.14 -55.68 -7.50
CA PHE A 119 -16.50 -55.14 -7.51
C PHE A 119 -17.02 -54.91 -8.92
N VAL A 120 -16.24 -54.27 -9.78
CA VAL A 120 -16.68 -53.91 -11.12
C VAL A 120 -16.11 -54.94 -12.10
N GLN A 121 -16.90 -55.98 -12.36
CA GLN A 121 -16.54 -56.95 -13.38
C GLN A 121 -17.72 -57.34 -14.26
N ALA A 122 -18.84 -56.66 -14.17
CA ALA A 122 -19.99 -56.89 -15.04
C ALA A 122 -19.97 -55.99 -16.27
N LEU A 123 -18.90 -55.21 -16.45
CA LEU A 123 -18.76 -54.32 -17.59
C LEU A 123 -17.78 -54.83 -18.63
N ILE A 124 -16.84 -55.67 -18.25
CA ILE A 124 -15.86 -56.24 -19.17
C ILE A 124 -16.55 -57.02 -20.28
N PRO A 139 -18.35 -72.81 -20.55
CA PRO A 139 -19.70 -72.77 -21.08
C PRO A 139 -20.76 -72.84 -19.99
N ILE A 140 -20.32 -72.72 -18.74
CA ILE A 140 -21.22 -72.72 -17.59
C ILE A 140 -21.05 -71.42 -16.84
N PHE A 141 -20.70 -70.36 -17.56
CA PHE A 141 -20.42 -69.07 -16.93
C PHE A 141 -21.66 -68.53 -16.24
N THR A 142 -21.50 -68.09 -15.00
CA THR A 142 -22.59 -67.54 -14.22
C THR A 142 -22.66 -66.03 -14.38
N LYS A 143 -23.86 -65.50 -14.25
CA LYS A 143 -24.07 -64.06 -14.42
C LYS A 143 -23.43 -63.31 -13.26
N PRO A 144 -22.58 -62.32 -13.52
CA PRO A 144 -21.98 -61.54 -12.43
C PRO A 144 -22.98 -60.53 -11.87
N ASP A 145 -22.62 -59.99 -10.71
CA ASP A 145 -23.52 -59.10 -9.99
C ASP A 145 -23.47 -57.69 -10.58
N LYS A 146 -24.38 -56.85 -10.11
CA LYS A 146 -24.47 -55.45 -10.54
C LYS A 146 -24.56 -54.60 -9.29
N ILE A 147 -23.42 -54.09 -8.83
CA ILE A 147 -23.37 -53.30 -7.61
C ILE A 147 -23.89 -51.91 -7.89
N SER A 148 -24.85 -51.45 -7.10
CA SER A 148 -25.44 -50.13 -7.23
C SER A 148 -25.01 -49.20 -6.10
N GLY A 149 -24.09 -49.63 -5.24
CA GLY A 149 -23.60 -48.82 -4.16
C GLY A 149 -22.57 -49.57 -3.33
N VAL A 150 -21.55 -48.88 -2.87
CA VAL A 150 -20.48 -49.49 -2.07
C VAL A 150 -20.54 -48.90 -0.68
N ILE A 151 -20.56 -49.77 0.33
CA ILE A 151 -20.71 -49.36 1.71
C ILE A 151 -19.56 -50.01 2.48
N GLY A 152 -18.45 -49.28 2.62
CA GLY A 152 -17.29 -49.82 3.28
C GLY A 152 -16.35 -48.71 3.67
N ALA A 153 -15.53 -49.00 4.68
CA ALA A 153 -14.63 -47.98 5.24
C ALA A 153 -13.53 -48.68 6.01
N ALA A 154 -12.49 -47.91 6.29
CA ALA A 154 -11.32 -48.35 7.03
C ALA A 154 -10.54 -47.11 7.41
N ALA A 155 -9.33 -47.28 7.92
CA ALA A 155 -8.44 -46.14 8.04
C ALA A 155 -8.23 -45.52 6.67
N SER A 156 -7.89 -44.23 6.65
CA SER A 156 -7.85 -43.49 5.40
C SER A 156 -6.69 -43.96 4.52
N SER A 157 -6.57 -43.36 3.33
CA SER A 157 -5.66 -43.77 2.28
C SER A 157 -6.09 -45.10 1.67
N VAL A 158 -7.17 -45.68 2.21
CA VAL A 158 -7.85 -46.81 1.61
C VAL A 158 -9.17 -46.36 0.98
N SER A 159 -9.98 -45.64 1.76
CA SER A 159 -11.17 -45.02 1.22
C SER A 159 -10.81 -44.04 0.10
N ILE A 160 -9.67 -43.38 0.21
CA ILE A 160 -9.22 -42.46 -0.84
C ILE A 160 -9.08 -43.21 -2.16
N MET A 161 -8.36 -44.33 -2.15
CA MET A 161 -8.07 -45.06 -3.38
C MET A 161 -9.34 -45.69 -3.95
N VAL A 162 -10.17 -46.27 -3.09
CA VAL A 162 -11.41 -46.84 -3.60
C VAL A 162 -12.33 -45.74 -4.11
N ALA A 163 -12.29 -44.56 -3.49
CA ALA A 163 -13.09 -43.44 -3.96
C ALA A 163 -12.67 -43.02 -5.36
N ASN A 164 -11.37 -43.01 -5.63
CA ASN A 164 -10.91 -42.71 -6.99
C ASN A 164 -11.42 -43.76 -7.98
N ILE A 165 -11.17 -45.03 -7.69
CA ILE A 165 -11.54 -46.08 -8.63
C ILE A 165 -13.06 -46.17 -8.79
N LEU A 166 -13.83 -45.68 -7.83
CA LEU A 166 -15.28 -45.74 -7.91
C LEU A 166 -15.90 -44.49 -8.53
N ARG A 167 -15.27 -43.32 -8.34
CA ARG A 167 -15.74 -42.13 -9.03
C ARG A 167 -15.44 -42.22 -10.52
N LEU A 168 -14.41 -42.98 -10.90
CA LEU A 168 -14.24 -43.24 -12.33
C LEU A 168 -15.40 -44.03 -12.93
N PHE A 169 -16.21 -44.70 -12.11
CA PHE A 169 -17.26 -45.57 -12.61
C PHE A 169 -18.65 -45.16 -12.11
N LYS A 170 -18.77 -43.96 -11.55
CA LYS A 170 -20.07 -43.41 -11.14
C LYS A 170 -20.79 -44.31 -10.15
N ILE A 171 -20.06 -44.83 -9.17
CA ILE A 171 -20.61 -45.67 -8.12
C ILE A 171 -20.55 -44.90 -6.81
N PRO A 172 -21.69 -44.67 -6.15
CA PRO A 172 -21.65 -44.03 -4.82
C PRO A 172 -20.93 -44.90 -3.80
N GLN A 173 -20.30 -44.23 -2.83
CA GLN A 173 -19.57 -44.91 -1.77
C GLN A 173 -19.77 -44.15 -0.47
N ILE A 174 -20.33 -44.81 0.53
CA ILE A 174 -20.60 -44.20 1.83
C ILE A 174 -19.70 -44.86 2.86
N SER A 175 -18.90 -44.05 3.54
CA SER A 175 -17.92 -44.51 4.51
C SER A 175 -18.44 -44.31 5.92
N TYR A 176 -18.03 -45.21 6.82
CA TYR A 176 -18.45 -45.13 8.22
C TYR A 176 -17.35 -44.74 9.19
N ALA A 177 -16.09 -44.96 8.85
CA ALA A 177 -14.99 -44.69 9.77
C ALA A 177 -13.88 -43.81 9.21
N SER A 178 -13.83 -43.58 7.90
CA SER A 178 -12.77 -42.77 7.30
C SER A 178 -13.00 -41.31 7.64
N THR A 179 -12.11 -40.73 8.44
CA THR A 179 -12.22 -39.34 8.88
C THR A 179 -10.90 -38.64 8.55
N ALA A 180 -10.81 -38.10 7.34
CA ALA A 180 -9.61 -37.40 6.90
C ALA A 180 -10.04 -36.09 6.24
N PRO A 181 -9.48 -34.95 6.67
CA PRO A 181 -9.88 -33.67 6.05
C PRO A 181 -9.66 -33.64 4.55
N GLU A 182 -8.61 -34.30 4.06
CA GLU A 182 -8.35 -34.32 2.63
C GLU A 182 -9.54 -34.87 1.86
N LEU A 183 -10.32 -35.76 2.49
CA LEU A 183 -11.59 -36.24 1.93
C LEU A 183 -12.74 -35.31 2.31
N SER A 184 -12.60 -34.02 2.04
CA SER A 184 -13.68 -33.08 2.32
C SER A 184 -13.88 -32.08 1.19
N ASP A 185 -13.60 -32.48 -0.05
CA ASP A 185 -13.79 -31.60 -1.19
C ASP A 185 -14.48 -32.35 -2.32
N ASN A 186 -15.38 -31.65 -3.02
CA ASN A 186 -16.10 -32.26 -4.14
C ASN A 186 -15.16 -32.70 -5.25
N THR A 187 -14.06 -31.97 -5.46
CA THR A 187 -13.09 -32.37 -6.47
C THR A 187 -12.39 -33.66 -6.06
N ARG A 188 -12.36 -34.62 -6.98
CA ARG A 188 -11.70 -35.93 -6.88
C ARG A 188 -12.43 -36.89 -5.95
N TYR A 189 -13.43 -36.41 -5.22
CA TYR A 189 -14.25 -37.26 -4.36
C TYR A 189 -15.72 -36.90 -4.47
N ASP A 190 -16.18 -36.63 -5.70
CA ASP A 190 -17.57 -36.25 -5.90
C ASP A 190 -18.56 -37.34 -5.48
N PHE A 191 -18.12 -38.59 -5.43
CA PHE A 191 -19.01 -39.72 -5.16
C PHE A 191 -18.77 -40.35 -3.79
N PHE A 192 -18.14 -39.64 -2.88
CA PHE A 192 -17.78 -40.16 -1.57
C PHE A 192 -18.59 -39.44 -0.50
N SER A 193 -19.49 -40.17 0.14
CA SER A 193 -20.28 -39.67 1.26
C SER A 193 -19.75 -40.26 2.56
N ARG A 194 -20.04 -39.55 3.66
CA ARG A 194 -19.46 -39.87 4.96
C ARG A 194 -20.52 -39.72 6.03
N VAL A 195 -20.62 -40.71 6.93
CA VAL A 195 -21.63 -40.67 7.98
C VAL A 195 -20.95 -40.50 9.34
N VAL A 196 -19.77 -39.89 9.33
CA VAL A 196 -18.99 -39.67 10.55
C VAL A 196 -18.32 -38.30 10.45
N PRO A 197 -18.20 -37.60 11.58
CA PRO A 197 -17.63 -36.26 11.53
C PRO A 197 -16.22 -36.28 10.99
N PRO A 198 -15.84 -35.29 10.18
CA PRO A 198 -14.44 -35.11 9.83
C PRO A 198 -13.63 -34.68 11.04
N ASP A 199 -12.35 -35.04 11.04
CA ASP A 199 -11.46 -34.58 12.09
C ASP A 199 -11.22 -33.08 12.03
N SER A 200 -11.53 -32.44 10.89
CA SER A 200 -11.44 -30.99 10.81
C SER A 200 -12.52 -30.33 11.66
N TYR A 201 -13.66 -30.99 11.85
CA TYR A 201 -14.68 -30.47 12.74
C TYR A 201 -14.24 -30.49 14.18
N GLN A 202 -13.21 -31.28 14.51
CA GLN A 202 -12.67 -31.26 15.86
C GLN A 202 -11.89 -29.97 16.11
N ALA A 203 -11.20 -29.46 15.08
CA ALA A 203 -10.47 -28.21 15.20
C ALA A 203 -11.38 -27.01 15.40
N GLN A 204 -12.68 -27.16 15.13
CA GLN A 204 -13.64 -26.11 15.45
C GLN A 204 -14.04 -26.13 16.92
N ALA A 205 -13.75 -27.20 17.64
CA ALA A 205 -14.07 -27.25 19.06
C ALA A 205 -12.99 -26.56 19.90
N MET A 206 -11.72 -26.79 19.57
CA MET A 206 -10.65 -26.12 20.29
C MET A 206 -10.72 -24.61 20.10
N VAL A 207 -11.02 -24.16 18.88
CA VAL A 207 -11.14 -22.72 18.63
C VAL A 207 -12.28 -22.13 19.46
N ASP A 208 -13.43 -22.82 19.48
CA ASP A 208 -14.57 -22.32 20.23
C ASP A 208 -14.28 -22.26 21.73
N ILE A 209 -13.65 -23.29 22.28
CA ILE A 209 -13.37 -23.28 23.72
C ILE A 209 -12.30 -22.24 24.05
N VAL A 210 -11.29 -22.08 23.19
CA VAL A 210 -10.27 -21.07 23.44
C VAL A 210 -10.89 -19.68 23.42
N THR A 211 -11.83 -19.44 22.51
CA THR A 211 -12.55 -18.17 22.50
C THR A 211 -13.41 -18.01 23.74
N ALA A 212 -14.05 -19.09 24.18
CA ALA A 212 -14.96 -19.02 25.33
C ALA A 212 -14.21 -18.70 26.61
N LEU A 213 -13.04 -19.30 26.81
CA LEU A 213 -12.27 -19.04 28.02
C LEU A 213 -11.51 -17.73 27.98
N GLY A 214 -11.53 -17.03 26.85
CA GLY A 214 -10.88 -15.74 26.74
C GLY A 214 -9.45 -15.80 26.26
N TRP A 215 -8.88 -16.99 26.09
CA TRP A 215 -7.51 -17.10 25.62
C TRP A 215 -7.41 -16.58 24.19
N ASN A 216 -6.40 -15.75 23.94
CA ASN A 216 -6.14 -15.26 22.60
C ASN A 216 -4.71 -15.49 22.13
N TYR A 217 -3.86 -16.13 22.95
CA TYR A 217 -2.45 -16.28 22.65
C TYR A 217 -2.04 -17.67 23.13
N VAL A 218 -1.94 -18.63 22.21
CA VAL A 218 -1.74 -20.03 22.53
C VAL A 218 -0.51 -20.54 21.77
N SER A 219 -0.12 -21.78 22.09
CA SER A 219 1.03 -22.43 21.47
C SER A 219 0.63 -23.82 21.00
N THR A 220 0.72 -24.06 19.70
CA THR A 220 0.31 -25.34 19.13
C THR A 220 1.45 -26.34 19.13
N LEU A 221 1.10 -27.61 19.31
CA LEU A 221 2.03 -28.72 19.29
C LEU A 221 1.46 -29.84 18.44
N ALA A 222 2.32 -30.56 17.73
CA ALA A 222 1.86 -31.58 16.80
C ALA A 222 2.90 -32.69 16.68
N SER A 223 2.51 -33.76 15.99
CA SER A 223 3.40 -34.86 15.65
C SER A 223 3.50 -34.98 14.13
N GLU A 224 4.61 -35.54 13.67
CA GLU A 224 4.86 -35.64 12.23
C GLU A 224 4.05 -36.80 11.68
N GLY A 225 2.83 -36.49 11.24
CA GLY A 225 2.00 -37.46 10.56
C GLY A 225 0.99 -36.73 9.71
N ASN A 226 0.12 -37.50 9.07
CA ASN A 226 -0.99 -36.92 8.34
C ASN A 226 -2.13 -36.50 9.26
N TYR A 227 -2.10 -36.95 10.52
CA TYR A 227 -3.08 -36.53 11.51
C TYR A 227 -2.72 -35.16 12.10
N GLY A 228 -1.53 -35.06 12.71
CA GLY A 228 -1.16 -33.82 13.38
C GLY A 228 -1.08 -32.64 12.44
N GLU A 229 -0.46 -32.81 11.27
CA GLU A 229 -0.29 -31.71 10.33
C GLU A 229 -1.64 -31.15 9.89
N SER A 230 -2.56 -32.03 9.48
CA SER A 230 -3.87 -31.57 9.01
C SER A 230 -4.67 -30.93 10.13
N GLY A 231 -4.63 -31.50 11.33
CA GLY A 231 -5.35 -30.92 12.44
C GLY A 231 -4.84 -29.54 12.80
N VAL A 232 -3.52 -29.37 12.85
CA VAL A 232 -2.95 -28.06 13.17
C VAL A 232 -3.26 -27.06 12.05
N GLU A 233 -3.20 -27.50 10.79
CA GLU A 233 -3.55 -26.60 9.69
C GLU A 233 -5.00 -26.14 9.78
N ALA A 234 -5.92 -27.05 10.09
CA ALA A 234 -7.31 -26.66 10.24
C ALA A 234 -7.50 -25.72 11.43
N PHE A 235 -6.78 -25.97 12.53
CA PHE A 235 -6.84 -25.07 13.67
C PHE A 235 -6.37 -23.68 13.30
N THR A 236 -5.27 -23.59 12.53
CA THR A 236 -4.78 -22.28 12.09
C THR A 236 -5.79 -21.60 11.19
N GLN A 237 -6.38 -22.33 10.24
CA GLN A 237 -7.29 -21.72 9.28
C GLN A 237 -8.56 -21.21 9.97
N ILE A 238 -9.10 -21.98 10.92
CA ILE A 238 -10.26 -21.49 11.66
C ILE A 238 -9.87 -20.36 12.61
N SER A 239 -8.64 -20.39 13.12
CA SER A 239 -8.12 -19.27 13.91
C SER A 239 -8.09 -17.99 13.10
N ARG A 240 -7.88 -18.09 11.80
CA ARG A 240 -7.97 -16.95 10.89
C ARG A 240 -9.44 -16.70 10.59
N GLU A 241 -9.73 -15.83 9.63
CA GLU A 241 -11.10 -15.48 9.27
C GLU A 241 -11.79 -14.90 10.50
N ILE A 242 -12.53 -15.71 11.25
CA ILE A 242 -12.99 -15.27 12.57
C ILE A 242 -11.75 -15.09 13.46
N GLY A 243 -11.53 -13.87 13.92
CA GLY A 243 -10.36 -13.53 14.69
C GLY A 243 -10.58 -13.71 16.19
N GLY A 244 -9.70 -13.08 16.95
CA GLY A 244 -9.77 -13.13 18.39
C GLY A 244 -8.77 -14.06 19.05
N VAL A 245 -8.10 -14.90 18.29
CA VAL A 245 -7.13 -15.85 18.82
C VAL A 245 -5.86 -15.78 17.97
N CYS A 246 -4.72 -15.95 18.62
CA CYS A 246 -3.41 -15.92 17.98
C CYS A 246 -2.60 -17.13 18.42
N ILE A 247 -1.67 -17.54 17.58
CA ILE A 247 -0.83 -18.72 17.83
C ILE A 247 0.60 -18.25 18.04
N ALA A 248 1.11 -18.45 19.25
CA ALA A 248 2.47 -18.00 19.56
C ALA A 248 3.51 -18.87 18.87
N GLN A 249 3.37 -20.19 18.96
CA GLN A 249 4.37 -21.11 18.45
C GLN A 249 3.69 -22.29 17.77
N SER A 250 4.45 -22.95 16.89
CA SER A 250 4.00 -24.17 16.21
C SER A 250 5.19 -25.10 16.11
N GLN A 251 5.27 -26.06 17.02
CA GLN A 251 6.39 -26.99 17.09
C GLN A 251 5.93 -28.38 16.68
N LYS A 252 6.64 -28.99 15.74
CA LYS A 252 6.30 -30.30 15.19
C LYS A 252 7.46 -31.25 15.43
N ILE A 253 7.16 -32.41 16.02
CA ILE A 253 8.16 -33.41 16.39
C ILE A 253 8.54 -34.24 15.18
N PRO A 254 9.65 -34.96 15.19
CA PRO A 254 9.92 -35.93 14.12
C PRO A 254 9.38 -37.30 14.48
N ARG A 255 9.40 -38.20 13.49
CA ARG A 255 8.92 -39.56 13.70
C ARG A 255 9.77 -40.29 14.74
N GLU A 256 11.08 -40.06 14.72
CA GLU A 256 11.99 -40.63 15.72
C GLU A 256 12.82 -39.49 16.29
N PRO A 257 12.74 -39.21 17.58
CA PRO A 257 13.47 -38.08 18.14
C PRO A 257 14.88 -38.45 18.61
N ARG A 258 15.85 -37.60 18.29
CA ARG A 258 17.20 -37.78 18.78
C ARG A 258 17.25 -37.46 20.28
N PRO A 259 18.26 -37.97 20.99
CA PRO A 259 18.36 -37.69 22.42
C PRO A 259 18.38 -36.18 22.70
N GLY A 260 17.60 -35.76 23.69
CA GLY A 260 17.51 -34.37 24.05
C GLY A 260 16.47 -33.58 23.30
N GLU A 261 15.82 -34.18 22.30
CA GLU A 261 14.83 -33.46 21.49
C GLU A 261 13.72 -32.88 22.35
N PHE A 262 13.17 -33.70 23.24
CA PHE A 262 12.06 -33.25 24.08
C PHE A 262 12.48 -32.08 24.98
N GLU A 263 13.71 -32.11 25.48
CA GLU A 263 14.20 -30.99 26.29
C GLU A 263 14.20 -29.70 25.50
N LYS A 264 14.68 -29.75 24.25
CA LYS A 264 14.69 -28.56 23.41
C LYS A 264 13.27 -28.10 23.10
N ILE A 265 12.36 -29.04 22.82
CA ILE A 265 10.97 -28.69 22.55
C ILE A 265 10.35 -27.99 23.76
N ILE A 266 10.60 -28.54 24.94
CA ILE A 266 10.04 -27.97 26.17
C ILE A 266 10.60 -26.59 26.42
N LYS A 267 11.91 -26.41 26.22
CA LYS A 267 12.51 -25.12 26.52
C LYS A 267 12.14 -24.06 25.49
N ARG A 268 11.88 -24.44 24.24
CA ARG A 268 11.39 -23.47 23.28
C ARG A 268 9.90 -23.16 23.48
N LEU A 269 9.13 -24.10 24.03
CA LEU A 269 7.79 -23.75 24.48
C LEU A 269 7.84 -22.87 25.72
N LEU A 270 8.91 -23.00 26.51
CA LEU A 270 9.13 -22.21 27.71
C LEU A 270 9.84 -20.90 27.44
N GLU A 271 10.26 -20.66 26.18
CA GLU A 271 10.95 -19.42 25.86
C GLU A 271 10.08 -18.20 26.09
N THR A 272 8.80 -18.27 25.73
CA THR A 272 7.89 -17.17 25.93
C THR A 272 6.99 -17.47 27.11
N PRO A 273 7.20 -16.86 28.28
CA PRO A 273 6.37 -17.13 29.46
C PRO A 273 5.08 -16.30 29.48
N ASN A 274 4.38 -16.28 28.35
CA ASN A 274 3.07 -15.63 28.26
C ASN A 274 2.02 -16.49 27.60
N ALA A 275 2.40 -17.49 26.79
CA ALA A 275 1.47 -18.41 26.17
C ALA A 275 1.50 -19.72 26.96
N ARG A 276 0.44 -19.98 27.71
CA ARG A 276 0.37 -21.14 28.60
C ARG A 276 -0.80 -22.04 28.23
N ALA A 277 -1.12 -22.11 26.93
CA ALA A 277 -2.12 -23.03 26.41
C ALA A 277 -1.47 -23.83 25.29
N VAL A 278 -1.50 -25.15 25.41
CA VAL A 278 -0.85 -26.06 24.47
C VAL A 278 -1.95 -26.89 23.83
N ILE A 279 -2.23 -26.61 22.56
CA ILE A 279 -3.26 -27.34 21.80
C ILE A 279 -2.52 -28.48 21.10
N MET A 280 -2.45 -29.62 21.77
CA MET A 280 -1.75 -30.77 21.21
C MET A 280 -2.63 -31.54 20.24
N PHE A 281 -2.08 -31.84 19.08
CA PHE A 281 -2.68 -32.75 18.10
C PHE A 281 -1.57 -33.74 17.76
N ALA A 282 -1.44 -34.79 18.56
CA ALA A 282 -0.31 -35.70 18.43
C ALA A 282 -0.57 -36.97 19.22
N ASN A 283 0.02 -38.07 18.76
CA ASN A 283 -0.23 -39.39 19.33
C ASN A 283 0.48 -39.55 20.68
N GLU A 284 0.39 -40.75 21.24
CA GLU A 284 0.66 -40.96 22.67
C GLU A 284 2.09 -40.64 23.06
N ASP A 285 3.04 -40.80 22.14
CA ASP A 285 4.44 -40.62 22.49
C ASP A 285 4.72 -39.21 22.99
N ASP A 286 4.16 -38.20 22.30
CA ASP A 286 4.31 -36.82 22.76
C ASP A 286 3.72 -36.63 24.15
N ILE A 287 2.51 -37.14 24.37
CA ILE A 287 1.86 -37.00 25.68
C ILE A 287 2.78 -37.53 26.76
N ARG A 288 3.10 -38.83 26.67
CA ARG A 288 3.90 -39.47 27.71
C ARG A 288 5.23 -38.76 27.90
N ARG A 289 5.99 -38.56 26.81
CA ARG A 289 7.37 -38.12 26.96
C ARG A 289 7.49 -36.65 27.32
N ILE A 290 6.58 -35.80 26.83
CA ILE A 290 6.62 -34.39 27.23
C ILE A 290 6.14 -34.24 28.67
N LEU A 291 5.16 -35.04 29.10
CA LEU A 291 4.69 -34.91 30.48
C LEU A 291 5.65 -35.54 31.48
N GLU A 292 6.49 -36.48 31.05
CA GLU A 292 7.47 -37.07 31.97
C GLU A 292 8.82 -36.36 31.93
N ALA A 293 9.24 -35.83 30.79
CA ALA A 293 10.52 -35.15 30.68
C ALA A 293 10.48 -33.73 31.19
N ALA A 294 9.30 -33.24 31.58
CA ALA A 294 9.15 -31.92 32.17
C ALA A 294 9.25 -31.94 33.69
N LYS A 295 9.39 -33.11 34.29
CA LYS A 295 9.41 -33.21 35.74
C LYS A 295 10.62 -32.46 36.32
N LYS A 296 11.82 -32.85 35.91
CA LYS A 296 13.02 -32.21 36.43
C LYS A 296 13.35 -30.91 35.71
N LEU A 297 12.64 -30.59 34.64
CA LEU A 297 12.86 -29.34 33.92
C LEU A 297 11.94 -28.22 34.39
N ASN A 298 11.00 -28.52 35.30
CA ASN A 298 10.24 -27.54 36.06
C ASN A 298 9.46 -26.58 35.17
N GLN A 299 8.51 -27.15 34.41
CA GLN A 299 7.46 -26.35 33.78
C GLN A 299 6.09 -26.68 34.34
N SER A 300 6.04 -27.30 35.53
CA SER A 300 4.76 -27.63 36.15
C SER A 300 4.01 -26.36 36.52
N GLY A 301 2.70 -26.37 36.30
CA GLY A 301 1.91 -25.18 36.53
C GLY A 301 2.23 -24.05 35.58
N HIS A 302 2.68 -24.38 34.37
CA HIS A 302 3.04 -23.39 33.38
C HIS A 302 2.43 -23.67 32.01
N PHE A 303 1.84 -24.84 31.79
CA PHE A 303 1.19 -25.16 30.54
C PHE A 303 -0.11 -25.89 30.82
N LEU A 304 -1.17 -25.47 30.13
CA LEU A 304 -2.48 -26.12 30.22
C LEU A 304 -2.77 -26.79 28.89
N TRP A 305 -3.23 -28.04 28.95
CA TRP A 305 -3.24 -28.92 27.79
C TRP A 305 -4.67 -29.08 27.26
N ILE A 306 -4.81 -28.95 25.94
CA ILE A 306 -6.06 -29.22 25.24
C ILE A 306 -5.74 -30.17 24.10
N GLY A 307 -6.25 -31.40 24.17
CA GLY A 307 -5.85 -32.44 23.25
C GLY A 307 -7.05 -33.15 22.63
N SER A 308 -6.76 -33.84 21.54
CA SER A 308 -7.75 -34.61 20.80
C SER A 308 -7.77 -36.06 21.32
N ASP A 309 -8.46 -36.93 20.58
CA ASP A 309 -8.58 -38.33 20.98
C ASP A 309 -7.25 -39.04 21.10
N SER A 310 -6.20 -38.53 20.44
CA SER A 310 -4.88 -39.14 20.60
C SER A 310 -4.51 -39.22 22.08
N TRP A 311 -4.91 -38.23 22.86
CA TRP A 311 -4.92 -38.37 24.30
C TRP A 311 -6.20 -39.04 24.77
N GLY A 312 -7.35 -38.46 24.44
CA GLY A 312 -8.63 -39.07 24.76
C GLY A 312 -8.83 -39.24 26.26
N SER A 313 -9.74 -40.16 26.59
CA SER A 313 -10.01 -40.50 27.98
C SER A 313 -9.02 -41.49 28.55
N LYS A 314 -7.93 -41.76 27.85
CA LYS A 314 -7.02 -42.82 28.26
C LYS A 314 -6.29 -42.45 29.54
N ILE A 315 -5.85 -43.48 30.26
CA ILE A 315 -4.97 -43.32 31.41
C ILE A 315 -3.62 -43.96 31.17
N ALA A 316 -3.48 -44.78 30.14
CA ALA A 316 -2.18 -45.36 29.78
C ALA A 316 -1.11 -44.33 29.45
N PRO A 317 -1.37 -43.23 28.68
CA PRO A 317 -0.29 -42.31 28.33
C PRO A 317 0.53 -41.85 29.52
N VAL A 318 -0.12 -41.30 30.54
CA VAL A 318 0.56 -40.94 31.78
C VAL A 318 0.14 -41.94 32.85
N TYR A 319 1.07 -42.80 33.25
CA TYR A 319 0.77 -43.72 34.35
C TYR A 319 0.77 -43.00 35.69
N GLN A 320 1.73 -42.11 35.89
CA GLN A 320 1.82 -41.35 37.13
C GLN A 320 2.10 -39.87 36.89
N GLN A 321 2.28 -39.45 35.65
CA GLN A 321 2.51 -38.03 35.34
C GLN A 321 1.17 -37.30 35.44
N GLU A 322 0.74 -37.09 36.69
CA GLU A 322 -0.52 -36.43 36.96
C GLU A 322 -0.34 -34.97 37.37
N GLU A 323 0.78 -34.63 38.00
CA GLU A 323 1.03 -33.26 38.41
C GLU A 323 1.55 -32.39 37.28
N ILE A 324 1.86 -32.98 36.12
CA ILE A 324 2.20 -32.21 34.93
C ILE A 324 1.03 -32.11 33.98
N ALA A 325 0.00 -32.93 34.18
CA ALA A 325 -1.24 -32.91 33.41
C ALA A 325 -2.44 -32.81 34.34
N GLU A 326 -2.37 -31.91 35.32
CA GLU A 326 -3.44 -31.76 36.30
C GLU A 326 -4.71 -31.19 35.68
N GLY A 327 -4.64 -30.69 34.45
CA GLY A 327 -5.82 -30.17 33.78
C GLY A 327 -5.75 -30.44 32.30
N ALA A 328 -6.88 -30.83 31.71
CA ALA A 328 -6.91 -31.21 30.31
C ALA A 328 -8.29 -30.95 29.74
N VAL A 329 -8.34 -30.68 28.45
CA VAL A 329 -9.57 -30.57 27.70
C VAL A 329 -9.49 -31.58 26.56
N THR A 330 -10.25 -32.67 26.67
CA THR A 330 -10.17 -33.77 25.73
C THR A 330 -11.46 -33.86 24.93
N ILE A 331 -11.33 -34.05 23.62
CA ILE A 331 -12.46 -34.13 22.71
C ILE A 331 -12.60 -35.57 22.24
N LEU A 332 -13.82 -36.11 22.30
CA LEU A 332 -14.05 -37.48 21.85
C LEU A 332 -15.31 -37.56 21.00
N PRO A 333 -15.31 -38.32 19.92
CA PRO A 333 -16.56 -38.58 19.20
C PRO A 333 -17.57 -39.26 20.11
N LYS A 334 -18.84 -38.89 19.93
CA LYS A 334 -19.88 -39.42 20.79
C LYS A 334 -20.04 -40.93 20.58
N ARG A 335 -20.73 -41.56 21.52
CA ARG A 335 -20.82 -43.01 21.56
C ARG A 335 -22.25 -43.44 21.83
N ALA A 336 -22.59 -44.65 21.40
CA ALA A 336 -23.89 -45.25 21.65
C ALA A 336 -23.68 -46.72 22.00
N SER A 337 -24.79 -47.43 22.16
CA SER A 337 -24.74 -48.86 22.49
C SER A 337 -25.90 -49.54 21.80
N ILE A 338 -25.61 -50.27 20.73
CA ILE A 338 -26.64 -50.95 19.96
C ILE A 338 -27.08 -52.20 20.71
N ASP A 339 -28.38 -52.33 20.94
CA ASP A 339 -28.92 -53.46 21.70
C ASP A 339 -29.26 -54.65 20.81
N GLY A 340 -29.88 -54.41 19.65
CA GLY A 340 -30.24 -55.50 18.77
C GLY A 340 -29.03 -56.22 18.20
N PHE A 341 -27.96 -55.47 17.92
CA PHE A 341 -26.77 -56.09 17.36
C PHE A 341 -25.96 -56.85 18.41
N ASP A 342 -25.98 -56.40 19.66
CA ASP A 342 -25.40 -57.22 20.72
C ASP A 342 -26.15 -58.54 20.84
N ARG A 343 -27.48 -58.50 20.72
CA ARG A 343 -28.26 -59.72 20.64
C ARG A 343 -27.84 -60.57 19.44
N TYR A 344 -27.54 -59.92 18.31
CA TYR A 344 -27.05 -60.66 17.16
C TYR A 344 -25.77 -61.41 17.49
N PHE A 345 -24.83 -60.73 18.13
CA PHE A 345 -23.63 -61.40 18.65
C PHE A 345 -23.99 -62.61 19.51
N ARG A 346 -24.90 -62.41 20.46
CA ARG A 346 -25.21 -63.46 21.42
C ARG A 346 -25.92 -64.65 20.79
N SER A 347 -26.59 -64.47 19.65
CA SER A 347 -27.34 -65.54 19.02
C SER A 347 -26.57 -66.27 17.92
N ARG A 348 -25.33 -65.88 17.65
CA ARG A 348 -24.55 -66.51 16.59
C ARG A 348 -23.98 -67.84 17.07
N THR A 349 -24.37 -68.93 16.40
CA THR A 349 -23.82 -70.25 16.66
C THR A 349 -22.80 -70.59 15.57
N LEU A 350 -22.30 -71.82 15.61
CA LEU A 350 -21.39 -72.30 14.57
C LEU A 350 -22.12 -72.93 13.41
N ALA A 351 -23.26 -73.59 13.67
CA ALA A 351 -24.05 -74.19 12.61
C ALA A 351 -24.88 -73.17 11.84
N ASN A 352 -24.95 -71.93 12.30
CA ASN A 352 -25.70 -70.89 11.62
C ASN A 352 -24.83 -70.05 10.68
N ASN A 353 -23.70 -69.54 11.20
CA ASN A 353 -22.89 -68.58 10.47
C ASN A 353 -22.01 -69.27 9.42
N ARG A 354 -22.66 -70.02 8.55
CA ARG A 354 -22.00 -70.46 7.33
C ARG A 354 -21.94 -69.33 6.30
N ARG A 355 -22.63 -68.23 6.56
CA ARG A 355 -22.61 -67.06 5.69
C ARG A 355 -21.27 -66.34 5.73
N ASN A 356 -20.47 -66.54 6.78
CA ASN A 356 -19.17 -65.91 6.92
C ASN A 356 -18.10 -66.91 6.49
N VAL A 357 -17.28 -66.53 5.51
CA VAL A 357 -16.17 -67.39 5.09
C VAL A 357 -15.14 -67.50 6.20
N TRP A 358 -14.73 -66.35 6.76
CA TRP A 358 -13.78 -66.34 7.88
C TRP A 358 -14.57 -66.16 9.17
N PHE A 359 -15.10 -67.27 9.66
CA PHE A 359 -15.74 -67.31 10.97
C PHE A 359 -15.20 -68.41 11.87
N ALA A 360 -14.59 -69.46 11.32
CA ALA A 360 -13.87 -70.42 12.15
C ALA A 360 -12.64 -69.79 12.77
N GLU A 361 -12.01 -68.84 12.08
CA GLU A 361 -10.90 -68.10 12.65
C GLU A 361 -11.35 -67.34 13.89
N PHE A 362 -12.57 -66.80 13.87
CA PHE A 362 -13.11 -66.13 15.04
C PHE A 362 -13.28 -67.09 16.20
N TRP A 363 -13.78 -68.30 15.91
CA TRP A 363 -13.93 -69.30 16.95
C TRP A 363 -12.58 -69.68 17.54
N GLU A 364 -11.55 -69.78 16.69
CA GLU A 364 -10.24 -70.19 17.17
C GLU A 364 -9.55 -69.09 17.97
N GLU A 365 -9.65 -67.84 17.53
CA GLU A 365 -8.91 -66.77 18.18
C GLU A 365 -9.67 -66.09 19.32
N ASN A 366 -10.98 -66.28 19.40
CA ASN A 366 -11.75 -65.73 20.51
C ASN A 366 -11.78 -66.66 21.71
N PHE A 367 -11.34 -67.91 21.57
CA PHE A 367 -11.31 -68.87 22.67
C PHE A 367 -9.99 -69.62 22.81
N GLY A 368 -9.17 -69.70 21.78
CA GLY A 368 -7.89 -70.37 21.88
C GLY A 368 -7.88 -71.83 21.48
N CYS A 369 -8.89 -72.30 20.76
CA CYS A 369 -9.01 -73.70 20.38
C CYS A 369 -8.80 -73.86 18.88
N LYS A 370 -7.92 -74.76 18.49
CA LYS A 370 -7.63 -75.05 17.09
C LYS A 370 -8.44 -76.30 16.71
N LEU A 371 -9.64 -76.06 16.16
CA LEU A 371 -10.50 -77.18 15.79
C LEU A 371 -9.88 -78.02 14.68
N GLY A 372 -9.31 -77.38 13.68
CA GLY A 372 -8.69 -78.10 12.58
C GLY A 372 -7.40 -78.79 12.97
N SER A 379 -2.19 -75.73 22.50
CA SER A 379 -3.57 -75.71 22.02
C SER A 379 -4.47 -76.55 22.90
N HIS A 380 -5.68 -76.04 23.17
CA HIS A 380 -6.62 -76.79 23.98
C HIS A 380 -7.18 -78.00 23.26
N ILE A 381 -7.05 -78.05 21.93
CA ILE A 381 -7.56 -79.11 21.05
C ILE A 381 -8.95 -79.56 21.49
N LYS A 382 -9.71 -78.65 22.08
CA LYS A 382 -11.05 -78.97 22.55
C LYS A 382 -12.00 -79.13 21.37
N LYS A 383 -12.95 -80.05 21.51
CA LYS A 383 -13.99 -80.21 20.49
C LYS A 383 -14.86 -78.97 20.40
N CYS A 384 -14.83 -78.11 21.42
CA CYS A 384 -15.43 -76.78 21.42
C CYS A 384 -16.95 -76.86 21.51
N THR A 385 -17.50 -78.08 21.46
CA THR A 385 -18.92 -78.35 21.64
C THR A 385 -19.81 -77.23 21.15
N GLY A 386 -20.66 -76.70 22.02
CA GLY A 386 -21.40 -75.49 21.76
C GLY A 386 -21.35 -74.58 22.97
N LEU A 387 -20.85 -73.36 22.79
CA LEU A 387 -20.64 -72.45 23.92
C LEU A 387 -20.95 -71.03 23.49
N GLU A 388 -21.90 -70.40 24.19
CA GLU A 388 -22.22 -69.00 23.93
C GLU A 388 -21.04 -68.11 24.27
N ARG A 389 -20.90 -67.02 23.53
CA ARG A 389 -19.74 -66.13 23.65
C ARG A 389 -19.96 -65.01 24.67
N ILE A 390 -20.36 -65.34 25.90
CA ILE A 390 -20.33 -64.34 26.96
C ILE A 390 -19.52 -64.84 28.16
N ALA A 391 -19.86 -66.02 28.67
CA ALA A 391 -19.25 -66.52 29.90
C ALA A 391 -17.95 -67.25 29.60
N ARG A 392 -18.00 -68.27 28.75
CA ARG A 392 -16.81 -69.02 28.38
C ARG A 392 -15.86 -68.20 27.53
N ASP A 393 -16.29 -67.04 27.04
CA ASP A 393 -15.46 -66.12 26.29
C ASP A 393 -14.79 -65.13 27.25
N SER A 394 -13.68 -64.57 26.78
CA SER A 394 -12.98 -63.55 27.55
C SER A 394 -13.83 -62.28 27.62
N SER A 395 -13.30 -61.28 28.34
CA SER A 395 -14.02 -60.02 28.55
C SER A 395 -14.55 -59.48 27.23
N TYR A 396 -15.86 -59.27 27.19
CA TYR A 396 -16.57 -58.96 25.96
C TYR A 396 -16.97 -57.50 25.93
N GLU A 397 -16.77 -56.86 24.78
CA GLU A 397 -17.21 -55.50 24.54
C GLU A 397 -17.21 -55.26 23.04
N GLN A 398 -18.07 -54.36 22.58
CA GLN A 398 -18.22 -54.06 21.17
C GLN A 398 -17.51 -52.77 20.81
N GLU A 399 -17.56 -52.41 19.54
CA GLU A 399 -16.97 -51.17 19.07
C GLU A 399 -17.98 -50.03 19.14
N GLY A 400 -17.50 -48.82 18.88
CA GLY A 400 -18.35 -47.65 18.90
C GLY A 400 -18.83 -47.25 17.52
N LYS A 401 -18.25 -47.85 16.49
CA LYS A 401 -18.53 -47.48 15.11
C LYS A 401 -19.54 -48.40 14.43
N VAL A 402 -20.18 -49.29 15.18
CA VAL A 402 -21.22 -50.14 14.59
C VAL A 402 -22.43 -49.30 14.17
N GLN A 403 -22.73 -48.26 14.94
CA GLN A 403 -23.86 -47.40 14.60
C GLN A 403 -23.67 -46.77 13.22
N PHE A 404 -22.43 -46.40 12.89
CA PHE A 404 -22.20 -45.72 11.62
C PHE A 404 -22.31 -46.68 10.43
N VAL A 405 -21.85 -47.92 10.60
CA VAL A 405 -21.99 -48.88 9.51
C VAL A 405 -23.44 -49.31 9.34
N ILE A 406 -24.25 -49.24 10.41
CA ILE A 406 -25.69 -49.43 10.23
C ILE A 406 -26.30 -48.24 9.51
N ASP A 407 -25.91 -47.03 9.90
CA ASP A 407 -26.45 -45.81 9.31
C ASP A 407 -26.18 -45.74 7.82
N ALA A 408 -25.01 -46.21 7.38
CA ALA A 408 -24.66 -46.15 5.96
C ALA A 408 -25.62 -46.98 5.10
N VAL A 409 -25.85 -48.22 5.50
CA VAL A 409 -26.75 -49.08 4.72
C VAL A 409 -28.18 -48.55 4.79
N TYR A 410 -28.59 -48.02 5.95
CA TYR A 410 -29.92 -47.44 6.02
C TYR A 410 -30.05 -46.25 5.07
N SER A 411 -29.02 -45.41 5.00
CA SER A 411 -29.06 -44.26 4.09
C SER A 411 -29.14 -44.71 2.64
N MET A 412 -28.39 -45.75 2.27
CA MET A 412 -28.45 -46.21 0.88
C MET A 412 -29.83 -46.78 0.54
N ALA A 413 -30.42 -47.57 1.45
CA ALA A 413 -31.76 -48.10 1.21
C ALA A 413 -32.78 -46.97 1.09
N TYR A 414 -32.66 -45.95 1.95
CA TYR A 414 -33.57 -44.81 1.87
C TYR A 414 -33.40 -44.05 0.57
N ALA A 415 -32.16 -43.95 0.08
CA ALA A 415 -31.94 -43.30 -1.22
C ALA A 415 -32.65 -44.05 -2.33
N LEU A 416 -32.55 -45.38 -2.33
CA LEU A 416 -33.25 -46.17 -3.35
C LEU A 416 -34.77 -46.00 -3.23
N HIS A 417 -35.28 -45.99 -2.01
CA HIS A 417 -36.73 -45.81 -1.82
C HIS A 417 -37.20 -44.45 -2.34
N ASN A 418 -36.44 -43.40 -2.04
CA ASN A 418 -36.80 -42.07 -2.52
C ASN A 418 -36.73 -41.98 -4.03
N MET A 419 -35.75 -42.65 -4.64
CA MET A 419 -35.68 -42.69 -6.10
C MET A 419 -36.88 -43.43 -6.69
N HIS A 420 -37.31 -44.51 -6.02
CA HIS A 420 -38.50 -45.24 -6.47
C HIS A 420 -39.73 -44.37 -6.42
N LYS A 421 -39.87 -43.56 -5.36
CA LYS A 421 -41.02 -42.66 -5.25
C LYS A 421 -41.24 -41.82 -6.50
N ASP A 422 -40.17 -41.45 -7.21
CA ASP A 422 -40.30 -40.56 -8.36
C ASP A 422 -40.21 -41.30 -9.70
N LEU A 423 -39.22 -42.18 -9.86
CA LEU A 423 -38.96 -42.76 -11.17
C LEU A 423 -40.07 -43.72 -11.60
N CYS A 424 -40.48 -44.62 -10.69
CA CYS A 424 -41.51 -45.61 -10.97
C CYS A 424 -42.73 -45.34 -10.09
N PRO A 425 -43.75 -44.64 -10.60
CA PRO A 425 -44.89 -44.29 -9.75
C PRO A 425 -45.96 -45.38 -9.70
N GLY A 426 -46.37 -45.76 -8.50
CA GLY A 426 -47.54 -46.59 -8.32
C GLY A 426 -47.31 -48.08 -8.55
N TYR A 427 -46.38 -48.41 -9.43
CA TYR A 427 -46.14 -49.80 -9.80
C TYR A 427 -45.26 -50.45 -8.73
N ILE A 428 -45.82 -51.41 -8.00
CA ILE A 428 -45.06 -52.09 -6.96
C ILE A 428 -44.02 -53.00 -7.61
N GLY A 429 -42.92 -53.21 -6.91
CA GLY A 429 -41.81 -53.97 -7.44
C GLY A 429 -40.80 -53.07 -8.15
N LEU A 430 -40.66 -53.25 -9.46
CA LEU A 430 -39.74 -52.46 -10.26
C LEU A 430 -40.44 -51.98 -11.53
N CYS A 431 -39.79 -51.03 -12.20
CA CYS A 431 -40.18 -50.54 -13.51
C CYS A 431 -39.00 -50.64 -14.46
N PRO A 432 -39.26 -50.86 -15.75
CA PRO A 432 -38.15 -50.87 -16.72
C PRO A 432 -37.34 -49.58 -16.70
N ARG A 433 -38.01 -48.44 -16.51
CA ARG A 433 -37.31 -47.17 -16.37
C ARG A 433 -36.40 -47.19 -15.13
N MET A 434 -36.86 -47.85 -14.06
CA MET A 434 -36.13 -47.92 -12.80
C MET A 434 -35.16 -49.09 -12.76
N SER A 435 -35.13 -49.92 -13.82
CA SER A 435 -34.29 -51.12 -13.79
C SER A 435 -32.81 -50.77 -13.68
N THR A 436 -32.36 -49.75 -14.38
CA THR A 436 -30.99 -49.28 -14.22
C THR A 436 -30.92 -48.24 -13.11
N ILE A 437 -30.04 -48.47 -12.14
CA ILE A 437 -29.88 -47.54 -11.01
C ILE A 437 -28.77 -46.57 -11.42
N ASP A 438 -29.19 -45.48 -12.06
CA ASP A 438 -28.26 -44.46 -12.50
C ASP A 438 -27.45 -43.91 -11.33
N GLY A 439 -26.14 -43.74 -11.55
CA GLY A 439 -25.28 -43.27 -10.49
C GLY A 439 -25.56 -41.83 -10.07
N LYS A 440 -25.81 -40.95 -11.05
CA LYS A 440 -25.98 -39.55 -10.75
C LYS A 440 -27.27 -39.29 -9.96
N GLU A 441 -28.36 -39.92 -10.37
CA GLU A 441 -29.62 -39.76 -9.64
C GLU A 441 -29.49 -40.30 -8.21
N LEU A 442 -28.85 -41.46 -8.06
CA LEU A 442 -28.66 -42.02 -6.73
C LEU A 442 -27.80 -41.12 -5.87
N LEU A 443 -26.74 -40.55 -6.43
CA LEU A 443 -25.90 -39.62 -5.67
C LEU A 443 -26.70 -38.39 -5.26
N GLY A 444 -27.55 -37.89 -6.14
CA GLY A 444 -28.39 -36.76 -5.79
C GLY A 444 -29.36 -37.09 -4.66
N TYR A 445 -29.91 -38.30 -4.69
CA TYR A 445 -30.88 -38.68 -3.67
C TYR A 445 -30.21 -39.04 -2.33
N ILE A 446 -28.96 -39.48 -2.37
CA ILE A 446 -28.26 -39.80 -1.12
C ILE A 446 -28.10 -38.54 -0.28
N ARG A 447 -27.68 -37.44 -0.90
CA ARG A 447 -27.57 -36.19 -0.16
C ARG A 447 -28.90 -35.45 -0.19
N ALA A 448 -29.99 -36.17 0.15
CA ALA A 448 -31.28 -35.53 0.34
C ALA A 448 -32.04 -36.13 1.51
N VAL A 449 -31.35 -36.86 2.40
CA VAL A 449 -32.02 -37.67 3.42
C VAL A 449 -31.91 -36.97 4.76
N ASN A 450 -33.04 -36.83 5.43
CA ASN A 450 -33.10 -36.32 6.80
C ASN A 450 -33.95 -37.34 7.57
N PHE A 451 -33.30 -38.37 8.10
CA PHE A 451 -33.94 -39.40 8.88
C PHE A 451 -33.13 -39.66 10.13
N ASN A 452 -33.64 -40.54 10.98
CA ASN A 452 -32.95 -40.91 12.20
C ASN A 452 -33.19 -42.37 12.52
N GLY A 453 -32.15 -43.06 12.97
CA GLY A 453 -32.28 -44.47 13.29
C GLY A 453 -31.05 -45.00 13.98
N SER A 454 -31.27 -46.07 14.76
CA SER A 454 -30.24 -46.89 15.40
C SER A 454 -29.58 -46.16 16.56
N ALA A 455 -29.87 -44.88 16.74
CA ALA A 455 -29.52 -44.15 17.95
C ALA A 455 -30.64 -43.29 18.50
N GLY A 456 -31.63 -42.92 17.69
CA GLY A 456 -32.54 -41.85 18.02
C GLY A 456 -32.06 -40.48 17.59
N THR A 457 -30.85 -40.38 17.01
CA THR A 457 -30.17 -39.18 16.54
C THR A 457 -30.23 -39.11 15.02
N PRO A 458 -30.31 -37.90 14.47
CA PRO A 458 -30.47 -37.76 13.01
C PRO A 458 -29.16 -37.99 12.26
N VAL A 459 -29.32 -38.50 11.04
CA VAL A 459 -28.23 -38.69 10.09
C VAL A 459 -28.55 -37.88 8.85
N THR A 460 -27.65 -36.99 8.46
CA THR A 460 -27.87 -36.14 7.30
C THR A 460 -26.53 -35.74 6.71
N PHE A 461 -26.56 -35.30 5.45
CA PHE A 461 -25.35 -34.91 4.74
C PHE A 461 -25.50 -33.49 4.22
N ASN A 462 -24.41 -32.73 4.27
CA ASN A 462 -24.38 -31.43 3.64
C ASN A 462 -24.13 -31.60 2.14
N GLU A 463 -23.98 -30.48 1.44
CA GLU A 463 -23.72 -30.55 0.00
C GLU A 463 -22.40 -31.25 -0.29
N ASN A 464 -21.42 -31.13 0.60
CA ASN A 464 -20.14 -31.79 0.40
C ASN A 464 -20.25 -33.30 0.56
N GLY A 465 -21.23 -33.77 1.34
CA GLY A 465 -21.39 -35.18 1.62
C GLY A 465 -20.91 -35.61 2.98
N ASP A 466 -20.31 -34.70 3.75
CA ASP A 466 -19.84 -35.02 5.09
C ASP A 466 -21.01 -35.09 6.06
N ALA A 467 -20.72 -35.43 7.31
CA ALA A 467 -21.74 -35.51 8.34
C ALA A 467 -21.47 -34.48 9.42
N PRO A 468 -22.52 -33.94 10.04
CA PRO A 468 -22.31 -33.01 11.16
C PRO A 468 -21.62 -33.70 12.32
N GLY A 469 -20.79 -32.93 13.03
CA GLY A 469 -19.95 -33.47 14.08
C GLY A 469 -20.59 -33.35 15.45
N ARG A 470 -20.54 -34.46 16.20
CA ARG A 470 -21.08 -34.51 17.55
C ARG A 470 -20.00 -35.09 18.47
N TYR A 471 -19.35 -34.21 19.24
CA TYR A 471 -18.28 -34.59 20.15
C TYR A 471 -18.69 -34.31 21.59
N ASP A 472 -17.97 -34.91 22.53
CA ASP A 472 -18.10 -34.58 23.94
C ASP A 472 -16.74 -34.20 24.50
N ILE A 473 -16.76 -33.42 25.57
CA ILE A 473 -15.56 -32.79 26.13
C ILE A 473 -15.39 -33.28 27.56
N PHE A 474 -14.21 -33.80 27.87
CA PHE A 474 -13.89 -34.32 29.19
C PHE A 474 -12.76 -33.49 29.79
N GLN A 475 -12.70 -33.48 31.12
CA GLN A 475 -11.70 -32.72 31.87
C GLN A 475 -11.07 -33.64 32.90
N TYR A 476 -9.78 -33.44 33.14
CA TYR A 476 -8.99 -34.30 34.02
C TYR A 476 -8.46 -33.47 35.17
N GLN A 477 -8.81 -33.86 36.39
CA GLN A 477 -8.26 -33.25 37.59
C GLN A 477 -7.99 -34.36 38.60
N ILE A 478 -7.46 -33.97 39.76
CA ILE A 478 -7.28 -34.91 40.85
C ILE A 478 -7.75 -34.24 42.14
N THR A 479 -8.12 -35.08 43.09
CA THR A 479 -8.35 -34.69 44.48
C THR A 479 -8.12 -35.95 45.31
N ASN A 480 -8.17 -35.80 46.63
CA ASN A 480 -8.02 -36.96 47.50
C ASN A 480 -9.05 -38.02 47.14
N LYS A 481 -8.56 -39.18 46.68
CA LYS A 481 -9.30 -40.37 46.31
C LYS A 481 -10.01 -40.20 44.95
N SER A 482 -9.98 -39.02 44.33
CA SER A 482 -10.67 -38.79 43.07
C SER A 482 -9.66 -38.58 41.96
N THR A 483 -9.74 -39.40 40.92
CA THR A 483 -8.89 -39.25 39.73
C THR A 483 -9.68 -39.77 38.54
N GLU A 484 -10.29 -38.85 37.79
CA GLU A 484 -11.26 -39.26 36.78
C GLU A 484 -11.34 -38.21 35.69
N TYR A 485 -12.26 -38.43 34.75
CA TYR A 485 -12.48 -37.57 33.58
C TYR A 485 -13.93 -37.09 33.64
N LYS A 486 -14.17 -35.96 34.30
CA LYS A 486 -15.53 -35.46 34.39
C LYS A 486 -15.99 -34.93 33.03
N VAL A 487 -17.30 -34.92 32.83
CA VAL A 487 -17.88 -34.45 31.58
C VAL A 487 -18.22 -32.98 31.78
N ILE A 488 -17.50 -32.10 31.07
CA ILE A 488 -17.74 -30.67 31.16
C ILE A 488 -18.63 -30.14 30.06
N GLY A 489 -19.11 -31.01 29.16
CA GLY A 489 -20.01 -30.59 28.12
C GLY A 489 -19.77 -31.27 26.79
N HIS A 490 -20.17 -30.62 25.70
CA HIS A 490 -20.12 -31.27 24.40
C HIS A 490 -20.09 -30.23 23.30
N TRP A 491 -20.10 -30.72 22.06
CA TRP A 491 -20.00 -29.87 20.87
C TRP A 491 -20.81 -30.55 19.77
N THR A 492 -22.04 -30.07 19.56
CA THR A 492 -22.89 -30.53 18.46
C THR A 492 -23.35 -29.30 17.70
N ASN A 493 -22.52 -28.87 16.74
CA ASN A 493 -22.75 -27.70 15.89
C ASN A 493 -22.68 -26.42 16.70
N GLN A 494 -22.52 -26.53 18.01
CA GLN A 494 -22.32 -25.42 18.92
C GLN A 494 -21.40 -25.88 20.04
N LEU A 495 -21.09 -24.99 20.96
CA LEU A 495 -20.28 -25.31 22.12
C LEU A 495 -21.16 -25.30 23.37
N HIS A 496 -20.96 -26.30 24.24
CA HIS A 496 -21.64 -26.33 25.54
C HIS A 496 -20.60 -26.71 26.58
N LEU A 497 -20.21 -25.75 27.41
CA LEU A 497 -19.19 -25.94 28.42
C LEU A 497 -19.76 -25.66 29.80
N LYS A 498 -19.50 -26.54 30.75
CA LYS A 498 -19.82 -26.28 32.15
C LYS A 498 -18.59 -25.66 32.80
N VAL A 499 -18.52 -24.33 32.72
CA VAL A 499 -17.32 -23.62 33.20
C VAL A 499 -17.15 -23.82 34.69
N GLU A 500 -18.23 -23.69 35.46
CA GLU A 500 -18.15 -23.89 36.90
C GLU A 500 -17.75 -25.32 37.26
N ASP A 501 -17.96 -26.27 36.34
CA ASP A 501 -17.55 -27.64 36.60
C ASP A 501 -16.04 -27.82 36.47
N MET A 502 -15.39 -27.03 35.62
CA MET A 502 -13.95 -27.13 35.46
C MET A 502 -13.23 -26.78 36.75
N GLN A 503 -12.12 -27.46 36.99
CA GLN A 503 -11.31 -27.22 38.18
C GLN A 503 -9.84 -27.17 37.77
N TRP A 504 -9.20 -26.03 38.02
CA TRP A 504 -7.79 -25.82 37.69
C TRP A 504 -6.97 -25.63 38.96
N ALA A 505 -7.27 -26.40 40.00
CA ALA A 505 -6.79 -26.09 41.35
C ALA A 505 -5.32 -26.51 41.52
N HIS A 506 -4.48 -25.97 40.63
CA HIS A 506 -3.04 -26.13 40.73
C HIS A 506 -2.41 -24.85 40.18
N ARG A 507 -2.07 -23.92 41.07
CA ARG A 507 -1.42 -22.63 40.84
C ARG A 507 -2.39 -21.60 40.25
N GLU A 508 -3.65 -21.94 40.00
CA GLU A 508 -4.63 -20.99 39.48
C GLU A 508 -5.95 -21.23 40.20
N HIS A 509 -6.26 -20.38 41.19
CA HIS A 509 -7.52 -20.49 41.90
C HIS A 509 -8.70 -20.21 40.97
N THR A 510 -8.66 -19.10 40.25
CA THR A 510 -9.67 -18.76 39.26
C THR A 510 -9.28 -19.34 37.91
N HIS A 511 -10.01 -18.97 36.87
CA HIS A 511 -9.67 -19.44 35.53
C HIS A 511 -8.32 -18.85 35.10
N PRO A 512 -7.40 -19.67 34.60
CA PRO A 512 -6.08 -19.16 34.22
C PRO A 512 -6.13 -18.20 33.06
N ALA A 513 -4.98 -17.59 32.73
CA ALA A 513 -4.90 -16.57 31.70
C ALA A 513 -3.75 -16.87 30.75
N SER A 514 -3.95 -16.56 29.48
CA SER A 514 -2.88 -16.69 28.50
C SER A 514 -2.81 -15.50 27.54
N VAL A 515 -3.42 -14.37 27.87
CA VAL A 515 -3.43 -13.23 26.96
C VAL A 515 -2.01 -12.72 26.74
N CYS A 516 -1.70 -12.38 25.48
CA CYS A 516 -0.38 -11.85 25.15
C CYS A 516 -0.12 -10.52 25.85
N SER A 517 -1.14 -9.66 25.89
CA SER A 517 -1.04 -8.38 26.57
C SER A 517 -2.31 -8.18 27.40
N LEU A 518 -2.23 -7.25 28.35
CA LEU A 518 -3.27 -7.08 29.33
C LEU A 518 -3.85 -5.67 29.25
N PRO A 519 -5.17 -5.52 29.26
CA PRO A 519 -5.76 -4.18 29.14
C PRO A 519 -5.25 -3.26 30.26
N CYS A 520 -4.83 -2.07 29.86
CA CYS A 520 -4.20 -1.14 30.79
C CYS A 520 -5.21 -0.22 31.44
N LYS A 521 -4.71 0.75 32.20
CA LYS A 521 -5.45 1.85 32.78
C LYS A 521 -5.75 2.89 31.70
N PRO A 522 -6.88 3.60 31.81
CA PRO A 522 -7.13 4.69 30.87
C PRO A 522 -6.13 5.83 31.05
N GLY A 523 -5.90 6.54 29.94
CA GLY A 523 -4.84 7.53 29.86
C GLY A 523 -3.49 7.02 29.39
N GLU A 524 -3.39 5.76 29.00
CA GLU A 524 -2.14 5.17 28.49
C GLU A 524 -2.41 4.55 27.12
N ARG A 525 -2.16 5.32 26.07
CA ARG A 525 -2.38 4.90 24.70
C ARG A 525 -1.78 3.53 24.42
N LYS A 526 -2.62 2.59 24.01
CA LYS A 526 -2.22 1.22 23.73
C LYS A 526 -1.97 1.07 22.23
N LYS A 527 -0.71 1.05 21.84
CA LYS A 527 -0.34 0.86 20.44
C LYS A 527 -0.29 -0.64 20.15
N THR A 528 -1.26 -1.11 19.37
CA THR A 528 -1.26 -2.49 18.91
C THR A 528 -0.05 -2.76 18.03
N VAL A 529 0.75 -3.76 18.41
CA VAL A 529 1.89 -4.13 17.59
C VAL A 529 1.40 -4.67 16.25
N LYS A 530 2.02 -4.19 15.17
CA LYS A 530 1.59 -4.57 13.83
C LYS A 530 1.72 -6.08 13.61
N GLY A 531 0.75 -6.64 12.90
CA GLY A 531 0.77 -8.04 12.52
C GLY A 531 0.20 -8.99 13.54
N VAL A 532 -0.07 -8.54 14.76
CA VAL A 532 -0.62 -9.40 15.82
C VAL A 532 -1.61 -8.58 16.63
N PRO A 533 -2.89 -8.59 16.27
CA PRO A 533 -3.88 -7.84 17.07
C PRO A 533 -3.94 -8.26 18.53
N CYS A 534 -3.65 -9.53 18.83
CA CYS A 534 -3.72 -10.01 20.20
C CYS A 534 -2.70 -9.35 21.12
N CYS A 535 -1.71 -8.65 20.58
CA CYS A 535 -0.66 -8.03 21.38
C CYS A 535 -0.66 -6.52 21.16
N TRP A 536 -0.14 -5.81 22.17
CA TRP A 536 -0.03 -4.36 22.14
C TRP A 536 0.93 -3.93 23.23
N HIS A 537 1.27 -2.64 23.21
CA HIS A 537 2.18 -2.05 24.19
C HIS A 537 1.64 -0.70 24.59
N CYS A 538 1.49 -0.48 25.90
CA CYS A 538 0.89 0.74 26.43
C CYS A 538 1.97 1.79 26.68
N GLU A 539 1.68 3.02 26.27
CA GLU A 539 2.55 4.17 26.52
C GLU A 539 1.76 5.27 27.20
N ARG A 540 2.36 5.87 28.21
CA ARG A 540 1.75 7.01 28.89
C ARG A 540 1.52 8.15 27.91
N CYS A 541 0.36 8.78 28.01
CA CYS A 541 0.04 9.96 27.21
C CYS A 541 -0.08 11.21 28.07
N GLU A 542 0.70 11.29 29.15
CA GLU A 542 0.73 12.49 29.95
C GLU A 542 1.27 13.67 29.15
N GLY A 543 0.87 14.86 29.55
CA GLY A 543 1.21 16.08 28.84
C GLY A 543 -0.04 16.86 28.50
N TYR A 544 0.18 18.02 27.87
CA TYR A 544 -0.92 18.89 27.51
C TYR A 544 -1.96 18.17 26.65
N ASN A 545 -1.53 17.18 25.86
CA ASN A 545 -2.46 16.35 25.12
C ASN A 545 -3.42 15.59 26.05
N TYR A 546 -4.71 15.69 25.74
CA TYR A 546 -5.76 14.96 26.43
C TYR A 546 -5.78 13.50 25.96
N GLN A 547 -6.40 12.64 26.77
CA GLN A 547 -6.53 11.22 26.46
C GLN A 547 -7.96 10.92 26.03
N VAL A 548 -8.13 10.63 24.74
CA VAL A 548 -9.45 10.50 24.15
C VAL A 548 -9.89 9.04 24.12
N ASP A 549 -9.13 8.20 23.43
CA ASP A 549 -9.53 6.82 23.21
C ASP A 549 -8.41 5.86 23.58
N GLU A 550 -8.62 4.57 23.29
CA GLU A 550 -7.59 3.57 23.57
C GLU A 550 -6.31 3.88 22.80
N LEU A 551 -6.45 4.20 21.52
CA LEU A 551 -5.31 4.57 20.69
C LEU A 551 -5.27 6.06 20.37
N SER A 552 -6.29 6.82 20.76
CA SER A 552 -6.38 8.23 20.42
C SER A 552 -6.21 9.08 21.68
N CYS A 553 -5.22 9.96 21.67
CA CYS A 553 -5.04 10.95 22.73
C CYS A 553 -4.36 12.15 22.09
N GLU A 554 -5.15 13.19 21.79
CA GLU A 554 -4.66 14.38 21.13
C GLU A 554 -4.68 15.57 22.10
N LEU A 555 -4.19 16.70 21.60
CA LEU A 555 -4.04 17.88 22.45
C LEU A 555 -5.39 18.51 22.75
N CYS A 556 -5.58 18.91 24.00
CA CYS A 556 -6.72 19.69 24.40
C CYS A 556 -6.34 21.17 24.43
N PRO A 557 -7.32 22.07 24.31
CA PRO A 557 -6.98 23.48 24.04
C PRO A 557 -6.13 24.10 25.12
N LEU A 558 -5.29 25.06 24.71
CA LEU A 558 -4.31 25.66 25.60
C LEU A 558 -4.98 26.24 26.85
N ASP A 559 -6.23 26.63 26.76
CA ASP A 559 -6.97 27.12 27.91
C ASP A 559 -7.42 25.95 28.86
N GLN A 560 -6.97 24.72 28.61
CA GLN A 560 -7.35 23.55 29.41
C GLN A 560 -6.09 22.79 29.85
N ARG A 561 -5.58 23.12 31.04
CA ARG A 561 -4.53 22.33 31.67
C ARG A 561 -4.92 20.86 31.72
N PRO A 562 -4.06 19.94 31.25
CA PRO A 562 -4.41 18.51 31.31
C PRO A 562 -4.57 18.04 32.75
N ASN A 563 -5.59 17.21 32.97
CA ASN A 563 -5.97 16.82 34.32
C ASN A 563 -4.89 16.00 35.01
N MET A 564 -4.80 16.19 36.34
CA MET A 564 -3.90 15.39 37.18
C MET A 564 -4.35 13.93 37.28
N ASN A 565 -5.55 13.62 36.79
CA ASN A 565 -6.05 12.25 36.74
C ASN A 565 -5.45 11.45 35.59
N ARG A 566 -4.38 11.96 34.99
CA ARG A 566 -3.72 11.37 33.83
C ARG A 566 -4.64 11.37 32.61
N THR A 567 -5.80 12.02 32.72
CA THR A 567 -6.80 12.13 31.66
C THR A 567 -7.80 13.22 31.99
N GLY A 568 -8.12 14.06 31.03
CA GLY A 568 -8.99 15.21 31.24
C GLY A 568 -8.20 16.51 31.20
N CYS A 569 -8.94 17.61 31.09
CA CYS A 569 -8.35 18.93 31.03
C CYS A 569 -9.22 19.92 31.77
N GLN A 570 -8.58 20.93 32.38
CA GLN A 570 -9.27 21.89 33.22
C GLN A 570 -8.64 23.26 33.08
N LEU A 571 -9.38 24.28 33.49
CA LEU A 571 -8.94 25.66 33.38
C LEU A 571 -7.64 25.89 34.17
N ILE A 572 -6.78 26.71 33.60
CA ILE A 572 -5.55 27.12 34.29
C ILE A 572 -5.89 28.25 35.25
N PRO A 573 -5.41 28.20 36.50
CA PRO A 573 -5.64 29.34 37.40
C PRO A 573 -4.99 30.61 36.86
N ILE A 574 -5.68 31.72 37.08
CA ILE A 574 -5.24 33.04 36.62
C ILE A 574 -4.75 33.83 37.82
N ILE A 575 -3.52 34.32 37.74
CA ILE A 575 -2.91 35.07 38.83
C ILE A 575 -2.84 36.54 38.42
N LYS A 576 -2.99 37.42 39.39
CA LYS A 576 -3.01 38.85 39.14
C LYS A 576 -2.23 39.55 40.24
N LEU A 577 -1.69 40.72 39.89
CA LEU A 577 -1.05 41.57 40.89
C LEU A 577 -2.01 41.84 42.04
N GLU A 578 -1.70 41.36 43.23
CA GLU A 578 -2.60 41.44 44.36
C GLU A 578 -2.46 42.79 45.07
N TRP A 579 -3.56 43.23 45.68
CA TRP A 579 -3.55 44.50 46.40
C TRP A 579 -2.55 44.48 47.54
N HIS A 580 -2.53 43.39 48.32
CA HIS A 580 -1.55 43.20 49.38
C HIS A 580 -0.44 42.30 48.84
N SER A 581 0.70 42.91 48.52
CA SER A 581 1.84 42.22 47.96
C SER A 581 3.11 42.86 48.50
N PRO A 582 4.22 42.12 48.53
CA PRO A 582 5.45 42.69 49.09
C PRO A 582 6.13 43.66 48.15
N TRP A 583 5.44 44.04 47.07
CA TRP A 583 5.95 45.01 46.11
C TRP A 583 5.06 46.22 45.93
N ALA A 584 3.75 46.11 46.20
CA ALA A 584 2.84 47.24 46.04
C ALA A 584 2.57 48.01 47.32
N VAL A 585 2.89 47.43 48.48
CA VAL A 585 2.63 48.10 49.75
C VAL A 585 3.39 49.42 49.85
N VAL A 586 4.70 49.39 49.59
CA VAL A 586 5.49 50.62 49.70
C VAL A 586 5.07 51.71 48.69
N PRO A 587 4.77 51.41 47.41
CA PRO A 587 4.23 52.48 46.56
C PRO A 587 2.88 53.02 47.03
N VAL A 588 1.91 52.18 47.42
CA VAL A 588 0.64 52.74 47.87
C VAL A 588 0.84 53.55 49.14
N PHE A 589 1.74 53.12 50.02
CA PHE A 589 2.00 53.84 51.25
C PHE A 589 2.59 55.22 50.97
N VAL A 590 3.62 55.28 50.13
CA VAL A 590 4.19 56.59 49.79
C VAL A 590 3.17 57.44 49.05
N ALA A 591 2.31 56.82 48.25
CA ALA A 591 1.26 57.55 47.54
C ALA A 591 0.32 58.24 48.51
N ILE A 592 -0.17 57.51 49.51
CA ILE A 592 -1.11 58.11 50.46
C ILE A 592 -0.39 59.15 51.34
N LEU A 593 0.87 58.88 51.71
CA LEU A 593 1.66 59.89 52.42
C LEU A 593 1.72 61.18 51.62
N GLY A 594 1.95 61.06 50.31
CA GLY A 594 1.95 62.24 49.47
C GLY A 594 0.59 62.93 49.40
N ILE A 595 -0.48 62.16 49.24
CA ILE A 595 -1.79 62.78 49.13
C ILE A 595 -2.23 63.43 50.42
N ILE A 596 -1.55 63.13 51.53
CA ILE A 596 -1.85 63.83 52.78
C ILE A 596 -1.13 65.17 52.82
N ALA A 597 0.19 65.16 52.67
CA ALA A 597 0.97 66.39 52.78
C ALA A 597 0.62 67.38 51.68
N THR A 598 0.48 66.90 50.43
CA THR A 598 0.11 67.78 49.33
C THR A 598 -1.26 68.40 49.59
N THR A 599 -2.22 67.61 50.05
CA THR A 599 -3.53 68.14 50.38
C THR A 599 -3.42 69.19 51.47
N PHE A 600 -2.57 68.96 52.47
CA PHE A 600 -2.37 69.94 53.53
C PHE A 600 -1.87 71.26 52.96
N VAL A 601 -0.90 71.20 52.06
CA VAL A 601 -0.37 72.43 51.48
C VAL A 601 -1.43 73.13 50.65
N ILE A 602 -2.17 72.38 49.84
CA ILE A 602 -3.23 72.98 49.03
C ILE A 602 -4.24 73.69 49.92
N VAL A 603 -4.60 73.06 51.05
CA VAL A 603 -5.50 73.69 52.00
C VAL A 603 -4.89 75.00 52.50
N THR A 604 -3.60 75.00 52.82
CA THR A 604 -2.95 76.22 53.29
C THR A 604 -3.04 77.33 52.25
N PHE A 605 -2.75 77.02 50.99
CA PHE A 605 -2.64 78.07 49.97
C PHE A 605 -3.98 78.78 49.77
N VAL A 606 -5.06 78.02 49.57
CA VAL A 606 -6.32 78.62 49.10
C VAL A 606 -6.89 79.57 50.13
N ARG A 607 -6.76 79.24 51.42
CA ARG A 607 -7.28 80.13 52.46
C ARG A 607 -6.52 81.46 52.50
N TYR A 608 -5.29 81.48 52.03
CA TYR A 608 -4.40 82.62 52.19
C TYR A 608 -3.92 83.15 50.85
N ASN A 609 -4.78 83.09 49.82
CA ASN A 609 -4.37 83.50 48.48
C ASN A 609 -3.90 84.96 48.47
N ASP A 610 -4.65 85.84 49.11
CA ASP A 610 -4.32 87.27 49.10
C ASP A 610 -3.15 87.59 50.02
N THR A 611 -2.90 86.75 51.02
CA THR A 611 -1.81 86.98 51.96
C THR A 611 -0.49 87.10 51.22
N PRO A 612 0.37 88.06 51.59
CA PRO A 612 1.69 88.18 50.94
C PRO A 612 2.50 86.90 51.01
N ILE A 613 3.52 86.79 50.15
CA ILE A 613 4.37 85.61 49.99
C ILE A 613 3.57 84.54 49.25
N VAL A 614 2.33 84.31 49.68
CA VAL A 614 1.44 83.37 49.00
C VAL A 614 0.70 84.04 47.85
N ARG A 615 1.02 85.31 47.56
CA ARG A 615 0.33 86.03 46.50
C ARG A 615 0.54 85.37 45.13
N ALA A 616 1.78 84.99 44.82
CA ALA A 616 2.02 84.26 43.58
C ALA A 616 1.27 82.94 43.56
N SER A 617 1.19 82.28 44.73
CA SER A 617 0.40 81.06 44.83
C SER A 617 -1.09 81.30 44.58
N GLY A 618 -1.57 82.49 44.89
CA GLY A 618 -2.99 82.79 44.70
C GLY A 618 -3.44 82.61 43.27
N ARG A 619 -2.59 82.98 42.31
CA ARG A 619 -2.92 82.81 40.91
C ARG A 619 -3.03 81.34 40.53
N GLU A 620 -3.95 81.05 39.61
CA GLU A 620 -4.37 79.70 39.28
C GLU A 620 -3.26 78.83 38.72
N LEU A 621 -2.08 79.42 38.47
CA LEU A 621 -0.91 78.63 38.12
C LEU A 621 -0.59 77.61 39.21
N SER A 622 -0.60 78.07 40.47
CA SER A 622 -0.45 77.16 41.60
C SER A 622 -1.58 76.16 41.64
N TYR A 623 -2.79 76.59 41.29
CA TYR A 623 -3.91 75.66 41.22
C TYR A 623 -3.60 74.52 40.26
N VAL A 624 -3.10 74.84 39.07
CA VAL A 624 -2.88 73.80 38.08
C VAL A 624 -1.73 72.88 38.48
N LEU A 625 -0.66 73.44 39.07
CA LEU A 625 0.41 72.58 39.56
C LEU A 625 -0.07 71.63 40.65
N LEU A 626 -0.87 72.14 41.59
CA LEU A 626 -1.39 71.29 42.65
C LEU A 626 -2.30 70.21 42.09
N THR A 627 -3.14 70.58 41.12
CA THR A 627 -4.00 69.59 40.47
C THR A 627 -3.17 68.49 39.82
N GLY A 628 -2.10 68.87 39.12
CA GLY A 628 -1.25 67.87 38.49
C GLY A 628 -0.61 66.93 39.49
N ILE A 629 -0.11 67.48 40.61
CA ILE A 629 0.48 66.63 41.64
C ILE A 629 -0.54 65.64 42.20
N PHE A 630 -1.74 66.14 42.51
CA PHE A 630 -2.76 65.25 43.07
C PHE A 630 -3.15 64.17 42.08
N LEU A 631 -3.28 64.51 40.80
CA LEU A 631 -3.62 63.51 39.79
C LEU A 631 -2.52 62.46 39.66
N CYS A 632 -1.25 62.89 39.70
CA CYS A 632 -0.15 61.93 39.64
C CYS A 632 -0.25 60.94 40.79
N TYR A 633 -0.49 61.44 42.00
CA TYR A 633 -0.61 60.56 43.16
C TYR A 633 -1.81 59.62 43.00
N SER A 634 -2.94 60.15 42.51
CA SER A 634 -4.12 59.31 42.33
C SER A 634 -3.84 58.15 41.37
N ILE A 635 -3.21 58.43 40.23
CA ILE A 635 -2.91 57.35 39.31
C ILE A 635 -1.89 56.38 39.91
N THR A 636 -0.95 56.91 40.71
CA THR A 636 -0.06 56.03 41.44
C THR A 636 -0.83 55.02 42.27
N PHE A 637 -1.84 55.49 43.01
CA PHE A 637 -2.67 54.59 43.80
C PHE A 637 -3.44 53.59 42.94
N LEU A 638 -4.09 54.09 41.88
CA LEU A 638 -4.99 53.24 41.11
C LEU A 638 -4.25 52.18 40.29
N MET A 639 -3.04 52.48 39.82
CA MET A 639 -2.30 51.54 38.98
C MET A 639 -1.94 50.26 39.74
N ILE A 640 -2.23 50.22 41.03
CA ILE A 640 -1.89 49.09 41.89
C ILE A 640 -3.04 48.11 41.99
N ALA A 641 -4.26 48.60 42.11
CA ALA A 641 -5.40 47.74 42.38
C ALA A 641 -5.63 46.75 41.23
N ALA A 642 -6.53 45.81 41.47
CA ALA A 642 -6.74 44.72 40.54
C ALA A 642 -7.27 45.24 39.20
N PRO A 643 -6.76 44.71 38.08
CA PRO A 643 -7.31 45.10 36.78
C PRO A 643 -8.75 44.65 36.63
N ASP A 644 -9.51 45.40 35.83
CA ASP A 644 -10.91 45.09 35.59
C ASP A 644 -11.24 45.41 34.14
N THR A 645 -12.52 45.32 33.80
CA THR A 645 -12.94 45.47 32.42
C THR A 645 -12.69 46.87 31.88
N ILE A 646 -12.99 47.90 32.68
CA ILE A 646 -12.92 49.28 32.24
C ILE A 646 -11.96 50.12 33.06
N ILE A 647 -11.36 49.55 34.11
CA ILE A 647 -10.49 50.32 34.99
C ILE A 647 -9.35 50.95 34.19
N CYS A 648 -8.72 50.16 33.33
CA CYS A 648 -7.49 50.60 32.67
C CYS A 648 -7.73 51.78 31.73
N SER A 649 -8.89 51.84 31.07
CA SER A 649 -9.22 53.01 30.27
C SER A 649 -9.26 54.27 31.14
N PHE A 650 -9.91 54.17 32.31
CA PHE A 650 -9.92 55.28 33.24
C PHE A 650 -8.51 55.64 33.71
N ARG A 651 -7.68 54.62 33.94
CA ARG A 651 -6.29 54.89 34.30
C ARG A 651 -5.59 55.67 33.22
N ARG A 652 -5.80 55.29 31.96
CA ARG A 652 -5.16 56.00 30.85
C ARG A 652 -5.63 57.45 30.76
N VAL A 653 -6.95 57.67 30.87
CA VAL A 653 -7.45 59.05 30.80
C VAL A 653 -6.89 59.89 31.94
N PHE A 654 -6.87 59.33 33.16
CA PHE A 654 -6.27 60.07 34.28
C PHE A 654 -4.79 60.34 34.04
N LEU A 655 -4.06 59.39 33.44
CA LEU A 655 -2.67 59.61 33.10
C LEU A 655 -2.52 60.83 32.20
N GLY A 656 -3.25 60.83 31.09
CA GLY A 656 -3.20 61.96 30.17
C GLY A 656 -3.54 63.27 30.87
N LEU A 657 -4.60 63.24 31.67
CA LEU A 657 -5.08 64.45 32.33
C LEU A 657 -4.03 65.03 33.26
N GLY A 658 -3.50 64.20 34.17
CA GLY A 658 -2.52 64.69 35.12
C GLY A 658 -1.22 65.13 34.46
N MET A 659 -0.74 64.35 33.47
CA MET A 659 0.49 64.73 32.79
C MET A 659 0.32 66.06 32.08
N CYS A 660 -0.84 66.28 31.47
CA CYS A 660 -1.09 67.56 30.82
C CYS A 660 -1.16 68.68 31.86
N PHE A 661 -1.91 68.48 32.94
CA PHE A 661 -2.10 69.54 33.93
C PHE A 661 -0.78 70.03 34.49
N SER A 662 0.00 69.13 35.09
CA SER A 662 1.21 69.55 35.80
C SER A 662 2.18 70.26 34.87
N TYR A 663 2.49 69.62 33.75
CA TYR A 663 3.49 70.18 32.84
C TYR A 663 3.00 71.47 32.21
N ALA A 664 1.71 71.54 31.84
CA ALA A 664 1.18 72.77 31.26
C ALA A 664 1.30 73.92 32.25
N ALA A 665 1.00 73.66 33.52
CA ALA A 665 1.20 74.70 34.54
C ALA A 665 2.65 75.13 34.61
N LEU A 666 3.57 74.16 34.62
CA LEU A 666 4.99 74.50 34.71
C LEU A 666 5.42 75.39 33.55
N LEU A 667 5.08 74.98 32.33
CA LEU A 667 5.44 75.77 31.14
C LEU A 667 4.82 77.16 31.16
N THR A 668 3.52 77.26 31.45
CA THR A 668 2.89 78.58 31.42
C THR A 668 3.48 79.50 32.49
N LYS A 669 3.76 78.97 33.69
CA LYS A 669 4.43 79.79 34.70
C LYS A 669 5.78 80.26 34.22
N THR A 670 6.60 79.35 33.68
CA THR A 670 7.90 79.75 33.15
C THR A 670 7.76 80.83 32.08
N ASN A 671 6.76 80.67 31.20
CA ASN A 671 6.52 81.64 30.13
C ASN A 671 6.19 83.01 30.72
N ARG A 672 5.29 83.05 31.70
CA ARG A 672 4.94 84.34 32.32
C ARG A 672 6.15 84.97 33.01
N ILE A 673 6.99 84.15 33.64
CA ILE A 673 8.10 84.68 34.43
C ILE A 673 9.15 85.35 33.55
N HIS A 674 9.57 84.70 32.47
CA HIS A 674 10.85 85.00 31.84
C HIS A 674 10.73 85.92 30.63
N ARG A 675 9.92 85.55 29.63
CA ARG A 675 9.91 86.29 28.38
C ARG A 675 9.44 87.73 28.54
N ILE A 676 8.79 88.07 29.66
CA ILE A 676 8.23 89.41 29.83
C ILE A 676 9.29 90.45 30.19
N PHE A 677 10.56 90.05 30.28
CA PHE A 677 11.61 91.03 30.56
C PHE A 677 11.74 92.03 29.43
N GLU A 678 11.43 91.63 28.21
CA GLU A 678 11.53 92.52 27.06
C GLU A 678 10.28 93.39 26.93
N LYS A 688 -1.71 87.84 27.48
CA LYS A 688 -1.53 89.00 28.34
C LYS A 688 -0.68 88.64 29.57
N PHE A 689 0.16 89.58 29.99
CA PHE A 689 1.09 89.32 31.10
C PHE A 689 0.36 88.98 32.39
N ILE A 690 -0.82 89.56 32.61
CA ILE A 690 -1.54 89.33 33.86
C ILE A 690 -1.88 87.86 33.99
N SER A 691 -1.69 87.32 35.18
CA SER A 691 -1.93 85.91 35.50
C SER A 691 -3.28 85.40 34.99
N PRO A 692 -4.43 86.08 35.28
CA PRO A 692 -5.71 85.52 34.85
C PRO A 692 -5.81 85.22 33.37
N ALA A 693 -5.58 86.23 32.53
CA ALA A 693 -5.77 86.09 31.09
C ALA A 693 -4.89 84.99 30.52
N SER A 694 -3.59 85.09 30.73
CA SER A 694 -2.64 84.12 30.19
C SER A 694 -2.99 82.70 30.64
N GLN A 695 -3.08 82.50 31.95
CA GLN A 695 -3.30 81.16 32.49
C GLN A 695 -4.56 80.53 31.92
N LEU A 696 -5.71 81.21 32.07
CA LEU A 696 -7.00 80.58 31.66
C LEU A 696 -6.93 80.10 30.21
N VAL A 697 -6.51 80.95 29.29
CA VAL A 697 -6.48 80.57 27.87
C VAL A 697 -5.66 79.30 27.67
N ILE A 698 -4.39 79.34 28.07
CA ILE A 698 -3.49 78.22 27.79
C ILE A 698 -3.95 76.94 28.48
N THR A 699 -4.37 77.06 29.74
CA THR A 699 -4.80 75.88 30.48
C THR A 699 -6.03 75.24 29.83
N PHE A 700 -7.06 76.04 29.59
CA PHE A 700 -8.26 75.50 28.96
C PHE A 700 -7.94 74.91 27.60
N SER A 701 -7.12 75.60 26.80
CA SER A 701 -6.79 75.12 25.46
C SER A 701 -6.09 73.77 25.51
N LEU A 702 -5.02 73.65 26.31
CA LEU A 702 -4.27 72.41 26.36
C LEU A 702 -5.12 71.28 26.95
N ILE A 703 -5.93 71.60 27.96
CA ILE A 703 -6.79 70.58 28.55
C ILE A 703 -7.83 70.09 27.56
N SER A 704 -8.40 71.01 26.77
CA SER A 704 -9.34 70.61 25.71
C SER A 704 -8.64 69.76 24.65
N VAL A 705 -7.41 70.12 24.30
CA VAL A 705 -6.63 69.33 23.34
C VAL A 705 -6.51 67.89 23.83
N GLN A 706 -5.98 67.72 25.04
CA GLN A 706 -5.84 66.37 25.58
C GLN A 706 -7.19 65.70 25.85
N LEU A 707 -8.24 66.49 26.11
CA LEU A 707 -9.57 65.92 26.29
C LEU A 707 -10.07 65.26 25.01
N LEU A 708 -9.91 65.96 23.88
CA LEU A 708 -10.28 65.36 22.59
C LEU A 708 -9.37 64.19 22.25
N GLY A 709 -8.07 64.32 22.57
CA GLY A 709 -7.16 63.21 22.36
C GLY A 709 -7.59 61.96 23.08
N VAL A 710 -8.05 62.10 24.31
CA VAL A 710 -8.61 60.97 25.04
C VAL A 710 -9.91 60.50 24.38
N PHE A 711 -10.82 61.44 24.09
CA PHE A 711 -12.12 61.14 23.53
C PHE A 711 -12.01 60.22 22.32
N VAL A 712 -11.18 60.60 21.34
CA VAL A 712 -10.84 59.64 20.30
C VAL A 712 -10.07 58.50 20.98
N TRP A 713 -10.65 57.29 20.96
CA TRP A 713 -10.08 56.17 21.70
C TRP A 713 -9.03 55.48 20.83
N PHE A 714 -7.87 56.15 20.70
CA PHE A 714 -6.73 55.58 19.98
C PHE A 714 -5.72 55.01 20.98
N VAL A 715 -5.24 55.82 21.92
CA VAL A 715 -4.33 55.31 22.94
C VAL A 715 -5.10 54.51 23.98
N VAL A 716 -6.27 55.00 24.41
CA VAL A 716 -7.04 54.33 25.45
C VAL A 716 -7.75 53.12 24.85
N ASP A 717 -7.66 51.99 25.52
CA ASP A 717 -8.31 50.79 25.03
C ASP A 717 -9.78 50.78 25.45
N PRO A 718 -10.60 50.02 24.74
CA PRO A 718 -12.00 49.83 25.16
C PRO A 718 -12.06 48.86 26.33
N PRO A 719 -13.27 48.52 26.82
CA PRO A 719 -13.36 47.51 27.89
C PRO A 719 -12.69 46.19 27.57
N HIS A 720 -12.30 46.00 26.31
CA HIS A 720 -11.54 44.84 25.86
C HIS A 720 -10.35 44.57 26.77
N ILE A 721 -10.15 43.30 27.10
CA ILE A 721 -9.05 42.85 27.95
C ILE A 721 -8.54 41.53 27.40
N ILE A 722 -7.39 41.09 27.92
CA ILE A 722 -6.77 39.84 27.53
C ILE A 722 -6.57 39.00 28.79
N ILE A 723 -6.78 37.70 28.66
CA ILE A 723 -6.52 36.75 29.72
C ILE A 723 -5.44 35.80 29.20
N ASP A 724 -4.36 35.65 29.96
CA ASP A 724 -3.25 34.82 29.52
C ASP A 724 -3.44 33.37 29.96
N TYR A 725 -4.54 32.77 29.48
CA TYR A 725 -4.83 31.38 29.84
C TYR A 725 -3.65 30.46 29.54
N GLY A 726 -3.14 30.54 28.30
CA GLY A 726 -2.06 29.65 27.89
C GLY A 726 -0.82 30.33 27.36
N GLU A 727 -0.78 31.66 27.38
CA GLU A 727 0.40 32.37 26.94
C GLU A 727 1.63 32.02 27.77
N GLN A 728 1.46 31.85 29.09
CA GLN A 728 2.54 31.31 29.90
C GLN A 728 2.91 29.91 29.40
N ARG A 729 4.20 29.72 29.12
CA ARG A 729 4.69 28.55 28.38
C ARG A 729 5.34 27.50 29.29
N THR A 730 5.03 27.50 30.57
CA THR A 730 5.70 26.62 31.52
C THR A 730 5.55 25.16 31.14
N LEU A 731 6.68 24.44 31.16
CA LEU A 731 6.68 23.01 30.81
C LEU A 731 5.74 22.22 31.70
N ASP A 732 5.75 22.51 33.01
CA ASP A 732 4.75 21.89 33.87
C ASP A 732 3.43 22.65 33.73
N PRO A 733 2.37 22.01 33.25
CA PRO A 733 1.07 22.70 33.21
C PRO A 733 0.59 23.12 34.58
N GLU A 734 0.88 22.32 35.60
CA GLU A 734 0.32 22.55 36.93
C GLU A 734 0.67 23.94 37.46
N LYS A 735 1.95 24.31 37.39
CA LYS A 735 2.39 25.59 37.93
C LYS A 735 2.26 26.74 36.95
N ALA A 736 1.98 26.45 35.68
CA ALA A 736 1.69 27.51 34.73
C ALA A 736 0.41 28.25 35.14
N ARG A 737 0.39 29.55 34.89
CA ARG A 737 -0.71 30.40 35.33
C ARG A 737 -1.03 31.42 34.23
N GLY A 738 -1.84 32.43 34.57
CA GLY A 738 -2.19 33.47 33.63
C GLY A 738 -2.47 34.78 34.34
N VAL A 739 -2.60 35.84 33.55
CA VAL A 739 -2.80 37.19 34.07
C VAL A 739 -3.97 37.86 33.37
N LEU A 740 -4.62 38.77 34.09
CA LEU A 740 -5.76 39.56 33.60
C LEU A 740 -5.25 40.92 33.12
N LYS A 741 -4.71 40.95 31.91
CA LYS A 741 -3.98 42.12 31.43
C LYS A 741 -4.82 42.90 30.43
N CYS A 742 -4.98 44.20 30.67
CA CYS A 742 -5.51 45.05 29.62
C CYS A 742 -4.53 45.10 28.46
N ASP A 743 -5.07 45.11 27.24
CA ASP A 743 -4.22 45.03 26.06
C ASP A 743 -3.63 46.39 25.72
N ILE A 744 -2.94 46.97 26.69
CA ILE A 744 -2.32 48.28 26.52
C ILE A 744 -0.88 48.05 26.08
N SER A 745 -0.57 48.37 24.84
CA SER A 745 0.74 48.11 24.28
C SER A 745 1.77 49.12 24.80
N ASP A 746 3.02 48.70 24.86
CA ASP A 746 4.08 49.59 25.31
C ASP A 746 4.22 50.78 24.38
N LEU A 747 4.04 50.57 23.08
CA LEU A 747 4.04 51.69 22.14
C LEU A 747 2.91 52.67 22.46
N SER A 748 1.77 52.16 22.92
CA SER A 748 0.69 53.04 23.35
C SER A 748 1.13 53.92 24.52
N LEU A 749 1.83 53.35 25.50
CA LEU A 749 2.36 54.16 26.59
C LEU A 749 3.33 55.21 26.06
N ILE A 750 4.24 54.82 25.15
CA ILE A 750 5.25 55.75 24.67
C ILE A 750 4.60 56.91 23.92
N CYS A 751 3.69 56.60 23.00
CA CYS A 751 3.03 57.65 22.24
C CYS A 751 2.11 58.50 23.11
N SER A 752 1.51 57.88 24.13
CA SER A 752 0.65 58.63 25.06
C SER A 752 1.44 59.74 25.75
N LEU A 753 2.59 59.41 26.31
CA LEU A 753 3.45 60.38 26.97
C LEU A 753 4.24 61.25 26.00
N GLY A 754 4.02 61.11 24.69
CA GLY A 754 4.77 61.90 23.74
C GLY A 754 4.53 63.39 23.89
N TYR A 755 3.28 63.78 24.13
CA TYR A 755 2.98 65.18 24.39
C TYR A 755 3.65 65.65 25.67
N SER A 756 3.71 64.77 26.68
CA SER A 756 4.45 65.07 27.91
C SER A 756 5.93 65.29 27.61
N ILE A 757 6.50 64.45 26.76
CA ILE A 757 7.92 64.61 26.38
C ILE A 757 8.12 65.95 25.67
N LEU A 758 7.20 66.32 24.78
CA LEU A 758 7.31 67.59 24.08
C LEU A 758 7.26 68.76 25.07
N LEU A 759 6.33 68.71 26.01
CA LEU A 759 6.26 69.74 27.04
C LEU A 759 7.55 69.81 27.83
N MET A 760 8.10 68.64 28.19
CA MET A 760 9.37 68.61 28.92
C MET A 760 10.49 69.28 28.13
N VAL A 761 10.58 68.97 26.83
CA VAL A 761 11.62 69.57 25.98
C VAL A 761 11.44 71.09 25.93
N THR A 762 10.20 71.55 25.73
CA THR A 762 9.94 72.98 25.66
C THR A 762 10.32 73.67 26.96
N CYS A 763 9.94 73.09 28.09
CA CYS A 763 10.28 73.68 29.38
C CYS A 763 11.78 73.67 29.62
N THR A 764 12.47 72.64 29.15
CA THR A 764 13.93 72.61 29.30
C THR A 764 14.57 73.73 28.50
N VAL A 765 14.11 73.95 27.27
CA VAL A 765 14.62 75.07 26.47
C VAL A 765 14.37 76.39 27.19
N TYR A 766 13.13 76.58 27.67
CA TYR A 766 12.78 77.82 28.34
C TYR A 766 13.66 78.04 29.57
N ALA A 767 13.91 76.98 30.35
CA ALA A 767 14.67 77.16 31.58
C ALA A 767 16.16 77.25 31.34
N ILE A 768 16.65 76.73 30.21
CA ILE A 768 18.02 77.02 29.82
C ILE A 768 18.16 78.49 29.45
N LYS A 769 17.14 79.05 28.80
CA LYS A 769 17.13 80.49 28.58
C LYS A 769 17.10 81.25 29.91
N THR A 770 16.27 80.80 30.85
CA THR A 770 16.20 81.44 32.17
C THR A 770 17.53 81.36 32.90
N ARG A 771 18.29 80.28 32.70
CA ARG A 771 19.55 80.03 33.41
C ARG A 771 20.39 81.30 33.61
N GLY A 772 20.56 82.08 32.54
CA GLY A 772 21.13 83.41 32.68
C GLY A 772 20.11 84.37 33.25
N VAL A 773 19.73 84.15 34.51
CA VAL A 773 18.54 84.79 35.07
C VAL A 773 18.79 86.28 35.27
N PRO A 774 17.86 87.14 34.90
CA PRO A 774 17.93 88.55 35.31
C PRO A 774 17.71 88.65 36.82
N GLU A 775 18.09 89.81 37.37
CA GLU A 775 18.02 90.00 38.82
C GLU A 775 16.63 89.69 39.35
N THR A 776 15.62 90.35 38.77
CA THR A 776 14.20 90.07 39.02
C THR A 776 13.90 89.67 40.45
N PHE A 777 13.59 88.39 40.66
CA PHE A 777 13.31 87.85 41.99
C PHE A 777 14.09 86.55 42.18
N ASN A 778 13.83 85.85 43.29
CA ASN A 778 14.53 84.62 43.60
C ASN A 778 13.65 83.39 43.55
N GLU A 779 12.33 83.55 43.45
CA GLU A 779 11.43 82.40 43.44
C GLU A 779 11.41 81.66 42.11
N ALA A 780 11.95 82.25 41.04
CA ALA A 780 11.90 81.62 39.72
C ALA A 780 13.04 80.64 39.46
N LYS A 781 14.12 80.67 40.25
CA LYS A 781 15.21 79.70 40.04
C LYS A 781 14.85 78.30 40.56
N PRO A 782 14.16 78.16 41.71
CA PRO A 782 13.71 76.81 42.08
C PRO A 782 12.81 76.18 41.05
N ILE A 783 12.05 76.97 40.29
CA ILE A 783 11.22 76.41 39.23
C ILE A 783 12.08 75.61 38.26
N GLY A 784 13.14 76.25 37.77
CA GLY A 784 14.05 75.58 36.86
C GLY A 784 14.74 74.39 37.50
N PHE A 785 15.23 74.56 38.73
CA PHE A 785 15.95 73.46 39.39
C PHE A 785 15.07 72.23 39.58
N THR A 786 13.84 72.45 40.07
CA THR A 786 12.90 71.34 40.24
C THR A 786 12.57 70.67 38.92
N MET A 787 12.38 71.46 37.86
CA MET A 787 12.12 70.87 36.56
C MET A 787 13.32 70.05 36.09
N TYR A 788 14.53 70.54 36.31
CA TYR A 788 15.72 69.80 35.91
C TYR A 788 15.79 68.46 36.64
N THR A 789 15.53 68.47 37.94
CA THR A 789 15.56 67.22 38.69
C THR A 789 14.51 66.25 38.18
N THR A 790 13.28 66.73 37.93
CA THR A 790 12.23 65.87 37.41
C THR A 790 12.59 65.32 36.04
N CYS A 791 13.35 66.07 35.25
CA CYS A 791 13.73 65.59 33.93
C CYS A 791 14.55 64.32 34.02
N ILE A 792 15.59 64.32 34.86
CA ILE A 792 16.42 63.13 35.04
C ILE A 792 15.62 62.02 35.71
N ILE A 793 14.80 62.37 36.71
CA ILE A 793 14.02 61.37 37.42
C ILE A 793 13.12 60.61 36.46
N TRP A 794 12.48 61.32 35.53
CA TRP A 794 11.60 60.65 34.56
C TRP A 794 12.38 59.98 33.45
N LEU A 795 13.54 60.52 33.05
CA LEU A 795 14.34 59.87 32.01
C LEU A 795 14.90 58.55 32.49
N ALA A 796 15.11 58.39 33.79
CA ALA A 796 15.55 57.11 34.33
C ALA A 796 14.53 56.00 34.08
N PHE A 797 13.26 56.35 33.86
CA PHE A 797 12.20 55.35 33.72
C PHE A 797 12.37 54.51 32.47
N ILE A 798 12.75 55.14 31.35
CA ILE A 798 12.77 54.43 30.07
C ILE A 798 13.64 53.19 30.09
N PRO A 799 14.90 53.23 30.58
CA PRO A 799 15.65 51.97 30.70
C PRO A 799 14.96 50.95 31.59
N ILE A 800 14.36 51.40 32.71
CA ILE A 800 13.65 50.50 33.60
C ILE A 800 12.24 50.22 33.11
N PHE A 801 11.84 50.82 31.99
CA PHE A 801 10.66 50.40 31.27
C PHE A 801 10.98 49.27 30.29
N PHE A 802 12.10 49.41 29.57
CA PHE A 802 12.47 48.40 28.57
C PHE A 802 13.06 47.14 29.20
N GLY A 803 13.79 47.26 30.30
CA GLY A 803 14.51 46.11 30.83
C GLY A 803 13.69 45.09 31.57
N THR A 804 12.41 45.37 31.83
CA THR A 804 11.59 44.47 32.64
C THR A 804 11.00 43.31 31.85
N ALA A 805 11.12 43.31 30.53
CA ALA A 805 10.49 42.24 29.74
C ALA A 805 11.15 40.89 29.97
N GLN A 806 12.46 40.88 30.26
CA GLN A 806 13.16 39.60 30.41
C GLN A 806 12.63 38.79 31.58
N SER A 807 12.36 39.44 32.70
CA SER A 807 11.96 38.73 33.92
C SER A 807 10.59 38.08 33.74
N ALA A 808 10.38 36.99 34.50
CA ALA A 808 9.08 36.34 34.50
C ALA A 808 8.00 37.27 35.06
N GLU A 809 8.32 38.00 36.12
CA GLU A 809 7.37 38.94 36.73
C GLU A 809 7.47 40.31 36.04
N LYS A 810 7.21 40.28 34.72
CA LYS A 810 7.21 41.51 33.93
C LYS A 810 6.22 42.52 34.49
N MET A 811 4.98 42.06 34.78
CA MET A 811 3.97 42.95 35.31
C MET A 811 4.39 43.57 36.63
N TYR A 812 4.92 42.75 37.55
CA TYR A 812 5.29 43.25 38.87
C TYR A 812 6.31 44.38 38.76
N ILE A 813 7.42 44.12 38.08
CA ILE A 813 8.49 45.11 38.01
C ILE A 813 8.05 46.33 37.23
N GLN A 814 7.31 46.12 36.12
CA GLN A 814 6.85 47.26 35.34
C GLN A 814 5.94 48.17 36.14
N THR A 815 4.96 47.59 36.85
CA THR A 815 4.04 48.40 37.63
C THR A 815 4.78 49.12 38.75
N THR A 816 5.68 48.42 39.45
CA THR A 816 6.39 49.06 40.54
C THR A 816 7.24 50.21 40.05
N THR A 817 7.97 50.02 38.95
CA THR A 817 8.86 51.08 38.48
C THR A 817 8.06 52.27 37.95
N LEU A 818 6.97 52.02 37.20
CA LEU A 818 6.17 53.15 36.72
C LEU A 818 5.60 53.94 37.89
N THR A 819 4.98 53.26 38.85
CA THR A 819 4.34 53.96 39.96
C THR A 819 5.35 54.69 40.82
N VAL A 820 6.50 54.07 41.12
CA VAL A 820 7.50 54.73 41.95
C VAL A 820 8.13 55.89 41.22
N SER A 821 8.35 55.77 39.90
CA SER A 821 8.90 56.90 39.15
C SER A 821 7.94 58.08 39.15
N MET A 822 6.64 57.81 38.99
CA MET A 822 5.66 58.89 39.07
C MET A 822 5.69 59.55 40.44
N SER A 823 5.72 58.73 41.50
CA SER A 823 5.74 59.30 42.84
C SER A 823 7.00 60.12 43.09
N LEU A 824 8.13 59.67 42.54
CA LEU A 824 9.38 60.42 42.71
C LEU A 824 9.32 61.76 41.99
N SER A 825 8.82 61.78 40.75
CA SER A 825 8.66 63.04 40.05
C SER A 825 7.72 63.97 40.81
N ALA A 826 6.61 63.44 41.33
CA ALA A 826 5.68 64.26 42.09
C ALA A 826 6.33 64.82 43.34
N SER A 827 7.11 63.99 44.05
CA SER A 827 7.75 64.47 45.27
C SER A 827 8.80 65.52 44.98
N VAL A 828 9.50 65.39 43.85
CA VAL A 828 10.45 66.43 43.47
C VAL A 828 9.72 67.73 43.17
N SER A 829 8.58 67.65 42.48
CA SER A 829 7.76 68.84 42.29
C SER A 829 7.28 69.41 43.62
N LEU A 830 7.15 68.56 44.64
CA LEU A 830 6.79 68.99 45.98
C LEU A 830 7.99 69.51 46.75
N GLY A 831 9.09 69.81 46.07
CA GLY A 831 10.30 70.20 46.73
C GLY A 831 10.48 71.70 46.77
N MET A 832 11.36 72.23 45.94
CA MET A 832 11.67 73.64 45.98
C MET A 832 10.64 74.51 45.27
N LEU A 833 9.63 73.91 44.62
CA LEU A 833 8.62 74.72 43.96
C LEU A 833 7.88 75.60 44.96
N TYR A 834 7.19 74.98 45.93
CA TYR A 834 6.35 75.75 46.84
C TYR A 834 6.38 75.31 48.30
N MET A 835 7.19 74.34 48.70
CA MET A 835 7.22 73.98 50.11
C MET A 835 7.94 74.98 51.01
N PRO A 836 9.23 75.26 50.80
CA PRO A 836 9.96 76.07 51.80
C PRO A 836 9.59 77.53 51.75
N LYS A 837 8.97 77.99 50.67
CA LYS A 837 8.51 79.37 50.56
C LYS A 837 7.36 79.67 51.53
N VAL A 838 6.69 78.65 52.05
CA VAL A 838 5.55 78.84 52.95
C VAL A 838 5.77 78.09 54.26
N TYR A 839 7.05 77.93 54.66
CA TYR A 839 7.37 77.25 55.92
C TYR A 839 6.48 77.72 57.06
N ILE A 840 6.16 79.01 57.09
CA ILE A 840 5.22 79.56 58.07
C ILE A 840 4.39 80.63 57.39
N ILE A 841 3.09 80.40 57.27
CA ILE A 841 2.17 81.36 56.69
C ILE A 841 0.90 81.45 57.53
N SER B 39 -9.06 -56.34 -29.90
CA SER B 39 -8.31 -57.35 -29.16
C SER B 39 -7.38 -58.13 -30.08
N ILE B 40 -6.09 -57.82 -30.00
CA ILE B 40 -5.08 -58.47 -30.83
C ILE B 40 -4.04 -59.09 -29.91
N ARG B 41 -3.75 -60.37 -30.12
CA ARG B 41 -2.83 -61.13 -29.27
C ARG B 41 -1.57 -61.42 -30.08
N VAL B 42 -0.43 -60.88 -29.65
CA VAL B 42 0.85 -61.16 -30.30
C VAL B 42 1.83 -61.62 -29.21
N ASP B 43 1.91 -62.95 -29.01
CA ASP B 43 3.00 -63.65 -28.34
C ASP B 43 3.66 -62.85 -27.21
N GLY B 44 4.98 -62.77 -27.25
CA GLY B 44 5.72 -61.81 -26.48
C GLY B 44 6.22 -62.34 -25.15
N ASP B 45 7.23 -61.65 -24.61
CA ASP B 45 7.74 -61.87 -23.26
C ASP B 45 7.56 -60.66 -22.36
N ILE B 46 7.61 -59.46 -22.90
CA ILE B 46 7.20 -58.24 -22.20
C ILE B 46 6.07 -57.63 -23.01
N ILE B 47 4.86 -57.67 -22.47
CA ILE B 47 3.67 -57.27 -23.21
C ILE B 47 3.36 -55.80 -22.93
N LEU B 48 2.98 -55.07 -23.97
CA LEU B 48 2.50 -53.71 -23.87
C LEU B 48 1.04 -53.65 -24.31
N GLY B 49 0.45 -52.44 -24.23
CA GLY B 49 -0.92 -52.25 -24.62
C GLY B 49 -1.07 -51.10 -25.58
N GLY B 50 -2.17 -51.12 -26.33
CA GLY B 50 -2.47 -50.06 -27.28
C GLY B 50 -3.94 -49.70 -27.40
N LEU B 51 -4.25 -48.41 -27.24
CA LEU B 51 -5.61 -47.91 -27.41
C LEU B 51 -5.65 -47.02 -28.66
N PHE B 52 -6.63 -47.26 -29.52
CA PHE B 52 -6.70 -46.60 -30.81
C PHE B 52 -8.13 -46.20 -31.14
N PRO B 53 -8.33 -45.15 -31.93
CA PRO B 53 -9.68 -44.68 -32.26
C PRO B 53 -10.26 -45.36 -33.51
N VAL B 54 -10.38 -46.69 -33.47
CA VAL B 54 -11.13 -47.39 -34.51
C VAL B 54 -12.60 -47.14 -34.28
N HIS B 55 -13.36 -47.03 -35.37
CA HIS B 55 -14.77 -46.68 -35.34
C HIS B 55 -14.94 -45.27 -34.79
N ALA B 56 -16.17 -44.85 -34.52
CA ALA B 56 -16.43 -43.49 -34.08
C ALA B 56 -17.55 -43.51 -33.04
N LYS B 57 -17.85 -42.33 -32.51
CA LYS B 57 -18.88 -42.18 -31.48
C LYS B 57 -20.25 -42.56 -32.01
N VAL B 62 -23.60 -49.12 -28.34
CA VAL B 62 -22.68 -48.07 -27.91
C VAL B 62 -21.75 -47.61 -29.04
N PRO B 63 -20.96 -48.52 -29.65
CA PRO B 63 -20.04 -48.10 -30.71
C PRO B 63 -20.75 -47.96 -32.04
N CYS B 64 -20.84 -46.74 -32.54
CA CYS B 64 -21.46 -46.53 -33.84
C CYS B 64 -20.57 -47.13 -34.94
N GLY B 65 -21.19 -47.48 -36.05
CA GLY B 65 -20.41 -48.08 -37.12
C GLY B 65 -19.98 -47.13 -38.22
N GLU B 66 -18.74 -46.66 -38.10
CA GLU B 66 -18.10 -45.86 -39.14
C GLU B 66 -16.62 -46.15 -38.96
N LEU B 67 -16.03 -46.93 -39.87
CA LEU B 67 -14.61 -47.21 -39.76
C LEU B 67 -13.82 -45.92 -39.90
N LYS B 68 -13.20 -45.49 -38.81
CA LYS B 68 -12.58 -44.16 -38.81
C LYS B 68 -11.33 -44.13 -39.69
N LYS B 69 -10.81 -45.30 -40.06
CA LYS B 69 -9.79 -45.42 -41.11
C LYS B 69 -8.48 -44.77 -40.70
N GLU B 70 -8.25 -43.56 -41.21
CA GLU B 70 -6.98 -42.87 -41.00
C GLU B 70 -6.61 -42.82 -39.52
N LYS B 71 -7.56 -42.47 -38.67
CA LYS B 71 -7.26 -42.39 -37.23
C LYS B 71 -6.94 -43.77 -36.65
N GLY B 72 -7.79 -44.76 -36.89
CA GLY B 72 -7.58 -46.04 -36.24
C GLY B 72 -6.65 -47.03 -36.92
N ILE B 73 -6.99 -47.41 -38.15
CA ILE B 73 -6.33 -48.52 -38.82
C ILE B 73 -4.86 -48.20 -39.05
N HIS B 74 -4.60 -47.00 -39.58
CA HIS B 74 -3.22 -46.55 -39.81
C HIS B 74 -2.38 -46.69 -38.54
N ARG B 75 -2.91 -46.19 -37.43
CA ARG B 75 -2.15 -46.20 -36.18
C ARG B 75 -1.94 -47.63 -35.65
N LEU B 76 -2.94 -48.51 -35.79
CA LEU B 76 -2.69 -49.91 -35.43
C LEU B 76 -1.57 -50.52 -36.26
N GLU B 77 -1.58 -50.26 -37.56
CA GLU B 77 -0.54 -50.84 -38.40
C GLU B 77 0.81 -50.25 -38.04
N ALA B 78 0.85 -48.96 -37.69
CA ALA B 78 2.10 -48.34 -37.26
C ALA B 78 2.63 -48.98 -35.99
N MET B 79 1.76 -49.20 -35.00
CA MET B 79 2.20 -49.82 -33.76
C MET B 79 2.75 -51.23 -34.00
N LEU B 80 1.98 -52.06 -34.72
CA LEU B 80 2.45 -53.42 -34.98
C LEU B 80 3.73 -53.43 -35.82
N TYR B 81 3.85 -52.49 -36.76
CA TYR B 81 5.07 -52.36 -37.56
C TYR B 81 6.26 -52.05 -36.67
N ALA B 82 6.13 -51.04 -35.81
CA ALA B 82 7.25 -50.66 -34.96
C ALA B 82 7.64 -51.79 -34.03
N ILE B 83 6.65 -52.53 -33.51
CA ILE B 83 6.97 -53.72 -32.72
C ILE B 83 7.73 -54.74 -33.56
N ASP B 84 7.33 -54.93 -34.82
CA ASP B 84 7.98 -55.91 -35.67
C ASP B 84 9.45 -55.59 -35.89
N GLN B 85 9.79 -54.32 -36.14
CA GLN B 85 11.23 -54.00 -36.18
C GLN B 85 11.88 -53.88 -34.81
N ILE B 86 11.14 -53.77 -33.71
CA ILE B 86 11.80 -53.81 -32.41
C ILE B 86 12.31 -55.22 -32.13
N ASN B 87 11.54 -56.24 -32.51
CA ASN B 87 11.95 -57.62 -32.25
C ASN B 87 13.06 -58.11 -33.17
N LYS B 88 13.42 -57.37 -34.21
CA LYS B 88 14.49 -57.80 -35.10
C LYS B 88 15.84 -57.20 -34.77
N ASP B 89 15.89 -55.96 -34.27
CA ASP B 89 17.15 -55.29 -33.98
C ASP B 89 17.94 -56.11 -32.96
N PRO B 90 19.08 -56.69 -33.36
CA PRO B 90 19.81 -57.57 -32.45
C PRO B 90 20.34 -56.87 -31.21
N ASP B 91 20.61 -55.56 -31.28
CA ASP B 91 21.30 -54.86 -30.19
C ASP B 91 20.40 -53.83 -29.53
N LEU B 92 19.10 -54.10 -29.46
CA LEU B 92 18.17 -53.24 -28.76
C LEU B 92 17.71 -53.84 -27.42
N LEU B 93 17.22 -55.07 -27.44
CA LEU B 93 16.75 -55.72 -26.22
C LEU B 93 17.25 -57.15 -26.12
N SER B 94 18.27 -57.51 -26.89
CA SER B 94 18.93 -58.82 -26.83
C SER B 94 17.88 -59.90 -27.12
N ASN B 95 17.85 -60.99 -26.36
CA ASN B 95 16.94 -62.08 -26.64
C ASN B 95 15.52 -61.83 -26.16
N ILE B 96 15.29 -60.78 -25.36
CA ILE B 96 13.95 -60.46 -24.91
C ILE B 96 13.07 -60.09 -26.10
N THR B 97 11.85 -60.60 -26.11
CA THR B 97 10.88 -60.31 -27.15
C THR B 97 9.69 -59.54 -26.58
N LEU B 98 9.07 -58.72 -27.42
CA LEU B 98 7.93 -57.91 -27.01
C LEU B 98 6.62 -58.53 -27.49
N GLY B 99 5.56 -58.31 -26.70
CA GLY B 99 4.22 -58.69 -27.06
C GLY B 99 3.30 -57.48 -27.02
N VAL B 100 2.12 -57.65 -27.61
CA VAL B 100 1.22 -56.54 -27.89
C VAL B 100 -0.21 -56.91 -27.50
N ARG B 101 -0.91 -55.96 -26.89
CA ARG B 101 -2.32 -56.10 -26.54
C ARG B 101 -3.04 -54.84 -27.03
N ILE B 102 -3.61 -54.90 -28.23
CA ILE B 102 -4.24 -53.74 -28.85
C ILE B 102 -5.75 -53.85 -28.65
N LEU B 103 -6.33 -52.85 -28.01
CA LEU B 103 -7.76 -52.75 -27.86
C LEU B 103 -8.28 -51.57 -28.68
N ASP B 104 -9.59 -51.36 -28.62
CA ASP B 104 -10.25 -50.32 -29.39
C ASP B 104 -10.90 -49.29 -28.48
N THR B 105 -10.94 -48.06 -28.96
CA THR B 105 -11.78 -47.01 -28.39
C THR B 105 -12.59 -46.41 -29.54
N CYS B 106 -13.83 -46.06 -29.25
CA CYS B 106 -14.76 -45.56 -30.27
C CYS B 106 -15.11 -44.10 -29.99
N SER B 107 -14.12 -43.31 -29.59
CA SER B 107 -14.30 -41.91 -29.25
C SER B 107 -15.31 -41.74 -28.12
N ARG B 108 -15.27 -42.65 -27.15
CA ARG B 108 -16.08 -42.57 -25.95
C ARG B 108 -15.19 -42.78 -24.74
N ASP B 109 -15.53 -42.10 -23.65
CA ASP B 109 -14.74 -42.21 -22.43
C ASP B 109 -14.99 -43.54 -21.73
N THR B 110 -16.25 -43.97 -21.66
CA THR B 110 -16.62 -45.13 -20.87
C THR B 110 -16.20 -46.42 -21.56
N TYR B 111 -16.28 -46.47 -22.89
CA TYR B 111 -15.84 -47.65 -23.62
C TYR B 111 -14.36 -47.90 -23.38
N ALA B 112 -13.57 -46.82 -23.41
CA ALA B 112 -12.16 -46.89 -23.05
C ALA B 112 -11.98 -47.30 -21.59
N LEU B 113 -12.89 -46.88 -20.70
CA LEU B 113 -12.82 -47.34 -19.31
C LEU B 113 -12.94 -48.85 -19.21
N GLU B 114 -13.92 -49.42 -19.92
CA GLU B 114 -14.06 -50.89 -19.92
C GLU B 114 -12.81 -51.56 -20.48
N GLN B 115 -12.27 -51.00 -21.57
CA GLN B 115 -11.08 -51.62 -22.16
C GLN B 115 -9.87 -51.52 -21.23
N SER B 116 -9.74 -50.41 -20.52
CA SER B 116 -8.63 -50.27 -19.58
C SER B 116 -8.81 -51.17 -18.37
N LEU B 117 -10.05 -51.47 -17.99
CA LEU B 117 -10.28 -52.55 -17.04
C LEU B 117 -9.79 -53.87 -17.62
N THR B 118 -10.05 -54.11 -18.90
CA THR B 118 -9.57 -55.33 -19.55
C THR B 118 -8.06 -55.44 -19.48
N PHE B 119 -7.34 -54.32 -19.56
CA PHE B 119 -5.88 -54.38 -19.44
C PHE B 119 -5.44 -55.03 -18.13
N VAL B 120 -6.01 -54.59 -17.01
CA VAL B 120 -5.59 -55.06 -15.68
C VAL B 120 -6.59 -56.13 -15.23
N GLN B 121 -6.26 -57.38 -15.52
CA GLN B 121 -7.06 -58.49 -15.02
C GLN B 121 -6.19 -59.65 -14.52
N ALA B 122 -4.89 -59.46 -14.40
CA ALA B 122 -4.00 -60.46 -13.83
C ALA B 122 -3.80 -60.27 -12.33
N LEU B 123 -4.51 -59.32 -11.73
CA LEU B 123 -4.41 -59.05 -10.30
C LEU B 123 -5.59 -59.58 -9.51
N ILE B 124 -6.76 -59.74 -10.15
CA ILE B 124 -7.95 -60.24 -9.48
C ILE B 124 -7.71 -61.63 -8.90
N PRO B 139 -11.92 -75.28 -15.88
CA PRO B 139 -10.70 -75.99 -15.51
C PRO B 139 -9.64 -75.95 -16.61
N ILE B 140 -9.89 -75.13 -17.63
CA ILE B 140 -8.96 -74.96 -18.74
C ILE B 140 -8.57 -73.49 -18.81
N PHE B 141 -8.57 -72.81 -17.66
CA PHE B 141 -8.29 -71.39 -17.63
C PHE B 141 -6.87 -71.10 -18.12
N THR B 142 -6.75 -70.13 -19.00
CA THR B 142 -5.46 -69.74 -19.56
C THR B 142 -4.85 -68.60 -18.73
N LYS B 143 -3.54 -68.56 -18.72
CA LYS B 143 -2.83 -67.54 -17.95
C LYS B 143 -3.03 -66.18 -18.60
N PRO B 144 -3.48 -65.17 -17.85
CA PRO B 144 -3.64 -63.83 -18.41
C PRO B 144 -2.30 -63.12 -18.56
N ASP B 145 -2.32 -62.02 -19.31
CA ASP B 145 -1.09 -61.31 -19.63
C ASP B 145 -0.66 -60.42 -18.46
N LYS B 146 0.54 -59.86 -18.60
CA LYS B 146 1.10 -58.95 -17.60
C LYS B 146 1.60 -57.72 -18.35
N ILE B 147 0.78 -56.69 -18.42
CA ILE B 147 1.13 -55.48 -19.16
C ILE B 147 2.11 -54.65 -18.32
N SER B 148 3.24 -54.30 -18.92
CA SER B 148 4.25 -53.49 -18.27
C SER B 148 4.31 -52.07 -18.81
N GLY B 149 3.38 -51.70 -19.68
CA GLY B 149 3.32 -50.37 -20.23
C GLY B 149 2.17 -50.24 -21.22
N VAL B 150 1.52 -49.08 -21.24
CA VAL B 150 0.38 -48.84 -22.11
C VAL B 150 0.78 -47.75 -23.09
N ILE B 151 0.57 -48.02 -24.38
CA ILE B 151 0.99 -47.12 -25.45
C ILE B 151 -0.25 -46.88 -26.31
N GLY B 152 -0.98 -45.82 -26.01
CA GLY B 152 -2.20 -45.52 -26.75
C GLY B 152 -2.62 -44.10 -26.51
N ALA B 153 -3.39 -43.58 -27.45
CA ALA B 153 -3.78 -42.18 -27.42
C ALA B 153 -5.00 -41.99 -28.32
N ALA B 154 -5.65 -40.85 -28.13
CA ALA B 154 -6.83 -40.45 -28.88
C ALA B 154 -7.05 -38.98 -28.59
N ALA B 155 -8.19 -38.43 -29.01
CA ALA B 155 -8.58 -37.12 -28.52
C ALA B 155 -8.66 -37.15 -27.00
N SER B 156 -8.51 -35.99 -26.38
CA SER B 156 -8.38 -35.92 -24.94
C SER B 156 -9.70 -36.27 -24.25
N SER B 157 -9.69 -36.27 -22.92
CA SER B 157 -10.79 -36.74 -22.08
C SER B 157 -10.94 -38.24 -22.18
N VAL B 158 -10.12 -38.88 -23.01
CA VAL B 158 -9.95 -40.32 -23.04
C VAL B 158 -8.63 -40.73 -22.40
N SER B 159 -7.54 -40.09 -22.85
CA SER B 159 -6.25 -40.27 -22.20
C SER B 159 -6.33 -39.83 -20.74
N ILE B 160 -7.14 -38.82 -20.43
CA ILE B 160 -7.30 -38.38 -19.05
C ILE B 160 -7.83 -39.53 -18.19
N MET B 161 -8.92 -40.17 -18.64
CA MET B 161 -9.55 -41.20 -17.84
C MET B 161 -8.68 -42.44 -17.73
N VAL B 162 -8.04 -42.84 -18.83
CA VAL B 162 -7.16 -43.99 -18.75
C VAL B 162 -5.94 -43.66 -17.88
N ALA B 163 -5.49 -42.40 -17.91
CA ALA B 163 -4.37 -42.00 -17.05
C ALA B 163 -4.74 -42.13 -15.59
N ASN B 164 -5.96 -41.76 -15.22
CA ASN B 164 -6.39 -41.96 -13.84
C ASN B 164 -6.40 -43.43 -13.47
N ILE B 165 -7.08 -44.25 -14.27
CA ILE B 165 -7.21 -45.66 -13.94
C ILE B 165 -5.86 -46.38 -13.97
N LEU B 166 -4.87 -45.84 -14.69
CA LEU B 166 -3.55 -46.47 -14.77
C LEU B 166 -2.59 -45.94 -13.72
N ARG B 167 -2.71 -44.68 -13.31
CA ARG B 167 -1.91 -44.19 -12.20
C ARG B 167 -2.35 -44.81 -10.89
N LEU B 168 -3.62 -45.22 -10.80
CA LEU B 168 -4.00 -46.00 -9.62
C LEU B 168 -3.28 -47.34 -9.55
N PHE B 169 -2.70 -47.82 -10.65
CA PHE B 169 -2.10 -49.15 -10.69
C PHE B 169 -0.62 -49.10 -11.08
N LYS B 170 -0.01 -47.92 -11.05
CA LYS B 170 1.43 -47.77 -11.29
C LYS B 170 1.86 -48.32 -12.64
N ILE B 171 1.08 -48.05 -13.67
CA ILE B 171 1.37 -48.47 -15.04
C ILE B 171 1.73 -47.23 -15.86
N PRO B 172 2.92 -47.17 -16.44
CA PRO B 172 3.24 -46.05 -17.34
C PRO B 172 2.34 -46.02 -18.57
N GLN B 173 2.09 -44.82 -19.07
CA GLN B 173 1.26 -44.62 -20.25
C GLN B 173 1.85 -43.51 -21.09
N ILE B 174 2.22 -43.80 -22.33
CA ILE B 174 2.81 -42.83 -23.23
C ILE B 174 1.83 -42.57 -24.37
N SER B 175 1.45 -41.31 -24.54
CA SER B 175 0.46 -40.89 -25.52
C SER B 175 1.15 -40.29 -26.74
N TYR B 176 0.53 -40.46 -27.90
CA TYR B 176 1.07 -39.94 -29.14
C TYR B 176 0.29 -38.77 -29.73
N ALA B 177 -1.00 -38.63 -29.41
CA ALA B 177 -1.83 -37.59 -30.01
C ALA B 177 -2.58 -36.72 -29.02
N SER B 178 -2.66 -37.11 -27.75
CA SER B 178 -3.40 -36.32 -26.76
C SER B 178 -2.60 -35.06 -26.42
N THR B 179 -3.14 -33.90 -26.80
CA THR B 179 -2.49 -32.61 -26.58
C THR B 179 -3.48 -31.69 -25.86
N ALA B 180 -3.48 -31.76 -24.53
CA ALA B 180 -4.36 -30.95 -23.71
C ALA B 180 -3.53 -30.33 -22.59
N PRO B 181 -3.60 -29.01 -22.41
CA PRO B 181 -2.82 -28.39 -21.33
C PRO B 181 -3.13 -28.95 -19.96
N GLU B 182 -4.39 -29.32 -19.71
CA GLU B 182 -4.77 -29.89 -18.42
C GLU B 182 -3.94 -31.12 -18.10
N LEU B 183 -3.50 -31.84 -19.12
CA LEU B 183 -2.56 -32.95 -18.96
C LEU B 183 -1.11 -32.46 -18.98
N SER B 184 -0.78 -31.47 -18.14
CA SER B 184 0.59 -30.98 -18.08
C SER B 184 1.04 -30.74 -16.65
N ASP B 185 0.52 -31.52 -15.70
CA ASP B 185 0.92 -31.38 -14.30
C ASP B 185 1.18 -32.76 -13.70
N ASN B 186 2.20 -32.83 -12.83
CA ASN B 186 2.54 -34.10 -12.19
C ASN B 186 1.40 -34.61 -11.31
N THR B 187 0.64 -33.70 -10.69
CA THR B 187 -0.49 -34.12 -9.88
C THR B 187 -1.58 -34.72 -10.77
N ARG B 188 -2.06 -35.91 -10.36
CA ARG B 188 -3.14 -36.68 -10.97
C ARG B 188 -2.74 -37.31 -12.31
N TYR B 189 -1.57 -36.97 -12.83
CA TYR B 189 -1.05 -37.58 -14.05
C TYR B 189 0.43 -37.88 -13.92
N ASP B 190 0.84 -38.38 -12.76
CA ASP B 190 2.26 -38.67 -12.54
C ASP B 190 2.80 -39.73 -13.49
N PHE B 191 1.94 -40.58 -14.05
CA PHE B 191 2.36 -41.71 -14.87
C PHE B 191 2.04 -41.52 -16.35
N PHE B 192 1.80 -40.29 -16.78
CA PHE B 192 1.39 -40.01 -18.15
C PHE B 192 2.51 -39.25 -18.86
N SER B 193 3.13 -39.89 -19.83
CA SER B 193 4.14 -39.28 -20.68
C SER B 193 3.56 -38.98 -22.06
N ARG B 194 4.19 -38.01 -22.74
CA ARG B 194 3.65 -37.48 -23.97
C ARG B 194 4.79 -37.27 -24.97
N VAL B 195 4.59 -37.72 -26.22
CA VAL B 195 5.63 -37.58 -27.23
C VAL B 195 5.19 -36.59 -28.30
N VAL B 196 4.33 -35.66 -27.91
CA VAL B 196 3.81 -34.64 -28.83
C VAL B 196 3.68 -33.33 -28.07
N PRO B 197 3.93 -32.21 -28.75
CA PRO B 197 3.90 -30.93 -28.05
C PRO B 197 2.54 -30.66 -27.46
N PRO B 198 2.49 -30.08 -26.26
CA PRO B 198 1.22 -29.56 -25.74
C PRO B 198 0.74 -28.38 -26.55
N ASP B 199 -0.58 -28.20 -26.60
CA ASP B 199 -1.14 -27.02 -27.25
C ASP B 199 -0.80 -25.74 -26.50
N SER B 200 -0.40 -25.84 -25.24
CA SER B 200 0.07 -24.67 -24.50
C SER B 200 1.38 -24.14 -25.06
N TYR B 201 2.21 -25.03 -25.63
CA TYR B 201 3.43 -24.57 -26.27
C TYR B 201 3.15 -23.79 -27.54
N GLN B 202 1.94 -23.91 -28.09
CA GLN B 202 1.56 -23.08 -29.22
C GLN B 202 1.34 -21.63 -28.80
N ALA B 203 0.80 -21.42 -27.60
CA ALA B 203 0.60 -20.08 -27.08
C ALA B 203 1.90 -19.35 -26.81
N GLN B 204 3.03 -20.07 -26.76
CA GLN B 204 4.33 -19.44 -26.65
C GLN B 204 4.84 -18.94 -28.00
N ALA B 205 4.23 -19.38 -29.10
CA ALA B 205 4.63 -18.90 -30.41
C ALA B 205 3.98 -17.57 -30.75
N MET B 206 2.68 -17.43 -30.45
CA MET B 206 2.01 -16.16 -30.69
C MET B 206 2.62 -15.06 -29.85
N VAL B 207 2.95 -15.34 -28.59
CA VAL B 207 3.57 -14.32 -27.75
C VAL B 207 4.91 -13.91 -28.32
N ASP B 208 5.73 -14.87 -28.75
CA ASP B 208 7.04 -14.56 -29.30
C ASP B 208 6.92 -13.73 -30.58
N ILE B 209 6.00 -14.10 -31.48
CA ILE B 209 5.88 -13.34 -32.73
C ILE B 209 5.32 -11.94 -32.46
N VAL B 210 4.37 -11.82 -31.53
CA VAL B 210 3.82 -10.51 -31.21
C VAL B 210 4.90 -9.61 -30.62
N THR B 211 5.78 -10.18 -29.79
CA THR B 211 6.91 -9.40 -29.28
C THR B 211 7.89 -9.05 -30.39
N ALA B 212 8.11 -9.98 -31.33
CA ALA B 212 9.08 -9.73 -32.40
C ALA B 212 8.62 -8.62 -33.34
N LEU B 213 7.34 -8.59 -33.67
CA LEU B 213 6.83 -7.56 -34.57
C LEU B 213 6.62 -6.23 -33.87
N GLY B 214 6.79 -6.16 -32.56
CA GLY B 214 6.65 -4.93 -31.82
C GLY B 214 5.27 -4.65 -31.29
N TRP B 215 4.29 -5.49 -31.62
CA TRP B 215 2.94 -5.29 -31.12
C TRP B 215 2.91 -5.46 -29.62
N ASN B 216 2.25 -4.52 -28.93
CA ASN B 216 2.08 -4.62 -27.49
C ASN B 216 0.63 -4.48 -27.05
N TYR B 217 -0.32 -4.33 -27.99
CA TYR B 217 -1.71 -4.07 -27.65
C TYR B 217 -2.56 -4.83 -28.67
N VAL B 218 -3.09 -5.99 -28.26
CA VAL B 218 -3.77 -6.91 -29.15
C VAL B 218 -5.16 -7.20 -28.60
N SER B 219 -5.96 -7.93 -29.40
CA SER B 219 -7.32 -8.31 -29.03
C SER B 219 -7.49 -9.80 -29.27
N THR B 220 -7.80 -10.54 -28.22
CA THR B 220 -7.93 -11.99 -28.31
C THR B 220 -9.36 -12.38 -28.66
N LEU B 221 -9.50 -13.46 -29.43
CA LEU B 221 -10.77 -14.03 -29.81
C LEU B 221 -10.73 -15.54 -29.60
N ALA B 222 -11.86 -16.12 -29.22
CA ALA B 222 -11.90 -17.53 -28.89
C ALA B 222 -13.28 -18.11 -29.18
N SER B 223 -13.38 -19.43 -29.07
CA SER B 223 -14.64 -20.15 -29.18
C SER B 223 -14.91 -20.88 -27.88
N GLU B 224 -16.19 -21.14 -27.62
CA GLU B 224 -16.59 -21.77 -26.36
C GLU B 224 -16.32 -23.26 -26.45
N GLY B 225 -15.13 -23.66 -26.03
CA GLY B 225 -14.78 -25.05 -25.93
C GLY B 225 -13.65 -25.22 -24.94
N ASN B 226 -13.19 -26.46 -24.81
CA ASN B 226 -12.01 -26.72 -24.00
C ASN B 226 -10.72 -26.39 -24.74
N TYR B 227 -10.80 -26.18 -26.06
CA TYR B 227 -9.65 -25.75 -26.84
C TYR B 227 -9.42 -24.25 -26.71
N GLY B 228 -10.42 -23.45 -27.11
CA GLY B 228 -10.25 -22.01 -27.11
C GLY B 228 -9.97 -21.43 -25.74
N GLU B 229 -10.71 -21.87 -24.73
CA GLU B 229 -10.55 -21.34 -23.39
C GLU B 229 -9.13 -21.57 -22.87
N SER B 230 -8.65 -22.81 -22.97
CA SER B 230 -7.31 -23.14 -22.47
C SER B 230 -6.23 -22.40 -23.24
N GLY B 231 -6.38 -22.32 -24.56
CA GLY B 231 -5.39 -21.61 -25.36
C GLY B 231 -5.32 -20.13 -25.02
N VAL B 232 -6.47 -19.49 -24.87
CA VAL B 232 -6.48 -18.07 -24.51
C VAL B 232 -5.93 -17.87 -23.11
N GLU B 233 -6.24 -18.77 -22.18
CA GLU B 233 -5.70 -18.66 -20.83
C GLU B 233 -4.18 -18.78 -20.83
N ALA B 234 -3.64 -19.72 -21.60
CA ALA B 234 -2.19 -19.86 -21.69
C ALA B 234 -1.56 -18.63 -22.34
N PHE B 235 -2.22 -18.08 -23.36
CA PHE B 235 -1.73 -16.86 -23.99
C PHE B 235 -1.68 -15.71 -22.99
N THR B 236 -2.73 -15.58 -22.18
CA THR B 236 -2.75 -14.53 -21.15
C THR B 236 -1.64 -14.75 -20.12
N GLN B 237 -1.45 -15.99 -19.67
CA GLN B 237 -0.47 -16.26 -18.63
C GLN B 237 0.95 -16.01 -19.13
N ILE B 238 1.26 -16.41 -20.36
CA ILE B 238 2.58 -16.11 -20.91
C ILE B 238 2.72 -14.62 -21.20
N SER B 239 1.62 -13.96 -21.57
CA SER B 239 1.63 -12.50 -21.73
C SER B 239 2.00 -11.80 -20.43
N ARG B 240 1.66 -12.39 -19.30
CA ARG B 240 2.06 -11.90 -17.99
C ARG B 240 3.50 -12.38 -17.75
N GLU B 241 4.01 -12.21 -16.52
CA GLU B 241 5.37 -12.60 -16.18
C GLU B 241 6.33 -11.83 -17.07
N ILE B 242 6.78 -12.42 -18.18
CA ILE B 242 7.48 -11.65 -19.18
C ILE B 242 6.50 -10.65 -19.78
N GLY B 243 6.79 -9.36 -19.64
CA GLY B 243 5.90 -8.31 -20.07
C GLY B 243 6.17 -7.87 -21.49
N GLY B 244 5.66 -6.68 -21.82
CA GLY B 244 5.84 -6.10 -23.13
C GLY B 244 4.64 -6.20 -24.04
N VAL B 245 3.63 -6.99 -23.67
CA VAL B 245 2.42 -7.15 -24.47
C VAL B 245 1.20 -7.02 -23.58
N CYS B 246 0.14 -6.42 -24.13
CA CYS B 246 -1.12 -6.22 -23.42
C CYS B 246 -2.27 -6.70 -24.29
N ILE B 247 -3.37 -7.07 -23.63
CA ILE B 247 -4.54 -7.61 -24.31
C ILE B 247 -5.67 -6.60 -24.15
N ALA B 248 -6.12 -6.02 -25.28
CA ALA B 248 -7.17 -5.02 -25.22
C ALA B 248 -8.52 -5.65 -24.90
N GLN B 249 -8.87 -6.74 -25.59
CA GLN B 249 -10.18 -7.34 -25.45
C GLN B 249 -10.06 -8.86 -25.43
N SER B 250 -11.08 -9.50 -24.88
CA SER B 250 -11.17 -10.97 -24.85
C SER B 250 -12.64 -11.33 -25.08
N GLN B 251 -12.98 -11.68 -26.31
CA GLN B 251 -14.35 -11.99 -26.68
C GLN B 251 -14.48 -13.48 -26.98
N LYS B 252 -15.45 -14.13 -26.35
CA LYS B 252 -15.68 -15.56 -26.47
C LYS B 252 -17.08 -15.81 -27.00
N ILE B 253 -17.17 -16.59 -28.08
CA ILE B 253 -18.44 -16.86 -28.77
C ILE B 253 -19.20 -17.94 -28.01
N PRO B 254 -20.50 -18.12 -28.25
CA PRO B 254 -21.20 -19.28 -27.71
C PRO B 254 -21.18 -20.45 -28.69
N ARG B 255 -21.62 -21.61 -28.20
CA ARG B 255 -21.67 -22.80 -29.04
C ARG B 255 -22.62 -22.62 -30.21
N GLU B 256 -23.76 -21.95 -29.98
CA GLU B 256 -24.71 -21.63 -31.04
C GLU B 256 -25.01 -20.15 -30.95
N PRO B 257 -24.71 -19.37 -31.99
CA PRO B 257 -24.92 -17.92 -31.91
C PRO B 257 -26.31 -17.50 -32.37
N ARG B 258 -26.92 -16.58 -31.62
CA ARG B 258 -28.20 -16.01 -32.02
C ARG B 258 -27.99 -15.07 -33.20
N PRO B 259 -29.05 -14.79 -33.96
CA PRO B 259 -28.90 -13.88 -35.11
C PRO B 259 -28.34 -12.52 -34.68
N GLY B 260 -27.37 -12.03 -35.45
CA GLY B 260 -26.74 -10.77 -35.16
C GLY B 260 -25.54 -10.85 -34.23
N GLU B 261 -25.26 -12.03 -33.66
CA GLU B 261 -24.16 -12.16 -32.71
C GLU B 261 -22.84 -11.72 -33.32
N PHE B 262 -22.54 -12.19 -34.54
CA PHE B 262 -21.28 -11.86 -35.18
C PHE B 262 -21.16 -10.36 -35.43
N GLU B 263 -22.26 -9.70 -35.77
CA GLU B 263 -22.22 -8.24 -35.95
C GLU B 263 -21.81 -7.54 -34.66
N LYS B 264 -22.39 -7.96 -33.53
CA LYS B 264 -22.03 -7.38 -32.25
C LYS B 264 -20.58 -7.65 -31.90
N ILE B 265 -20.11 -8.89 -32.15
CA ILE B 265 -18.72 -9.24 -31.88
C ILE B 265 -17.78 -8.35 -32.70
N ILE B 266 -18.10 -8.19 -33.98
CA ILE B 266 -17.27 -7.38 -34.87
C ILE B 266 -17.25 -5.93 -34.42
N LYS B 267 -18.41 -5.40 -34.05
CA LYS B 267 -18.46 -3.99 -33.67
C LYS B 267 -17.81 -3.72 -32.32
N ARG B 268 -17.83 -4.69 -31.41
CA ARG B 268 -17.10 -4.50 -30.16
C ARG B 268 -15.60 -4.71 -30.34
N LEU B 269 -15.18 -5.52 -31.32
CA LEU B 269 -13.77 -5.53 -31.68
C LEU B 269 -13.38 -4.24 -32.38
N LEU B 270 -14.34 -3.60 -33.04
CA LEU B 270 -14.15 -2.34 -33.75
C LEU B 270 -14.34 -1.13 -32.85
N GLU B 271 -14.75 -1.34 -31.60
CA GLU B 271 -14.97 -0.23 -30.68
C GLU B 271 -13.69 0.56 -30.44
N THR B 272 -12.56 -0.14 -30.26
CA THR B 272 -11.28 0.52 -30.03
C THR B 272 -10.46 0.45 -31.30
N PRO B 273 -10.33 1.57 -32.05
CA PRO B 273 -9.55 1.56 -33.29
C PRO B 273 -8.06 1.77 -33.05
N ASN B 274 -7.50 1.02 -32.10
CA ASN B 274 -6.06 1.01 -31.86
C ASN B 274 -5.46 -0.37 -31.75
N ALA B 275 -6.26 -1.40 -31.43
CA ALA B 275 -5.79 -2.78 -31.39
C ALA B 275 -6.24 -3.47 -32.66
N ARG B 276 -5.29 -3.74 -33.55
CA ARG B 276 -5.57 -4.32 -34.87
C ARG B 276 -4.85 -5.65 -35.04
N ALA B 277 -4.71 -6.41 -33.96
CA ALA B 277 -4.18 -7.76 -33.99
C ALA B 277 -5.17 -8.68 -33.28
N VAL B 278 -5.63 -9.70 -33.99
CA VAL B 278 -6.64 -10.61 -33.49
C VAL B 278 -6.01 -11.99 -33.39
N ILE B 279 -5.74 -12.44 -32.16
CA ILE B 279 -5.14 -13.75 -31.91
C ILE B 279 -6.30 -14.72 -31.72
N MET B 280 -6.73 -15.33 -32.83
CA MET B 280 -7.86 -16.25 -32.78
C MET B 280 -7.42 -17.63 -32.34
N PHE B 281 -8.15 -18.19 -31.38
CA PHE B 281 -8.01 -19.59 -30.98
C PHE B 281 -9.45 -20.13 -31.01
N ALA B 282 -9.88 -20.59 -32.19
CA ALA B 282 -11.27 -20.97 -32.37
C ALA B 282 -11.43 -21.75 -33.67
N ASN B 283 -12.43 -22.62 -33.69
CA ASN B 283 -12.63 -23.54 -34.81
C ASN B 283 -13.23 -22.80 -36.01
N GLU B 284 -13.53 -23.56 -37.07
CA GLU B 284 -13.72 -22.99 -38.41
C GLU B 284 -14.90 -22.03 -38.48
N ASP B 285 -15.92 -22.22 -37.63
CA ASP B 285 -17.13 -21.40 -37.76
C ASP B 285 -16.80 -19.92 -37.54
N ASP B 286 -15.98 -19.62 -36.53
CA ASP B 286 -15.56 -18.24 -36.30
C ASP B 286 -14.83 -17.69 -37.51
N ILE B 287 -13.87 -18.44 -38.05
CA ILE B 287 -13.10 -17.98 -39.20
C ILE B 287 -14.04 -17.59 -40.33
N ARG B 288 -14.84 -18.57 -40.79
CA ARG B 288 -15.72 -18.34 -41.92
C ARG B 288 -16.67 -17.18 -41.67
N ARG B 289 -17.38 -17.22 -40.54
CA ARG B 289 -18.49 -16.29 -40.34
C ARG B 289 -18.02 -14.88 -39.99
N ILE B 290 -16.91 -14.74 -39.26
CA ILE B 290 -16.38 -13.40 -39.00
C ILE B 290 -15.75 -12.81 -40.25
N LEU B 291 -15.11 -13.63 -41.08
CA LEU B 291 -14.50 -13.09 -42.28
C LEU B 291 -15.53 -12.80 -43.38
N GLU B 292 -16.70 -13.45 -43.33
CA GLU B 292 -17.73 -13.16 -44.32
C GLU B 292 -18.72 -12.10 -43.86
N ALA B 293 -19.01 -12.02 -42.56
CA ALA B 293 -19.96 -11.04 -42.04
C ALA B 293 -19.35 -9.66 -41.87
N ALA B 294 -18.05 -9.53 -42.10
CA ALA B 294 -17.36 -8.25 -42.05
C ALA B 294 -17.32 -7.55 -43.40
N LYS B 295 -17.83 -8.19 -44.45
CA LYS B 295 -17.76 -7.60 -45.79
C LYS B 295 -18.54 -6.30 -45.85
N LYS B 296 -19.83 -6.35 -45.55
CA LYS B 296 -20.66 -5.15 -45.62
C LYS B 296 -20.54 -4.29 -44.37
N LEU B 297 -19.87 -4.77 -43.34
CA LEU B 297 -19.67 -3.99 -42.12
C LEU B 297 -18.36 -3.21 -42.13
N ASN B 298 -17.52 -3.40 -43.15
CA ASN B 298 -16.38 -2.54 -43.46
C ASN B 298 -15.39 -2.44 -42.30
N GLN B 299 -14.79 -3.60 -41.97
CA GLN B 299 -13.59 -3.61 -41.16
C GLN B 299 -12.39 -4.14 -41.93
N SER B 300 -12.47 -4.15 -43.26
CA SER B 300 -11.36 -4.60 -44.08
C SER B 300 -10.16 -3.68 -43.91
N GLY B 301 -8.97 -4.28 -43.83
CA GLY B 301 -7.76 -3.49 -43.59
C GLY B 301 -7.73 -2.89 -42.20
N HIS B 302 -8.39 -3.53 -41.24
CA HIS B 302 -8.45 -3.03 -39.88
C HIS B 302 -8.10 -4.09 -38.84
N PHE B 303 -8.01 -5.36 -39.22
CA PHE B 303 -7.64 -6.42 -38.31
C PHE B 303 -6.68 -7.37 -39.00
N LEU B 304 -5.61 -7.73 -38.30
CA LEU B 304 -4.64 -8.70 -38.79
C LEU B 304 -4.75 -9.96 -37.93
N TRP B 305 -4.77 -11.12 -38.58
CA TRP B 305 -5.18 -12.35 -37.95
C TRP B 305 -3.99 -13.25 -37.67
N ILE B 306 -3.93 -13.79 -36.45
CA ILE B 306 -2.94 -14.79 -36.06
C ILE B 306 -3.69 -15.95 -35.44
N GLY B 307 -3.67 -17.11 -36.11
CA GLY B 307 -4.50 -18.22 -35.71
C GLY B 307 -3.72 -19.51 -35.58
N SER B 308 -4.34 -20.46 -34.89
CA SER B 308 -3.77 -21.78 -34.68
C SER B 308 -4.25 -22.74 -35.78
N ASP B 309 -4.00 -24.04 -35.58
CA ASP B 309 -4.36 -25.04 -36.57
C ASP B 309 -5.86 -25.07 -36.87
N SER B 310 -6.70 -24.56 -35.97
CA SER B 310 -8.12 -24.50 -36.25
C SER B 310 -8.36 -23.77 -37.56
N TRP B 311 -7.55 -22.75 -37.86
CA TRP B 311 -7.46 -22.22 -39.21
C TRP B 311 -6.49 -23.05 -40.05
N GLY B 312 -5.24 -23.14 -39.59
CA GLY B 312 -4.26 -23.98 -40.26
C GLY B 312 -3.99 -23.52 -41.70
N SER B 313 -3.47 -24.45 -42.48
CA SER B 313 -3.21 -24.22 -43.90
C SER B 313 -4.44 -24.40 -44.77
N LYS B 314 -5.61 -24.53 -44.16
CA LYS B 314 -6.82 -24.86 -44.90
C LYS B 314 -7.24 -23.72 -45.82
N ILE B 315 -7.96 -24.08 -46.88
CA ILE B 315 -8.60 -23.12 -47.76
C ILE B 315 -10.12 -23.23 -47.70
N ALA B 316 -10.64 -24.31 -47.13
CA ALA B 316 -12.08 -24.47 -46.96
C ALA B 316 -12.73 -23.38 -46.10
N PRO B 317 -12.15 -22.93 -44.96
CA PRO B 317 -12.84 -21.92 -44.13
C PRO B 317 -13.31 -20.71 -44.91
N VAL B 318 -12.42 -20.06 -45.63
CA VAL B 318 -12.80 -18.95 -46.52
C VAL B 318 -12.69 -19.45 -47.95
N TYR B 319 -13.83 -19.62 -48.62
CA TYR B 319 -13.79 -20.00 -50.02
C TYR B 319 -13.41 -18.81 -50.89
N GLN B 320 -13.94 -17.63 -50.60
CA GLN B 320 -13.62 -16.43 -51.35
C GLN B 320 -13.37 -15.23 -50.46
N GLN B 321 -13.47 -15.37 -49.13
CA GLN B 321 -13.20 -14.28 -48.21
C GLN B 321 -11.68 -14.13 -48.10
N GLU B 322 -11.10 -13.56 -49.14
CA GLU B 322 -9.66 -13.37 -49.21
C GLU B 322 -9.24 -11.93 -48.90
N GLU B 323 -10.10 -10.96 -49.21
CA GLU B 323 -9.78 -9.56 -48.95
C GLU B 323 -10.04 -9.17 -47.50
N ILE B 324 -10.65 -10.05 -46.71
CA ILE B 324 -10.80 -9.83 -45.27
C ILE B 324 -9.75 -10.61 -44.49
N ALA B 325 -9.08 -11.57 -45.13
CA ALA B 325 -8.01 -12.36 -44.55
C ALA B 325 -6.77 -12.30 -45.43
N GLU B 326 -6.42 -11.10 -45.90
CA GLU B 326 -5.28 -10.95 -46.80
C GLU B 326 -3.96 -11.23 -46.12
N GLY B 327 -3.96 -11.36 -44.79
CA GLY B 327 -2.73 -11.66 -44.07
C GLY B 327 -3.02 -12.52 -42.86
N ALA B 328 -2.17 -13.51 -42.62
CA ALA B 328 -2.42 -14.45 -41.54
C ALA B 328 -1.10 -15.01 -41.05
N VAL B 329 -1.08 -15.39 -39.78
CA VAL B 329 0.04 -16.09 -39.17
C VAL B 329 -0.52 -17.39 -38.60
N THR B 330 -0.21 -18.50 -39.26
CA THR B 330 -0.77 -19.79 -38.90
C THR B 330 0.31 -20.70 -38.35
N ILE B 331 0.00 -21.39 -37.26
CA ILE B 331 0.93 -22.28 -36.58
C ILE B 331 0.48 -23.72 -36.83
N LEU B 332 1.41 -24.58 -37.24
CA LEU B 332 1.08 -25.98 -37.47
C LEU B 332 2.14 -26.89 -36.86
N PRO B 333 1.74 -28.00 -36.23
CA PRO B 333 2.74 -28.99 -35.83
C PRO B 333 3.51 -29.52 -37.03
N LYS B 334 4.80 -29.78 -36.82
CA LYS B 334 5.65 -30.21 -37.92
C LYS B 334 5.23 -31.58 -38.42
N ARG B 335 5.71 -31.94 -39.60
CA ARG B 335 5.25 -33.14 -40.30
C ARG B 335 6.45 -33.89 -40.85
N ALA B 336 6.26 -35.19 -41.04
CA ALA B 336 7.27 -36.06 -41.65
C ALA B 336 6.58 -37.01 -42.60
N SER B 337 7.34 -37.93 -43.16
CA SER B 337 6.79 -38.93 -44.09
C SER B 337 7.55 -40.23 -43.89
N ILE B 338 6.91 -41.19 -43.23
CA ILE B 338 7.56 -42.47 -42.95
C ILE B 338 7.56 -43.32 -44.22
N ASP B 339 8.74 -43.80 -44.59
CA ASP B 339 8.89 -44.58 -45.82
C ASP B 339 8.67 -46.07 -45.59
N GLY B 340 9.23 -46.62 -44.51
CA GLY B 340 9.08 -48.04 -44.25
C GLY B 340 7.64 -48.43 -43.95
N PHE B 341 6.91 -47.55 -43.27
CA PHE B 341 5.52 -47.87 -42.93
C PHE B 341 4.59 -47.72 -44.13
N ASP B 342 4.89 -46.80 -45.05
CA ASP B 342 4.15 -46.78 -46.31
C ASP B 342 4.36 -48.07 -47.07
N ARG B 343 5.59 -48.59 -47.06
CA ARG B 343 5.86 -49.91 -47.61
C ARG B 343 5.04 -50.97 -46.88
N TYR B 344 4.90 -50.85 -45.57
CA TYR B 344 4.08 -51.79 -44.82
C TYR B 344 2.64 -51.77 -45.33
N PHE B 345 2.08 -50.58 -45.52
CA PHE B 345 0.77 -50.46 -46.16
C PHE B 345 0.73 -51.18 -47.49
N ARG B 346 1.74 -50.94 -48.34
CA ARG B 346 1.72 -51.48 -49.69
C ARG B 346 1.88 -52.99 -49.73
N SER B 347 2.46 -53.59 -48.70
CA SER B 347 2.70 -55.03 -48.69
C SER B 347 1.63 -55.83 -47.95
N ARG B 348 0.59 -55.17 -47.43
CA ARG B 348 -0.47 -55.87 -46.70
C ARG B 348 -1.43 -56.53 -47.66
N THR B 349 -1.54 -57.86 -47.59
CA THR B 349 -2.51 -58.62 -48.35
C THR B 349 -3.69 -58.99 -47.46
N LEU B 350 -4.61 -59.80 -47.99
CA LEU B 350 -5.71 -60.31 -47.20
C LEU B 350 -5.37 -61.62 -46.51
N ALA B 351 -4.55 -62.45 -47.14
CA ALA B 351 -4.14 -63.72 -46.53
C ALA B 351 -3.07 -63.54 -45.46
N ASN B 352 -2.49 -62.34 -45.34
CA ASN B 352 -1.47 -62.08 -44.32
C ASN B 352 -2.06 -61.49 -43.05
N ASN B 353 -2.86 -60.44 -43.17
CA ASN B 353 -3.31 -59.67 -42.01
C ASN B 353 -4.48 -60.37 -41.32
N ARG B 354 -4.25 -61.63 -40.93
CA ARG B 354 -5.13 -62.28 -39.98
C ARG B 354 -4.86 -61.80 -38.56
N ARG B 355 -3.78 -61.03 -38.36
CA ARG B 355 -3.46 -60.47 -37.06
C ARG B 355 -4.43 -59.37 -36.65
N ASN B 356 -5.13 -58.76 -37.61
CA ASN B 356 -6.10 -57.70 -37.33
C ASN B 356 -7.50 -58.32 -37.30
N VAL B 357 -8.19 -58.15 -36.18
CA VAL B 357 -9.57 -58.62 -36.09
C VAL B 357 -10.47 -57.82 -37.03
N TRP B 358 -10.38 -56.49 -36.98
CA TRP B 358 -11.14 -55.63 -37.88
C TRP B 358 -10.24 -55.19 -39.02
N PHE B 359 -10.12 -56.08 -40.01
CA PHE B 359 -9.42 -55.76 -41.25
C PHE B 359 -10.24 -56.06 -42.49
N ALA B 360 -11.24 -56.94 -42.42
CA ALA B 360 -12.19 -57.08 -43.51
C ALA B 360 -13.02 -55.83 -43.68
N GLU B 361 -13.32 -55.14 -42.57
CA GLU B 361 -14.02 -53.86 -42.66
C GLU B 361 -13.21 -52.86 -43.46
N PHE B 362 -11.88 -52.88 -43.31
CA PHE B 362 -11.04 -52.01 -44.11
C PHE B 362 -11.12 -52.34 -45.58
N TRP B 363 -11.14 -53.63 -45.91
CA TRP B 363 -11.28 -54.05 -47.30
C TRP B 363 -12.61 -53.58 -47.87
N GLU B 364 -13.67 -53.66 -47.06
CA GLU B 364 -15.01 -53.30 -47.55
C GLU B 364 -15.15 -51.79 -47.71
N GLU B 365 -14.63 -51.01 -46.77
CA GLU B 365 -14.86 -49.58 -46.80
C GLU B 365 -13.81 -48.80 -47.58
N ASN B 366 -12.66 -49.40 -47.86
CA ASN B 366 -11.65 -48.74 -48.67
C ASN B 366 -11.85 -48.97 -50.16
N PHE B 367 -12.74 -49.89 -50.55
CA PHE B 367 -13.02 -50.17 -51.95
C PHE B 367 -14.50 -50.23 -52.30
N GLY B 368 -15.39 -50.46 -51.33
CA GLY B 368 -16.81 -50.49 -51.61
C GLY B 368 -17.39 -51.84 -51.90
N CYS B 369 -16.69 -52.93 -51.56
CA CYS B 369 -17.14 -54.27 -51.86
C CYS B 369 -17.52 -54.99 -50.57
N LYS B 370 -18.72 -55.57 -50.56
CA LYS B 370 -19.22 -56.34 -49.41
C LYS B 370 -18.96 -57.81 -49.69
N LEU B 371 -17.83 -58.32 -49.22
CA LEU B 371 -17.47 -59.70 -49.47
C LEU B 371 -18.46 -60.66 -48.81
N GLY B 372 -18.85 -60.37 -47.56
CA GLY B 372 -19.78 -61.22 -46.85
C GLY B 372 -21.20 -61.13 -47.39
N SER B 379 -24.01 -52.45 -54.04
CA SER B 379 -22.77 -53.16 -53.72
C SER B 379 -22.17 -53.78 -54.97
N HIS B 380 -20.84 -53.70 -55.09
CA HIS B 380 -20.17 -54.29 -56.24
C HIS B 380 -20.17 -55.81 -56.18
N ILE B 381 -20.43 -56.40 -55.00
CA ILE B 381 -20.43 -57.84 -54.74
C ILE B 381 -19.26 -58.53 -55.46
N LYS B 382 -18.18 -57.80 -55.64
CA LYS B 382 -17.02 -58.35 -56.34
C LYS B 382 -16.30 -59.36 -55.45
N LYS B 383 -15.76 -60.41 -56.06
CA LYS B 383 -14.95 -61.37 -55.31
C LYS B 383 -13.68 -60.73 -54.76
N CYS B 384 -13.30 -59.57 -55.29
CA CYS B 384 -12.26 -58.71 -54.75
C CYS B 384 -10.87 -59.28 -55.01
N THR B 385 -10.82 -60.50 -55.56
CA THR B 385 -9.60 -61.17 -55.97
C THR B 385 -8.40 -60.82 -55.10
N GLY B 386 -7.34 -60.31 -55.72
CA GLY B 386 -6.23 -59.70 -55.01
C GLY B 386 -5.82 -58.41 -55.68
N LEU B 387 -5.85 -57.30 -54.94
CA LEU B 387 -5.61 -55.99 -55.51
C LEU B 387 -4.84 -55.13 -54.53
N GLU B 388 -3.66 -54.66 -54.95
CA GLU B 388 -2.87 -53.76 -54.13
C GLU B 388 -3.60 -52.44 -53.93
N ARG B 389 -3.38 -51.83 -52.77
CA ARG B 389 -4.12 -50.63 -52.38
C ARG B 389 -3.41 -49.35 -52.80
N ILE B 390 -3.05 -49.20 -54.08
CA ILE B 390 -2.61 -47.90 -54.57
C ILE B 390 -3.43 -47.48 -55.78
N ALA B 391 -3.51 -48.35 -56.80
CA ALA B 391 -4.15 -47.98 -58.05
C ALA B 391 -5.66 -48.21 -58.01
N ARG B 392 -6.05 -49.45 -57.72
CA ARG B 392 -7.48 -49.78 -57.61
C ARG B 392 -8.12 -49.14 -56.39
N ASP B 393 -7.33 -48.58 -55.49
CA ASP B 393 -7.83 -47.85 -54.33
C ASP B 393 -7.99 -46.38 -54.68
N SER B 394 -8.86 -45.71 -53.92
CA SER B 394 -9.06 -44.27 -54.08
C SER B 394 -7.79 -43.52 -53.65
N SER B 395 -7.84 -42.19 -53.80
CA SER B 395 -6.70 -41.35 -53.49
C SER B 395 -6.12 -41.69 -52.13
N TYR B 396 -4.84 -42.02 -52.11
CA TYR B 396 -4.18 -42.59 -50.93
C TYR B 396 -3.27 -41.54 -50.29
N GLU B 397 -3.32 -41.47 -48.97
CA GLU B 397 -2.43 -40.63 -48.18
C GLU B 397 -2.48 -41.11 -46.74
N GLN B 398 -1.39 -40.89 -46.01
CA GLN B 398 -1.28 -41.35 -44.63
C GLN B 398 -1.49 -40.18 -43.68
N GLU B 399 -1.42 -40.48 -42.39
CA GLU B 399 -1.55 -39.46 -41.37
C GLU B 399 -0.19 -38.88 -41.01
N GLY B 400 -0.21 -37.82 -40.20
CA GLY B 400 1.01 -37.18 -39.77
C GLY B 400 1.48 -37.64 -38.41
N LYS B 401 0.62 -38.39 -37.71
CA LYS B 401 0.90 -38.80 -36.34
C LYS B 401 1.43 -40.22 -36.24
N VAL B 402 1.77 -40.86 -37.36
CA VAL B 402 2.35 -42.20 -37.31
C VAL B 402 3.73 -42.15 -36.67
N GLN B 403 4.47 -41.07 -36.92
CA GLN B 403 5.81 -40.95 -36.34
C GLN B 403 5.74 -40.97 -34.82
N PHE B 404 4.71 -40.36 -34.23
CA PHE B 404 4.62 -40.29 -32.78
C PHE B 404 4.26 -41.63 -32.17
N VAL B 405 3.39 -42.41 -32.82
CA VAL B 405 3.06 -43.72 -32.29
C VAL B 405 4.23 -44.69 -32.47
N ILE B 406 5.09 -44.46 -33.45
CA ILE B 406 6.34 -45.23 -33.51
C ILE B 406 7.30 -44.80 -32.40
N ASP B 407 7.41 -43.49 -32.17
CA ASP B 407 8.31 -42.98 -31.15
C ASP B 407 7.94 -43.47 -29.76
N ALA B 408 6.64 -43.62 -29.48
CA ALA B 408 6.22 -44.07 -28.15
C ALA B 408 6.72 -45.49 -27.86
N VAL B 409 6.51 -46.41 -28.78
CA VAL B 409 6.95 -47.79 -28.54
C VAL B 409 8.47 -47.87 -28.51
N TYR B 410 9.15 -47.06 -29.34
CA TYR B 410 10.60 -47.05 -29.27
C TYR B 410 11.08 -46.55 -27.90
N SER B 411 10.43 -45.52 -27.37
CA SER B 411 10.81 -45.01 -26.06
C SER B 411 10.59 -46.04 -24.96
N MET B 412 9.48 -46.77 -25.03
CA MET B 412 9.23 -47.80 -24.01
C MET B 412 10.27 -48.92 -24.08
N ALA B 413 10.61 -49.37 -25.29
CA ALA B 413 11.62 -50.41 -25.43
C ALA B 413 12.98 -49.93 -24.93
N TYR B 414 13.33 -48.68 -25.23
CA TYR B 414 14.58 -48.12 -24.74
C TYR B 414 14.58 -48.02 -23.21
N ALA B 415 13.44 -47.69 -22.62
CA ALA B 415 13.35 -47.65 -21.16
C ALA B 415 13.63 -49.03 -20.57
N LEU B 416 13.04 -50.08 -21.16
CA LEU B 416 13.31 -51.43 -20.66
C LEU B 416 14.78 -51.81 -20.82
N HIS B 417 15.38 -51.44 -21.95
CA HIS B 417 16.79 -51.74 -22.17
C HIS B 417 17.68 -51.05 -21.15
N ASN B 418 17.40 -49.77 -20.87
CA ASN B 418 18.18 -49.04 -19.89
C ASN B 418 18.00 -49.63 -18.50
N MET B 419 16.80 -50.07 -18.16
CA MET B 419 16.58 -50.73 -16.88
C MET B 419 17.37 -52.04 -16.80
N HIS B 420 17.43 -52.78 -17.91
CA HIS B 420 18.21 -54.01 -17.94
C HIS B 420 19.69 -53.74 -17.71
N LYS B 421 20.20 -52.66 -18.30
CA LYS B 421 21.61 -52.31 -18.11
C LYS B 421 22.01 -52.25 -16.64
N ASP B 422 21.10 -51.88 -15.75
CA ASP B 422 21.43 -51.72 -14.34
C ASP B 422 20.96 -52.87 -13.48
N LEU B 423 19.71 -53.31 -13.64
CA LEU B 423 19.13 -54.26 -12.69
C LEU B 423 19.76 -55.65 -12.85
N CYS B 424 19.89 -56.13 -14.09
CA CYS B 424 20.45 -57.44 -14.39
C CYS B 424 21.76 -57.27 -15.15
N PRO B 425 22.91 -57.32 -14.48
CA PRO B 425 24.18 -57.08 -15.19
C PRO B 425 24.75 -58.34 -15.81
N GLY B 426 25.11 -58.26 -17.08
CA GLY B 426 25.90 -59.30 -17.74
C GLY B 426 25.12 -60.53 -18.16
N TYR B 427 24.04 -60.84 -17.44
CA TYR B 427 23.27 -62.04 -17.71
C TYR B 427 22.32 -61.77 -18.87
N ILE B 428 22.55 -62.44 -20.01
CA ILE B 428 21.70 -62.25 -21.16
C ILE B 428 20.34 -62.89 -20.90
N GLY B 429 19.31 -62.33 -21.52
CA GLY B 429 17.94 -62.79 -21.28
C GLY B 429 17.28 -61.99 -20.15
N LEU B 430 16.97 -62.67 -19.06
CA LEU B 430 16.35 -62.04 -17.91
C LEU B 430 17.04 -62.49 -16.62
N CYS B 431 16.74 -61.77 -15.55
CA CYS B 431 17.16 -62.09 -14.20
C CYS B 431 15.95 -62.17 -13.30
N PRO B 432 15.98 -63.01 -12.26
CA PRO B 432 14.86 -63.03 -11.31
C PRO B 432 14.60 -61.69 -10.67
N ARG B 433 15.66 -60.92 -10.39
CA ARG B 433 15.49 -59.56 -9.90
C ARG B 433 14.76 -58.70 -10.92
N MET B 434 15.04 -58.92 -12.20
CA MET B 434 14.45 -58.14 -13.28
C MET B 434 13.12 -58.73 -13.77
N SER B 435 12.70 -59.85 -13.19
CA SER B 435 11.48 -60.51 -13.66
C SER B 435 10.25 -59.63 -13.48
N THR B 436 10.14 -58.95 -12.35
CA THR B 436 9.06 -57.99 -12.16
C THR B 436 9.49 -56.61 -12.68
N ILE B 437 8.68 -56.04 -13.57
CA ILE B 437 8.97 -54.72 -14.15
C ILE B 437 8.28 -53.71 -13.25
N ASP B 438 9.01 -53.26 -12.23
CA ASP B 438 8.49 -52.27 -11.29
C ASP B 438 8.05 -51.00 -12.01
N GLY B 439 6.88 -50.48 -11.62
CA GLY B 439 6.36 -49.30 -12.28
C GLY B 439 7.19 -48.05 -12.03
N LYS B 440 7.66 -47.87 -10.81
CA LYS B 440 8.37 -46.64 -10.46
C LYS B 440 9.72 -46.56 -11.16
N GLU B 441 10.47 -47.66 -11.17
CA GLU B 441 11.75 -47.67 -11.88
C GLU B 441 11.57 -47.43 -13.37
N LEU B 442 10.55 -48.07 -13.97
CA LEU B 442 10.29 -47.86 -15.39
C LEU B 442 9.91 -46.42 -15.68
N LEU B 443 9.08 -45.81 -14.81
CA LEU B 443 8.73 -44.41 -15.00
C LEU B 443 9.95 -43.51 -14.89
N GLY B 444 10.85 -43.82 -13.96
CA GLY B 444 12.07 -43.05 -13.85
C GLY B 444 12.95 -43.18 -15.09
N TYR B 445 13.01 -44.38 -15.65
CA TYR B 445 13.86 -44.59 -16.82
C TYR B 445 13.24 -44.05 -18.10
N ILE B 446 11.91 -43.96 -18.16
CA ILE B 446 11.25 -43.40 -19.35
C ILE B 446 11.66 -41.94 -19.52
N ARG B 447 11.61 -41.16 -18.44
CA ARG B 447 12.05 -39.77 -18.53
C ARG B 447 13.55 -39.68 -18.29
N ALA B 448 14.31 -40.52 -19.01
CA ALA B 448 15.77 -40.39 -19.01
C ALA B 448 16.36 -40.64 -20.40
N VAL B 449 15.53 -40.59 -21.45
CA VAL B 449 15.93 -41.03 -22.78
C VAL B 449 16.20 -39.83 -23.65
N ASN B 450 17.38 -39.82 -24.29
CA ASN B 450 17.75 -38.83 -25.29
C ASN B 450 18.23 -39.62 -26.50
N PHE B 451 17.28 -39.98 -27.37
CA PHE B 451 17.57 -40.73 -28.58
C PHE B 451 16.84 -40.06 -29.74
N ASN B 452 17.05 -40.59 -30.94
CA ASN B 452 16.39 -40.09 -32.13
C ASN B 452 16.11 -41.24 -33.08
N GLY B 453 14.93 -41.21 -33.70
CA GLY B 453 14.56 -42.25 -34.63
C GLY B 453 13.28 -41.94 -35.36
N SER B 454 13.16 -42.52 -36.56
CA SER B 454 11.96 -42.52 -37.39
C SER B 454 11.72 -41.18 -38.05
N ALA B 455 12.50 -40.16 -37.65
CA ALA B 455 12.54 -38.90 -38.38
C ALA B 455 13.95 -38.37 -38.59
N GLY B 456 14.92 -38.79 -37.79
CA GLY B 456 16.20 -38.12 -37.70
C GLY B 456 16.23 -37.01 -36.65
N THR B 457 15.08 -36.73 -35.99
CA THR B 457 14.86 -35.72 -34.96
C THR B 457 14.81 -36.35 -33.58
N PRO B 458 15.28 -35.65 -32.55
CA PRO B 458 15.34 -36.25 -31.22
C PRO B 458 13.99 -36.29 -30.53
N VAL B 459 13.82 -37.31 -29.69
CA VAL B 459 12.66 -37.47 -28.83
C VAL B 459 13.15 -37.50 -27.39
N THR B 460 12.61 -36.60 -26.56
CA THR B 460 13.03 -36.51 -25.17
C THR B 460 11.87 -35.95 -24.35
N PHE B 461 11.94 -36.17 -23.04
CA PHE B 461 10.91 -35.73 -22.12
C PHE B 461 11.53 -34.86 -21.03
N ASN B 462 10.81 -33.80 -20.64
CA ASN B 462 11.21 -33.02 -19.50
C ASN B 462 10.78 -33.73 -18.22
N GLU B 463 10.99 -33.08 -17.07
CA GLU B 463 10.60 -33.67 -15.80
C GLU B 463 9.08 -33.89 -15.73
N ASN B 464 8.30 -33.03 -16.39
CA ASN B 464 6.86 -33.19 -16.39
C ASN B 464 6.41 -34.39 -17.21
N GLY B 465 7.22 -34.78 -18.21
CA GLY B 465 6.87 -35.87 -19.09
C GLY B 465 6.40 -35.43 -20.46
N ASP B 466 6.23 -34.13 -20.69
CA ASP B 466 5.81 -33.62 -21.98
C ASP B 466 6.96 -33.67 -22.97
N ALA B 467 6.68 -33.28 -24.20
CA ALA B 467 7.68 -33.26 -25.25
C ALA B 467 7.92 -31.85 -25.74
N PRO B 468 9.14 -31.52 -26.14
CA PRO B 468 9.40 -30.18 -26.69
C PRO B 468 8.61 -29.97 -27.98
N GLY B 469 8.20 -28.72 -28.20
CA GLY B 469 7.31 -28.38 -29.30
C GLY B 469 8.07 -27.91 -30.52
N ARG B 470 7.68 -28.46 -31.67
CA ARG B 470 8.29 -28.09 -32.96
C ARG B 470 7.16 -27.75 -33.93
N TYR B 471 6.94 -26.46 -34.16
CA TYR B 471 5.90 -25.96 -35.05
C TYR B 471 6.52 -25.24 -36.24
N ASP B 472 5.72 -25.05 -37.27
CA ASP B 472 6.09 -24.19 -38.40
C ASP B 472 5.02 -23.13 -38.60
N ILE B 473 5.43 -22.02 -39.22
CA ILE B 473 4.60 -20.82 -39.32
C ILE B 473 4.39 -20.52 -40.80
N PHE B 474 3.14 -20.37 -41.19
CA PHE B 474 2.77 -20.07 -42.56
C PHE B 474 2.08 -18.72 -42.63
N GLN B 475 2.15 -18.08 -43.80
CA GLN B 475 1.58 -16.77 -44.04
C GLN B 475 0.75 -16.82 -45.31
N TYR B 476 -0.34 -16.08 -45.32
CA TYR B 476 -1.31 -16.10 -46.41
C TYR B 476 -1.38 -14.70 -47.02
N GLN B 477 -1.09 -14.60 -48.32
CA GLN B 477 -1.26 -13.37 -49.06
C GLN B 477 -1.83 -13.72 -50.42
N ILE B 478 -2.08 -12.70 -51.24
CA ILE B 478 -2.48 -12.90 -52.62
C ILE B 478 -1.69 -11.96 -53.50
N THR B 479 -1.58 -12.34 -54.76
CA THR B 479 -1.09 -11.49 -55.84
C THR B 479 -1.68 -12.07 -57.12
N ASN B 480 -1.48 -11.38 -58.23
CA ASN B 480 -1.97 -11.88 -59.52
C ASN B 480 -1.44 -13.28 -59.76
N LYS B 481 -2.36 -14.24 -59.83
CA LYS B 481 -2.16 -15.67 -60.09
C LYS B 481 -1.55 -16.40 -58.88
N SER B 482 -1.19 -15.70 -57.80
CA SER B 482 -0.59 -16.33 -56.63
C SER B 482 -1.55 -16.27 -55.45
N THR B 483 -1.88 -17.44 -54.90
CA THR B 483 -2.72 -17.53 -53.71
C THR B 483 -2.29 -18.78 -52.95
N GLU B 484 -1.46 -18.60 -51.92
CA GLU B 484 -0.78 -19.74 -51.30
C GLU B 484 -0.43 -19.39 -49.86
N TYR B 485 0.25 -20.34 -49.20
CA TYR B 485 0.67 -20.25 -47.81
C TYR B 485 2.19 -20.37 -47.78
N LYS B 486 2.88 -19.24 -47.88
CA LYS B 486 4.34 -19.30 -47.87
C LYS B 486 4.84 -19.64 -46.46
N VAL B 487 6.03 -20.21 -46.40
CA VAL B 487 6.63 -20.59 -45.12
C VAL B 487 7.51 -19.43 -44.67
N ILE B 488 7.11 -18.77 -43.58
CA ILE B 488 7.87 -17.64 -43.05
C ILE B 488 8.79 -18.05 -41.91
N GLY B 489 8.82 -19.33 -41.55
CA GLY B 489 9.71 -19.79 -40.51
C GLY B 489 9.12 -20.84 -39.60
N HIS B 490 9.63 -20.95 -38.39
CA HIS B 490 9.23 -22.05 -37.52
C HIS B 490 9.48 -21.67 -36.06
N TRP B 491 9.20 -22.63 -35.18
CA TRP B 491 9.31 -22.43 -33.74
C TRP B 491 9.71 -23.77 -33.13
N THR B 492 11.00 -23.94 -32.85
CA THR B 492 11.52 -25.13 -32.15
C THR B 492 12.33 -24.62 -30.96
N ASN B 493 11.64 -24.40 -29.84
CA ASN B 493 12.21 -23.92 -28.59
C ASN B 493 12.70 -22.47 -28.72
N GLN B 494 12.61 -21.93 -29.93
CA GLN B 494 12.93 -20.53 -30.23
C GLN B 494 12.00 -20.08 -31.34
N LEU B 495 12.14 -18.82 -31.74
CA LEU B 495 11.37 -18.26 -32.84
C LEU B 495 12.30 -18.02 -34.03
N HIS B 496 11.84 -18.38 -35.23
CA HIS B 496 12.56 -18.07 -36.46
C HIS B 496 11.55 -17.54 -37.46
N LEU B 497 11.62 -16.24 -37.74
CA LEU B 497 10.70 -15.56 -38.63
C LEU B 497 11.48 -14.93 -39.78
N LYS B 498 10.98 -15.13 -41.00
CA LYS B 498 11.51 -14.41 -42.16
C LYS B 498 10.67 -13.16 -42.34
N VAL B 499 11.07 -12.08 -41.68
CA VAL B 499 10.28 -10.85 -41.68
C VAL B 499 10.18 -10.28 -43.08
N GLU B 500 11.30 -10.23 -43.80
CA GLU B 500 11.27 -9.72 -45.17
C GLU B 500 10.42 -10.58 -46.09
N ASP B 501 10.17 -11.84 -45.72
CA ASP B 501 9.31 -12.69 -46.52
C ASP B 501 7.85 -12.33 -46.36
N MET B 502 7.46 -11.83 -45.18
CA MET B 502 6.07 -11.46 -44.94
C MET B 502 5.65 -10.32 -45.87
N GLN B 503 4.39 -10.35 -46.29
CA GLN B 503 3.84 -9.33 -47.17
C GLN B 503 2.47 -8.93 -46.65
N TRP B 504 2.32 -7.66 -46.29
CA TRP B 504 1.06 -7.11 -45.79
C TRP B 504 0.49 -6.07 -46.76
N ALA B 505 0.57 -6.34 -48.06
CA ALA B 505 0.37 -5.32 -49.08
C ALA B 505 -1.12 -5.04 -49.28
N HIS B 506 -1.77 -4.68 -48.17
CA HIS B 506 -3.17 -4.23 -48.19
C HIS B 506 -3.32 -3.21 -47.08
N ARG B 507 -3.22 -1.92 -47.44
CA ARG B 507 -3.35 -0.74 -46.58
C ARG B 507 -2.13 -0.52 -45.68
N GLU B 508 -1.11 -1.37 -45.74
CA GLU B 508 0.10 -1.20 -44.94
C GLU B 508 1.30 -1.56 -45.80
N HIS B 509 1.99 -0.54 -46.34
CA HIS B 509 3.18 -0.78 -47.13
C HIS B 509 4.28 -1.41 -46.29
N THR B 510 4.59 -0.81 -45.14
CA THR B 510 5.57 -1.34 -44.21
C THR B 510 4.86 -2.28 -43.24
N HIS B 511 5.58 -2.72 -42.20
CA HIS B 511 4.97 -3.56 -41.19
C HIS B 511 3.91 -2.77 -40.42
N PRO B 512 2.70 -3.33 -40.26
CA PRO B 512 1.63 -2.60 -39.57
C PRO B 512 1.93 -2.34 -38.10
N ALA B 513 1.07 -1.58 -37.44
CA ALA B 513 1.27 -1.17 -36.07
C ALA B 513 0.02 -1.40 -35.25
N SER B 514 0.20 -1.80 -33.99
CA SER B 514 -0.93 -1.95 -33.08
C SER B 514 -0.64 -1.38 -31.69
N VAL B 515 0.37 -0.54 -31.54
CA VAL B 515 0.72 -0.02 -30.22
C VAL B 515 -0.42 0.82 -29.66
N CYS B 516 -0.69 0.66 -28.37
CA CYS B 516 -1.74 1.42 -27.71
C CYS B 516 -1.42 2.91 -27.72
N SER B 517 -0.17 3.27 -27.46
CA SER B 517 0.28 4.64 -27.49
C SER B 517 1.59 4.71 -28.26
N LEU B 518 1.95 5.91 -28.68
CA LEU B 518 3.07 6.10 -29.57
C LEU B 518 4.11 7.00 -28.92
N PRO B 519 5.39 6.64 -28.99
CA PRO B 519 6.43 7.47 -28.34
C PRO B 519 6.41 8.89 -28.87
N CYS B 520 6.43 9.85 -27.95
CA CYS B 520 6.26 11.25 -28.31
C CYS B 520 7.61 11.91 -28.56
N LYS B 521 7.57 13.23 -28.76
CA LYS B 521 8.71 14.11 -28.85
C LYS B 521 9.28 14.36 -27.46
N PRO B 522 10.59 14.58 -27.34
CA PRO B 522 11.14 14.96 -26.03
C PRO B 522 10.66 16.33 -25.59
N GLY B 523 10.61 16.50 -24.27
CA GLY B 523 10.00 17.66 -23.66
C GLY B 523 8.52 17.54 -23.35
N GLU B 524 7.91 16.36 -23.55
CA GLU B 524 6.50 16.14 -23.26
C GLU B 524 6.39 14.91 -22.34
N ARG B 525 6.35 15.17 -21.04
CA ARG B 525 6.27 14.12 -20.01
C ARG B 525 5.18 13.11 -20.32
N LYS B 526 5.58 11.85 -20.46
CA LYS B 526 4.67 10.76 -20.78
C LYS B 526 4.25 10.05 -19.50
N LYS B 527 3.03 10.33 -19.04
CA LYS B 527 2.49 9.69 -17.85
C LYS B 527 1.88 8.36 -18.25
N THR B 528 2.52 7.27 -17.84
CA THR B 528 1.97 5.94 -18.06
C THR B 528 0.66 5.77 -17.29
N VAL B 529 -0.41 5.43 -18.00
CA VAL B 529 -1.69 5.18 -17.33
C VAL B 529 -1.55 3.96 -16.42
N LYS B 530 -2.04 4.10 -15.20
CA LYS B 530 -1.90 3.03 -14.21
C LYS B 530 -2.61 1.77 -14.67
N GLY B 531 -1.98 0.62 -14.38
CA GLY B 531 -2.55 -0.67 -14.67
C GLY B 531 -2.28 -1.22 -16.05
N VAL B 532 -1.76 -0.40 -16.96
CA VAL B 532 -1.47 -0.82 -18.33
C VAL B 532 -0.18 -0.17 -18.78
N PRO B 533 0.97 -0.81 -18.58
CA PRO B 533 2.23 -0.21 -19.05
C PRO B 533 2.27 0.08 -20.54
N CYS B 534 1.56 -0.71 -21.35
CA CYS B 534 1.57 -0.52 -22.79
C CYS B 534 0.95 0.81 -23.22
N CYS B 535 0.24 1.49 -22.34
CA CYS B 535 -0.42 2.75 -22.68
C CYS B 535 0.12 3.89 -21.81
N TRP B 536 -0.01 5.10 -22.34
CA TRP B 536 0.43 6.32 -21.66
C TRP B 536 -0.20 7.51 -22.35
N HIS B 537 -0.04 8.68 -21.73
CA HIS B 537 -0.57 9.92 -22.26
C HIS B 537 0.47 11.01 -22.06
N CYS B 538 0.81 11.72 -23.14
CA CYS B 538 1.85 12.72 -23.12
C CYS B 538 1.27 14.09 -22.78
N GLU B 539 1.95 14.80 -21.88
CA GLU B 539 1.61 16.17 -21.52
C GLU B 539 2.81 17.08 -21.69
N ARG B 540 2.56 18.24 -22.28
CA ARG B 540 3.62 19.24 -22.43
C ARG B 540 4.16 19.65 -21.07
N CYS B 541 5.48 19.78 -20.98
CA CYS B 541 6.13 20.27 -19.77
C CYS B 541 6.79 21.62 -19.99
N GLU B 542 6.20 22.45 -20.85
CA GLU B 542 6.68 23.81 -21.02
C GLU B 542 6.55 24.60 -19.73
N GLY B 543 7.39 25.61 -19.59
CA GLY B 543 7.47 26.41 -18.39
C GLY B 543 8.89 26.43 -17.85
N TYR B 544 9.05 27.18 -16.75
CA TYR B 544 10.37 27.31 -16.14
C TYR B 544 10.97 25.95 -15.79
N ASN B 545 10.14 24.97 -15.49
CA ASN B 545 10.62 23.60 -15.30
C ASN B 545 11.32 23.05 -16.54
N TYR B 546 12.51 22.52 -16.34
CA TYR B 546 13.28 21.84 -17.38
C TYR B 546 12.72 20.44 -17.61
N GLN B 547 13.04 19.87 -18.77
CA GLN B 547 12.61 18.53 -19.14
C GLN B 547 13.77 17.56 -19.02
N VAL B 548 13.71 16.68 -18.02
CA VAL B 548 14.83 15.81 -17.68
C VAL B 548 14.70 14.46 -18.34
N ASP B 549 13.61 13.74 -18.02
CA ASP B 549 13.46 12.38 -18.48
C ASP B 549 12.10 12.17 -19.15
N GLU B 550 11.78 10.91 -19.47
CA GLU B 550 10.49 10.61 -20.09
C GLU B 550 9.35 10.98 -19.15
N LEU B 551 9.48 10.63 -17.86
CA LEU B 551 8.49 10.99 -16.86
C LEU B 551 8.98 12.07 -15.91
N SER B 552 10.24 12.48 -16.01
CA SER B 552 10.82 13.46 -15.09
C SER B 552 11.08 14.76 -15.82
N CYS B 553 10.48 15.84 -15.32
CA CYS B 553 10.79 17.19 -15.80
C CYS B 553 10.55 18.15 -14.64
N GLU B 554 11.64 18.55 -13.99
CA GLU B 554 11.57 19.41 -12.81
C GLU B 554 12.11 20.80 -13.15
N LEU B 555 12.03 21.69 -12.16
CA LEU B 555 12.41 23.08 -12.37
C LEU B 555 13.92 23.23 -12.49
N CYS B 556 14.35 24.03 -13.44
CA CYS B 556 15.74 24.43 -13.55
C CYS B 556 15.94 25.79 -12.88
N PRO B 557 17.17 26.10 -12.45
CA PRO B 557 17.36 27.25 -11.56
C PRO B 557 16.89 28.57 -12.17
N LEU B 558 16.42 29.47 -11.29
CA LEU B 558 15.84 30.73 -11.72
C LEU B 558 16.77 31.50 -12.65
N ASP B 559 18.07 31.32 -12.51
CA ASP B 559 19.04 31.95 -13.39
C ASP B 559 19.11 31.25 -14.78
N GLN B 560 18.21 30.31 -15.07
CA GLN B 560 18.21 29.59 -16.34
C GLN B 560 16.81 29.62 -16.96
N ARG B 561 16.56 30.61 -17.82
CA ARG B 561 15.35 30.63 -18.65
C ARG B 561 15.17 29.31 -19.38
N PRO B 562 14.00 28.67 -19.29
CA PRO B 562 13.80 27.41 -20.02
C PRO B 562 13.89 27.60 -21.52
N ASN B 563 14.55 26.65 -22.19
CA ASN B 563 14.89 26.80 -23.59
C ASN B 563 13.65 26.84 -24.48
N MET B 564 13.74 27.61 -25.57
CA MET B 564 12.71 27.67 -26.59
C MET B 564 12.59 26.37 -27.36
N ASN B 565 13.53 25.45 -27.18
CA ASN B 565 13.48 24.13 -27.79
C ASN B 565 12.53 23.18 -27.07
N ARG B 566 11.67 23.73 -26.21
CA ARG B 566 10.74 22.97 -25.38
C ARG B 566 11.48 22.09 -24.38
N THR B 567 12.80 22.24 -24.29
CA THR B 567 13.67 21.48 -23.39
C THR B 567 15.04 22.14 -23.29
N GLY B 568 15.55 22.28 -22.09
CA GLY B 568 16.79 22.99 -21.83
C GLY B 568 16.54 24.33 -21.16
N CYS B 569 17.63 24.89 -20.64
CA CYS B 569 17.57 26.16 -19.93
C CYS B 569 18.81 26.99 -20.23
N GLN B 570 18.64 28.30 -20.27
CA GLN B 570 19.72 29.20 -20.65
C GLN B 570 19.62 30.50 -19.86
N LEU B 571 20.73 31.24 -19.83
CA LEU B 571 20.82 32.48 -19.09
C LEU B 571 19.79 33.50 -19.56
N ILE B 572 19.23 34.23 -18.60
CA ILE B 572 18.32 35.32 -18.92
C ILE B 572 19.14 36.55 -19.31
N PRO B 573 18.79 37.25 -20.40
CA PRO B 573 19.50 38.49 -20.71
C PRO B 573 19.33 39.53 -19.61
N ILE B 574 20.39 40.28 -19.37
CA ILE B 574 20.43 41.30 -18.33
C ILE B 574 20.38 42.66 -19.01
N ILE B 575 19.42 43.48 -18.61
CA ILE B 575 19.24 44.81 -19.18
C ILE B 575 19.67 45.84 -18.16
N LYS B 576 20.24 46.94 -18.64
CA LYS B 576 20.76 47.99 -17.78
C LYS B 576 20.40 49.34 -18.36
N LEU B 577 20.31 50.34 -17.49
CA LEU B 577 20.11 51.71 -17.95
C LEU B 577 21.21 52.08 -18.93
N GLU B 578 20.84 52.34 -20.18
CA GLU B 578 21.82 52.58 -21.23
C GLU B 578 22.24 54.05 -21.25
N TRP B 579 23.48 54.27 -21.70
CA TRP B 579 24.01 55.63 -21.77
C TRP B 579 23.19 56.50 -22.70
N HIS B 580 22.84 55.97 -23.87
CA HIS B 580 21.96 56.64 -24.81
C HIS B 580 20.56 56.09 -24.64
N SER B 581 19.70 56.86 -23.97
CA SER B 581 18.33 56.47 -23.68
C SER B 581 17.44 57.69 -23.76
N PRO B 582 16.15 57.52 -24.02
CA PRO B 582 15.27 58.69 -24.15
C PRO B 582 14.92 59.32 -22.82
N TRP B 583 15.60 58.89 -21.76
CA TRP B 583 15.39 59.44 -20.43
C TRP B 583 16.65 60.01 -19.79
N ALA B 584 17.84 59.57 -20.20
CA ALA B 584 19.09 60.06 -19.64
C ALA B 584 19.74 61.17 -20.46
N VAL B 585 19.34 61.33 -21.72
CA VAL B 585 19.95 62.35 -22.58
C VAL B 585 19.74 63.75 -22.01
N VAL B 586 18.49 64.09 -21.67
CA VAL B 586 18.24 65.45 -21.14
C VAL B 586 18.93 65.72 -19.80
N PRO B 587 18.98 64.79 -18.84
CA PRO B 587 19.80 65.09 -17.64
C PRO B 587 21.29 65.23 -17.93
N VAL B 588 21.90 64.36 -18.75
CA VAL B 588 23.34 64.55 -19.01
C VAL B 588 23.56 65.85 -19.77
N PHE B 589 22.65 66.22 -20.66
CA PHE B 589 22.80 67.46 -21.41
C PHE B 589 22.73 68.67 -20.50
N VAL B 590 21.72 68.74 -19.63
CA VAL B 590 21.65 69.87 -18.69
C VAL B 590 22.84 69.84 -17.73
N ALA B 591 23.33 68.66 -17.37
CA ALA B 591 24.51 68.55 -16.52
C ALA B 591 25.73 69.18 -17.16
N ILE B 592 26.01 68.86 -18.42
CA ILE B 592 27.17 69.44 -19.09
C ILE B 592 26.97 70.93 -19.34
N LEU B 593 25.74 71.35 -19.68
CA LEU B 593 25.46 72.78 -19.78
C LEU B 593 25.81 73.49 -18.49
N GLY B 594 25.43 72.90 -17.35
CA GLY B 594 25.79 73.48 -16.07
C GLY B 594 27.29 73.52 -15.84
N ILE B 595 27.98 72.41 -16.14
CA ILE B 595 29.42 72.38 -15.87
C ILE B 595 30.18 73.34 -16.78
N ILE B 596 29.55 73.83 -17.84
CA ILE B 596 30.19 74.85 -18.66
C ILE B 596 30.03 76.22 -18.03
N ALA B 597 28.78 76.64 -17.79
CA ALA B 597 28.54 77.98 -17.26
C ALA B 597 29.13 78.17 -15.87
N THR B 598 28.97 77.17 -15.00
CA THR B 598 29.54 77.25 -13.65
C THR B 598 31.05 77.37 -13.73
N THR B 599 31.68 76.57 -14.58
CA THR B 599 33.13 76.67 -14.76
C THR B 599 33.52 78.05 -15.25
N PHE B 600 32.73 78.62 -16.17
CA PHE B 600 33.01 79.97 -16.65
C PHE B 600 32.98 80.98 -15.51
N VAL B 601 31.98 80.88 -14.64
CA VAL B 601 31.89 81.83 -13.53
C VAL B 601 33.06 81.64 -12.58
N ILE B 602 33.39 80.39 -12.26
CA ILE B 602 34.52 80.12 -11.37
C ILE B 602 35.80 80.72 -11.94
N VAL B 603 36.00 80.57 -13.25
CA VAL B 603 37.15 81.19 -13.90
C VAL B 603 37.13 82.70 -13.70
N THR B 604 35.95 83.31 -13.88
CA THR B 604 35.86 84.76 -13.69
C THR B 604 36.27 85.17 -12.28
N PHE B 605 35.75 84.47 -11.26
CA PHE B 605 35.96 84.90 -9.87
C PHE B 605 37.43 84.90 -9.50
N VAL B 606 38.13 83.79 -9.76
CA VAL B 606 39.46 83.59 -9.19
C VAL B 606 40.44 84.63 -9.74
N ARG B 607 40.33 84.98 -11.02
CA ARG B 607 41.22 85.96 -11.60
C ARG B 607 41.03 87.34 -10.98
N TYR B 608 39.84 87.61 -10.44
CA TYR B 608 39.47 88.95 -9.98
C TYR B 608 39.10 88.95 -8.50
N ASN B 609 39.77 88.13 -7.70
CA ASN B 609 39.43 88.03 -6.28
C ASN B 609 39.53 89.37 -5.58
N ASP B 610 40.61 90.11 -5.83
CA ASP B 610 40.83 91.38 -5.16
C ASP B 610 39.95 92.49 -5.73
N THR B 611 39.50 92.34 -6.97
CA THR B 611 38.67 93.34 -7.60
C THR B 611 37.42 93.60 -6.76
N PRO B 612 37.02 94.87 -6.58
CA PRO B 612 35.79 95.17 -5.84
C PRO B 612 34.57 94.46 -6.39
N ILE B 613 33.50 94.38 -5.58
CA ILE B 613 32.26 93.65 -5.89
C ILE B 613 32.53 92.16 -5.78
N VAL B 614 33.64 91.69 -6.38
CA VAL B 614 34.05 90.30 -6.29
C VAL B 614 34.88 90.06 -5.03
N ARG B 615 35.02 91.07 -4.16
CA ARG B 615 35.84 90.93 -2.96
C ARG B 615 35.28 89.88 -2.03
N ALA B 616 33.96 89.88 -1.81
CA ALA B 616 33.35 88.82 -1.00
C ALA B 616 33.55 87.46 -1.65
N SER B 617 33.49 87.41 -2.99
CA SER B 617 33.77 86.16 -3.70
C SER B 617 35.22 85.70 -3.50
N GLY B 618 36.14 86.64 -3.29
CA GLY B 618 37.53 86.26 -3.12
C GLY B 618 37.76 85.31 -1.96
N ARG B 619 37.02 85.50 -0.87
CA ARG B 619 37.13 84.62 0.28
C ARG B 619 36.66 83.21 -0.06
N GLU B 620 37.31 82.22 0.56
CA GLU B 620 37.18 80.81 0.21
C GLU B 620 35.77 80.27 0.43
N LEU B 621 34.88 81.08 1.01
CA LEU B 621 33.47 80.70 1.08
C LEU B 621 32.90 80.48 -0.32
N SER B 622 33.19 81.41 -1.24
CA SER B 622 32.82 81.25 -2.63
C SER B 622 33.50 80.01 -3.22
N TYR B 623 34.75 79.77 -2.82
CA TYR B 623 35.43 78.56 -3.28
C TYR B 623 34.63 77.32 -2.91
N VAL B 624 34.18 77.23 -1.66
CA VAL B 624 33.50 76.03 -1.22
C VAL B 624 32.13 75.88 -1.89
N LEU B 625 31.41 77.00 -2.06
CA LEU B 625 30.14 76.93 -2.78
C LEU B 625 30.33 76.44 -4.22
N LEU B 626 31.35 76.99 -4.91
CA LEU B 626 31.61 76.57 -6.27
C LEU B 626 32.00 75.10 -6.34
N THR B 627 32.82 74.66 -5.38
CA THR B 627 33.19 73.25 -5.33
C THR B 627 31.96 72.37 -5.16
N GLY B 628 31.05 72.76 -4.27
CA GLY B 628 29.84 71.99 -4.09
C GLY B 628 28.99 71.90 -5.34
N ILE B 629 28.84 73.03 -6.05
CA ILE B 629 28.05 73.02 -7.28
C ILE B 629 28.69 72.10 -8.32
N PHE B 630 30.01 72.18 -8.49
CA PHE B 630 30.68 71.34 -9.46
C PHE B 630 30.54 69.87 -9.11
N LEU B 631 30.68 69.53 -7.82
CA LEU B 631 30.53 68.14 -7.40
C LEU B 631 29.12 67.62 -7.65
N CYS B 632 28.10 68.46 -7.39
CA CYS B 632 26.73 68.06 -7.66
C CYS B 632 26.54 67.74 -9.14
N TYR B 633 27.07 68.60 -10.01
CA TYR B 633 26.97 68.35 -11.45
C TYR B 633 27.70 67.07 -11.84
N SER B 634 28.89 66.86 -11.27
CA SER B 634 29.67 65.65 -11.58
C SER B 634 28.90 64.39 -11.22
N ILE B 635 28.30 64.36 -10.03
CA ILE B 635 27.53 63.16 -9.66
C ILE B 635 26.30 63.03 -10.53
N THR B 636 25.69 64.15 -10.93
CA THR B 636 24.61 64.10 -11.89
C THR B 636 25.03 63.37 -13.15
N PHE B 637 26.20 63.70 -13.69
CA PHE B 637 26.70 63.01 -14.88
C PHE B 637 26.97 61.53 -14.62
N LEU B 638 27.65 61.22 -13.51
CA LEU B 638 28.10 59.84 -13.29
C LEU B 638 26.96 58.89 -12.96
N MET B 639 25.91 59.39 -12.30
CA MET B 639 24.80 58.51 -11.92
C MET B 639 24.06 57.95 -13.12
N ILE B 640 24.43 58.38 -14.33
CA ILE B 640 23.77 57.97 -15.55
C ILE B 640 24.48 56.78 -16.20
N ALA B 641 25.80 56.79 -16.18
CA ALA B 641 26.55 55.78 -16.91
C ALA B 641 26.30 54.39 -16.34
N ALA B 642 26.81 53.39 -17.07
CA ALA B 642 26.51 52.00 -16.75
C ALA B 642 27.07 51.63 -15.37
N PRO B 643 26.31 50.89 -14.56
CA PRO B 643 26.83 50.43 -13.27
C PRO B 643 27.98 49.46 -13.48
N ASP B 644 28.89 49.43 -12.51
CA ASP B 644 30.05 48.56 -12.56
C ASP B 644 30.34 48.05 -11.15
N THR B 645 31.46 47.34 -11.01
CA THR B 645 31.78 46.69 -9.74
C THR B 645 32.01 47.70 -8.63
N ILE B 646 32.74 48.78 -8.90
CA ILE B 646 33.16 49.72 -7.88
C ILE B 646 32.65 51.13 -8.15
N ILE B 647 31.99 51.36 -9.28
CA ILE B 647 31.55 52.70 -9.64
C ILE B 647 30.65 53.28 -8.56
N CYS B 648 29.69 52.48 -8.07
CA CYS B 648 28.66 53.01 -7.19
C CYS B 648 29.24 53.45 -5.84
N SER B 649 30.27 52.79 -5.34
CA SER B 649 30.94 53.25 -4.13
C SER B 649 31.53 54.66 -4.34
N PHE B 650 32.19 54.86 -5.48
CA PHE B 650 32.70 56.18 -5.82
C PHE B 650 31.57 57.19 -5.95
N ARG B 651 30.44 56.78 -6.54
CA ARG B 651 29.30 57.68 -6.62
C ARG B 651 28.84 58.09 -5.23
N ARG B 652 28.77 57.14 -4.30
CA ARG B 652 28.35 57.46 -2.94
C ARG B 652 29.32 58.43 -2.25
N VAL B 653 30.63 58.17 -2.37
CA VAL B 653 31.59 59.07 -1.74
C VAL B 653 31.49 60.47 -2.34
N PHE B 654 31.37 60.57 -3.67
CA PHE B 654 31.19 61.88 -4.28
C PHE B 654 29.90 62.55 -3.80
N LEU B 655 28.83 61.78 -3.63
CA LEU B 655 27.59 62.33 -3.10
C LEU B 655 27.82 62.96 -1.74
N GLY B 656 28.40 62.20 -0.82
CA GLY B 656 28.68 62.74 0.50
C GLY B 656 29.55 63.99 0.44
N LEU B 657 30.60 63.93 -0.39
CA LEU B 657 31.55 65.03 -0.47
C LEU B 657 30.87 66.31 -0.96
N GLY B 658 30.16 66.23 -2.08
CA GLY B 658 29.52 67.42 -2.62
C GLY B 658 28.42 67.97 -1.72
N MET B 659 27.61 67.07 -1.14
CA MET B 659 26.54 67.53 -0.26
C MET B 659 27.12 68.23 0.95
N CYS B 660 28.22 67.71 1.49
CA CYS B 660 28.88 68.38 2.61
C CYS B 660 29.44 69.72 2.19
N PHE B 661 30.16 69.76 1.07
CA PHE B 661 30.82 70.99 0.64
C PHE B 661 29.82 72.14 0.49
N SER B 662 28.83 71.96 -0.39
CA SER B 662 27.94 73.06 -0.73
C SER B 662 27.22 73.59 0.51
N TYR B 663 26.58 72.68 1.26
CA TYR B 663 25.80 73.10 2.41
C TYR B 663 26.67 73.69 3.51
N ALA B 664 27.85 73.10 3.74
CA ALA B 664 28.75 73.65 4.75
C ALA B 664 29.15 75.07 4.40
N ALA B 665 29.45 75.32 3.13
CA ALA B 665 29.74 76.69 2.71
C ALA B 665 28.56 77.61 2.97
N LEU B 666 27.35 77.17 2.61
CA LEU B 666 26.18 78.01 2.81
C LEU B 666 26.00 78.38 4.28
N LEU B 667 26.06 77.38 5.15
CA LEU B 667 25.91 77.62 6.60
C LEU B 667 27.00 78.52 7.14
N THR B 668 28.27 78.26 6.81
CA THR B 668 29.34 79.08 7.36
C THR B 668 29.23 80.53 6.89
N LYS B 669 28.88 80.74 5.61
CA LYS B 669 28.66 82.10 5.12
C LYS B 669 27.54 82.78 5.89
N THR B 670 26.40 82.10 6.04
CA THR B 670 25.30 82.67 6.81
C THR B 670 25.73 83.01 8.22
N ASN B 671 26.51 82.13 8.85
CA ASN B 671 26.99 82.36 10.21
C ASN B 671 27.86 83.60 10.27
N ARG B 672 28.80 83.74 9.34
CA ARG B 672 29.65 84.93 9.32
C ARG B 672 28.84 86.20 9.10
N ILE B 673 27.80 86.14 8.26
CA ILE B 673 27.05 87.33 7.89
C ILE B 673 26.25 87.87 9.07
N HIS B 674 25.52 87.01 9.77
CA HIS B 674 24.40 87.45 10.59
C HIS B 674 24.73 87.62 12.06
N ARG B 675 25.26 86.58 12.71
CA ARG B 675 25.42 86.62 14.16
C ARG B 675 26.40 87.69 14.62
N ILE B 676 27.23 88.22 13.71
CA ILE B 676 28.26 89.18 14.10
C ILE B 676 27.71 90.57 14.34
N PHE B 677 26.39 90.77 14.20
CA PHE B 677 25.82 92.08 14.49
C PHE B 677 25.95 92.44 15.95
N GLU B 678 25.98 91.45 16.83
CA GLU B 678 26.12 91.71 18.26
C GLU B 678 27.59 91.88 18.65
N LYS B 688 36.66 83.16 14.59
CA LYS B 688 37.00 84.57 14.35
C LYS B 688 36.20 85.13 13.17
N PHE B 689 35.81 86.40 13.29
CA PHE B 689 34.95 87.01 12.29
C PHE B 689 35.61 87.05 10.91
N ILE B 690 36.95 87.19 10.87
CA ILE B 690 37.64 87.28 9.59
C ILE B 690 37.42 86.01 8.79
N SER B 691 37.15 86.19 7.50
CA SER B 691 36.89 85.09 6.57
C SER B 691 37.89 83.95 6.66
N PRO B 692 39.23 84.21 6.60
CA PRO B 692 40.18 83.09 6.62
C PRO B 692 40.01 82.14 7.80
N ALA B 693 40.11 82.67 9.02
CA ALA B 693 40.10 81.84 10.22
C ALA B 693 38.83 81.01 10.33
N SER B 694 37.67 81.68 10.30
CA SER B 694 36.39 80.99 10.43
C SER B 694 36.22 79.91 9.37
N GLN B 695 36.35 80.29 8.10
CA GLN B 695 36.11 79.36 6.99
C GLN B 695 36.99 78.13 7.11
N LEU B 696 38.31 78.32 7.18
CA LEU B 696 39.24 77.16 7.15
C LEU B 696 38.86 76.14 8.22
N VAL B 697 38.70 76.58 9.47
CA VAL B 697 38.40 75.65 10.56
C VAL B 697 37.16 74.82 10.25
N ILE B 698 36.03 75.51 10.02
CA ILE B 698 34.76 74.81 9.86
C ILE B 698 34.78 73.91 8.63
N THR B 699 35.33 74.41 7.52
CA THR B 699 35.35 73.61 6.29
C THR B 699 36.20 72.36 6.47
N PHE B 700 37.43 72.51 6.94
CA PHE B 700 38.28 71.35 7.17
C PHE B 700 37.63 70.37 8.15
N SER B 701 37.07 70.89 9.24
CA SER B 701 36.45 70.02 10.25
C SER B 701 35.31 69.21 9.65
N LEU B 702 34.35 69.86 9.00
CA LEU B 702 33.20 69.14 8.46
C LEU B 702 33.61 68.18 7.35
N ILE B 703 34.59 68.58 6.52
CA ILE B 703 35.05 67.70 5.46
C ILE B 703 35.74 66.48 6.05
N SER B 704 36.54 66.65 7.10
CA SER B 704 37.15 65.52 7.77
C SER B 704 36.10 64.61 8.40
N VAL B 705 35.06 65.20 9.00
CA VAL B 705 33.96 64.41 9.55
C VAL B 705 33.37 63.51 8.49
N GLN B 706 32.92 64.10 7.38
CA GLN B 706 32.34 63.29 6.31
C GLN B 706 33.36 62.37 5.67
N LEU B 707 34.65 62.74 5.68
CA LEU B 707 35.68 61.87 5.15
C LEU B 707 35.78 60.58 5.95
N LEU B 708 35.80 60.69 7.28
CA LEU B 708 35.80 59.50 8.12
C LEU B 708 34.49 58.73 7.99
N GLY B 709 33.37 59.46 7.88
CA GLY B 709 32.09 58.80 7.66
C GLY B 709 32.09 57.93 6.42
N VAL B 710 32.69 58.43 5.34
CA VAL B 710 32.85 57.64 4.14
C VAL B 710 33.81 56.48 4.40
N PHE B 711 34.98 56.78 4.99
CA PHE B 711 36.02 55.79 5.24
C PHE B 711 35.46 54.55 5.91
N VAL B 712 34.75 54.72 7.03
CA VAL B 712 33.97 53.61 7.56
C VAL B 712 32.91 53.26 6.52
N TRP B 713 33.00 52.06 5.94
CA TRP B 713 32.12 51.68 4.84
C TRP B 713 30.82 51.13 5.40
N PHE B 714 29.99 52.04 5.92
CA PHE B 714 28.66 51.69 6.40
C PHE B 714 27.61 52.04 5.35
N VAL B 715 27.54 53.30 4.92
CA VAL B 715 26.60 53.68 3.87
C VAL B 715 27.10 53.19 2.51
N VAL B 716 28.40 53.36 2.24
CA VAL B 716 28.96 52.99 0.95
C VAL B 716 29.12 51.48 0.89
N ASP B 717 28.68 50.89 -0.21
CA ASP B 717 28.80 49.45 -0.38
C ASP B 717 30.19 49.07 -0.88
N PRO B 718 30.61 47.84 -0.66
CA PRO B 718 31.86 47.36 -1.25
C PRO B 718 31.67 47.06 -2.73
N PRO B 719 32.69 46.55 -3.43
CA PRO B 719 32.51 46.18 -4.85
C PRO B 719 31.36 45.21 -5.09
N HIS B 720 30.83 44.64 -4.01
CA HIS B 720 29.65 43.78 -4.06
C HIS B 720 28.53 44.40 -4.88
N ILE B 721 27.90 43.58 -5.73
CA ILE B 721 26.80 44.02 -6.58
C ILE B 721 25.79 42.88 -6.64
N ILE B 722 24.61 43.18 -7.19
CA ILE B 722 23.54 42.22 -7.35
C ILE B 722 23.16 42.17 -8.82
N ILE B 723 22.86 40.97 -9.30
CA ILE B 723 22.36 40.77 -10.65
C ILE B 723 20.97 40.18 -10.51
N ASP B 724 19.99 40.79 -11.17
CA ASP B 724 18.61 40.33 -11.04
C ASP B 724 18.29 39.26 -12.09
N TYR B 725 19.03 38.15 -12.03
CA TYR B 725 18.83 37.08 -12.99
C TYR B 725 17.37 36.64 -13.03
N GLY B 726 16.80 36.33 -11.85
CA GLY B 726 15.45 35.82 -11.78
C GLY B 726 14.49 36.61 -10.90
N GLU B 727 14.96 37.71 -10.31
CA GLU B 727 14.09 38.54 -9.49
C GLU B 727 12.90 39.07 -10.28
N GLN B 728 13.12 39.46 -11.54
CA GLN B 728 11.99 39.78 -12.41
C GLN B 728 11.09 38.56 -12.55
N ARG B 729 9.79 38.75 -12.28
CA ARG B 729 8.85 37.66 -12.10
C ARG B 729 7.94 37.44 -13.31
N THR B 730 8.35 37.91 -14.49
CA THR B 730 7.48 37.86 -15.67
C THR B 730 7.04 36.44 -15.98
N LEU B 731 5.72 36.27 -16.22
CA LEU B 731 5.16 34.97 -16.55
C LEU B 731 5.82 34.37 -17.79
N ASP B 732 6.04 35.18 -18.81
CA ASP B 732 6.82 34.70 -19.94
C ASP B 732 8.30 34.77 -19.60
N PRO B 733 9.00 33.65 -19.57
CA PRO B 733 10.45 33.70 -19.33
C PRO B 733 11.19 34.48 -20.41
N GLU B 734 10.70 34.39 -21.66
CA GLU B 734 11.43 34.97 -22.79
C GLU B 734 11.67 36.46 -22.60
N LYS B 735 10.62 37.21 -22.26
CA LYS B 735 10.74 38.66 -22.14
C LYS B 735 11.19 39.10 -20.74
N ALA B 736 11.24 38.19 -19.78
CA ALA B 736 11.81 38.53 -18.48
C ALA B 736 13.30 38.84 -18.63
N ARG B 737 13.78 39.78 -17.83
CA ARG B 737 15.15 40.26 -17.94
C ARG B 737 15.72 40.48 -16.54
N GLY B 738 16.88 41.14 -16.47
CA GLY B 738 17.50 41.45 -15.19
C GLY B 738 18.31 42.73 -15.27
N VAL B 739 18.75 43.19 -14.10
CA VAL B 739 19.49 44.44 -13.99
C VAL B 739 20.75 44.25 -13.17
N LEU B 740 21.76 45.08 -13.46
CA LEU B 740 23.05 45.08 -12.78
C LEU B 740 23.05 46.15 -11.70
N LYS B 741 22.46 45.84 -10.56
CA LYS B 741 22.17 46.84 -9.54
C LYS B 741 23.14 46.73 -8.38
N CYS B 742 23.79 47.84 -8.03
CA CYS B 742 24.50 47.86 -6.76
C CYS B 742 23.50 47.75 -5.61
N ASP B 743 23.89 47.01 -4.57
CA ASP B 743 22.98 46.73 -3.48
C ASP B 743 22.90 47.91 -2.52
N ILE B 744 22.57 49.07 -3.06
CA ILE B 744 22.47 50.30 -2.26
C ILE B 744 21.00 50.44 -1.86
N SER B 745 20.73 50.27 -0.58
CA SER B 745 19.37 50.29 -0.07
C SER B 745 18.85 51.73 0.01
N ASP B 746 17.52 51.87 -0.12
CA ASP B 746 16.92 53.19 -0.03
C ASP B 746 17.15 53.80 1.34
N LEU B 747 17.12 52.98 2.40
CA LEU B 747 17.45 53.47 3.73
C LEU B 747 18.89 53.98 3.78
N SER B 748 19.80 53.36 3.03
CA SER B 748 21.15 53.87 2.95
C SER B 748 21.19 55.26 2.34
N LEU B 749 20.41 55.50 1.27
CA LEU B 749 20.32 56.85 0.72
C LEU B 749 19.77 57.83 1.75
N ILE B 750 18.71 57.44 2.46
CA ILE B 750 18.07 58.36 3.40
C ILE B 750 19.03 58.73 4.52
N CYS B 751 19.67 57.72 5.13
CA CYS B 751 20.61 57.99 6.21
C CYS B 751 21.84 58.73 5.73
N SER B 752 22.27 58.46 4.49
CA SER B 752 23.42 59.16 3.92
C SER B 752 23.17 60.68 3.87
N LEU B 753 22.03 61.07 3.33
CA LEU B 753 21.66 62.49 3.25
C LEU B 753 21.16 63.05 4.57
N GLY B 754 21.19 62.28 5.66
CA GLY B 754 20.71 62.77 6.93
C GLY B 754 21.49 63.96 7.44
N TYR B 755 22.81 63.92 7.28
CA TYR B 755 23.63 65.07 7.65
C TYR B 755 23.31 66.28 6.77
N SER B 756 23.02 66.03 5.49
CA SER B 756 22.57 67.09 4.61
C SER B 756 21.26 67.69 5.10
N ILE B 757 20.32 66.83 5.54
CA ILE B 757 19.06 67.33 6.08
C ILE B 757 19.29 68.17 7.32
N LEU B 758 20.20 67.74 8.20
CA LEU B 758 20.50 68.50 9.40
C LEU B 758 21.07 69.87 9.04
N LEU B 759 22.00 69.91 8.08
CA LEU B 759 22.54 71.19 7.63
C LEU B 759 21.44 72.08 7.06
N MET B 760 20.53 71.49 6.29
CA MET B 760 19.42 72.25 5.73
C MET B 760 18.56 72.85 6.84
N VAL B 761 18.25 72.06 7.86
CA VAL B 761 17.44 72.56 8.98
C VAL B 761 18.15 73.70 9.69
N THR B 762 19.45 73.52 9.96
CA THR B 762 20.22 74.56 10.64
C THR B 762 20.23 75.85 9.83
N CYS B 763 20.48 75.74 8.51
CA CYS B 763 20.50 76.93 7.67
C CYS B 763 19.13 77.58 7.59
N THR B 764 18.07 76.79 7.61
CA THR B 764 16.72 77.37 7.60
C THR B 764 16.47 78.17 8.87
N VAL B 765 16.87 77.63 10.02
CA VAL B 765 16.74 78.36 11.27
C VAL B 765 17.53 79.67 11.20
N TYR B 766 18.78 79.59 10.75
CA TYR B 766 19.63 80.77 10.67
C TYR B 766 19.01 81.81 9.75
N ALA B 767 18.46 81.40 8.61
CA ALA B 767 17.93 82.37 7.67
C ALA B 767 16.56 82.89 8.05
N ILE B 768 15.82 82.14 8.87
CA ILE B 768 14.62 82.71 9.47
C ILE B 768 15.00 83.79 10.48
N LYS B 769 16.09 83.58 11.22
CA LYS B 769 16.63 84.65 12.05
C LYS B 769 17.06 85.85 11.20
N THR B 770 17.73 85.60 10.08
CA THR B 770 18.16 86.69 9.20
C THR B 770 16.97 87.45 8.63
N ARG B 771 15.84 86.75 8.39
CA ARG B 771 14.66 87.33 7.76
C ARG B 771 14.37 88.76 8.24
N GLY B 772 14.41 88.99 9.54
CA GLY B 772 14.38 90.35 10.06
C GLY B 772 15.73 91.00 9.89
N VAL B 773 16.12 91.24 8.64
CA VAL B 773 17.51 91.57 8.31
C VAL B 773 17.84 92.98 8.82
N PRO B 774 18.99 93.16 9.46
CA PRO B 774 19.49 94.52 9.71
C PRO B 774 19.86 95.20 8.40
N GLU B 775 20.00 96.52 8.47
CA GLU B 775 20.25 97.30 7.26
C GLU B 775 21.48 96.77 6.52
N THR B 776 22.62 96.69 7.23
CA THR B 776 23.83 96.03 6.77
C THR B 776 24.10 96.23 5.28
N PHE B 777 23.93 95.17 4.50
CA PHE B 777 24.10 95.21 3.05
C PHE B 777 22.92 94.54 2.37
N ASN B 778 23.01 94.37 1.05
CA ASN B 778 21.93 93.77 0.28
C ASN B 778 22.28 92.40 -0.30
N GLU B 779 23.54 92.00 -0.27
CA GLU B 779 23.96 90.73 -0.84
C GLU B 779 23.58 89.53 0.01
N ALA B 780 23.20 89.74 1.27
CA ALA B 780 22.89 88.62 2.15
C ALA B 780 21.45 88.12 2.05
N LYS B 781 20.53 88.89 1.46
CA LYS B 781 19.15 88.42 1.32
C LYS B 781 19.01 87.38 0.19
N PRO B 782 19.70 87.51 -0.95
CA PRO B 782 19.65 86.42 -1.93
C PRO B 782 20.15 85.11 -1.37
N ILE B 783 21.07 85.13 -0.41
CA ILE B 783 21.54 83.89 0.21
C ILE B 783 20.36 83.13 0.79
N GLY B 784 19.58 83.82 1.61
CA GLY B 784 18.40 83.20 2.20
C GLY B 784 17.38 82.77 1.17
N PHE B 785 17.10 83.65 0.19
CA PHE B 785 16.10 83.32 -0.82
C PHE B 785 16.47 82.08 -1.62
N THR B 786 17.73 82.01 -2.07
CA THR B 786 18.20 80.84 -2.81
C THR B 786 18.14 79.59 -1.96
N MET B 787 18.51 79.69 -0.68
CA MET B 787 18.41 78.52 0.19
C MET B 787 16.96 78.08 0.35
N TYR B 788 16.04 79.04 0.49
CA TYR B 788 14.62 78.70 0.62
C TYR B 788 14.14 77.95 -0.62
N THR B 789 14.49 78.45 -1.81
CA THR B 789 14.07 77.77 -3.03
C THR B 789 14.64 76.36 -3.10
N THR B 790 15.92 76.21 -2.77
CA THR B 790 16.53 74.88 -2.78
C THR B 790 15.87 73.95 -1.78
N CYS B 791 15.38 74.49 -0.66
CA CYS B 791 14.73 73.65 0.33
C CYS B 791 13.51 72.95 -0.26
N ILE B 792 12.63 73.72 -0.90
CA ILE B 792 11.43 73.13 -1.51
C ILE B 792 11.83 72.23 -2.68
N ILE B 793 12.80 72.66 -3.48
CA ILE B 793 13.21 71.87 -4.64
C ILE B 793 13.68 70.49 -4.21
N TRP B 794 14.44 70.42 -3.11
CA TRP B 794 14.92 69.13 -2.64
C TRP B 794 13.85 68.36 -1.87
N LEU B 795 12.95 69.05 -1.18
CA LEU B 795 11.88 68.36 -0.47
C LEU B 795 10.90 67.70 -1.44
N ALA B 796 10.76 68.24 -2.65
CA ALA B 796 9.93 67.59 -3.66
C ALA B 796 10.44 66.20 -4.02
N PHE B 797 11.72 65.92 -3.78
CA PHE B 797 12.32 64.65 -4.20
C PHE B 797 11.74 63.47 -3.45
N ILE B 798 11.52 63.63 -2.13
CA ILE B 798 11.13 62.49 -1.30
C ILE B 798 9.86 61.81 -1.80
N PRO B 799 8.76 62.52 -2.11
CA PRO B 799 7.61 61.83 -2.71
C PRO B 799 7.95 61.14 -4.02
N ILE B 800 8.77 61.78 -4.86
CA ILE B 800 9.17 61.18 -6.13
C ILE B 800 10.33 60.21 -5.94
N PHE B 801 10.82 60.06 -4.71
CA PHE B 801 11.69 58.94 -4.37
C PHE B 801 10.89 57.72 -3.96
N PHE B 802 9.83 57.92 -3.17
CA PHE B 802 9.03 56.79 -2.70
C PHE B 802 8.07 56.26 -3.76
N GLY B 803 7.55 57.13 -4.63
CA GLY B 803 6.49 56.69 -5.53
C GLY B 803 6.95 55.89 -6.74
N THR B 804 8.25 55.75 -6.95
CA THR B 804 8.75 55.08 -8.15
C THR B 804 8.79 53.56 -8.03
N ALA B 805 8.57 53.01 -6.83
CA ALA B 805 8.68 51.57 -6.65
C ALA B 805 7.60 50.81 -7.41
N GLN B 806 6.41 51.40 -7.56
CA GLN B 806 5.30 50.70 -8.19
C GLN B 806 5.60 50.37 -9.65
N SER B 807 6.19 51.30 -10.38
CA SER B 807 6.41 51.11 -11.80
C SER B 807 7.41 50.00 -12.08
N ALA B 808 7.27 49.37 -13.25
CA ALA B 808 8.23 48.36 -13.67
C ALA B 808 9.62 48.96 -13.85
N GLU B 809 9.70 50.15 -14.44
CA GLU B 809 10.97 50.83 -14.64
C GLU B 809 11.33 51.66 -13.40
N LYS B 810 11.44 50.97 -12.28
CA LYS B 810 11.83 51.62 -11.03
C LYS B 810 13.17 52.31 -11.16
N MET B 811 14.16 51.62 -11.74
CA MET B 811 15.49 52.21 -11.90
C MET B 811 15.44 53.45 -12.77
N TYR B 812 14.72 53.39 -13.89
CA TYR B 812 14.69 54.53 -14.81
C TYR B 812 14.15 55.78 -14.12
N ILE B 813 12.97 55.67 -13.52
CA ILE B 813 12.34 56.84 -12.93
C ILE B 813 13.14 57.33 -11.73
N GLN B 814 13.63 56.40 -10.91
CA GLN B 814 14.42 56.79 -9.74
C GLN B 814 15.67 57.56 -10.14
N THR B 815 16.42 57.03 -11.11
CA THR B 815 17.64 57.70 -11.53
C THR B 815 17.34 59.07 -12.14
N THR B 816 16.31 59.13 -12.99
CA THR B 816 15.98 60.41 -13.62
C THR B 816 15.58 61.45 -12.58
N THR B 817 14.72 61.07 -11.63
CA THR B 817 14.26 62.05 -10.65
C THR B 817 15.39 62.49 -9.72
N LEU B 818 16.24 61.56 -9.26
CA LEU B 818 17.35 61.96 -8.41
C LEU B 818 18.28 62.92 -9.14
N THR B 819 18.69 62.55 -10.36
CA THR B 819 19.64 63.37 -11.09
C THR B 819 19.06 64.74 -11.44
N VAL B 820 17.79 64.79 -11.88
CA VAL B 820 17.19 66.07 -12.23
C VAL B 820 16.97 66.93 -11.00
N SER B 821 16.60 66.33 -9.87
CA SER B 821 16.44 67.11 -8.65
C SER B 821 17.77 67.71 -8.21
N MET B 822 18.85 66.94 -8.30
CA MET B 822 20.16 67.49 -7.98
C MET B 822 20.52 68.64 -8.91
N SER B 823 20.27 68.47 -10.20
CA SER B 823 20.60 69.54 -11.15
C SER B 823 19.76 70.78 -10.89
N LEU B 824 18.49 70.60 -10.50
CA LEU B 824 17.63 71.74 -10.20
C LEU B 824 18.11 72.50 -8.97
N SER B 825 18.48 71.77 -7.90
CA SER B 825 19.02 72.43 -6.72
C SER B 825 20.31 73.17 -7.06
N ALA B 826 21.18 72.55 -7.87
CA ALA B 826 22.41 73.22 -8.27
C ALA B 826 22.13 74.48 -9.07
N SER B 827 21.19 74.41 -10.01
CA SER B 827 20.87 75.58 -10.82
C SER B 827 20.26 76.69 -9.99
N VAL B 828 19.46 76.35 -8.98
CA VAL B 828 18.94 77.37 -8.09
C VAL B 828 20.07 78.03 -7.32
N SER B 829 21.03 77.22 -6.84
CA SER B 829 22.21 77.80 -6.21
C SER B 829 22.99 78.68 -7.18
N LEU B 830 22.89 78.40 -8.48
CA LEU B 830 23.50 79.22 -9.51
C LEU B 830 22.66 80.44 -9.86
N GLY B 831 21.69 80.78 -9.02
CA GLY B 831 20.76 81.85 -9.33
C GLY B 831 21.17 83.15 -8.67
N MET B 832 20.47 83.53 -7.62
CA MET B 832 20.71 84.82 -6.99
C MET B 832 21.93 84.82 -6.08
N LEU B 833 22.57 83.68 -5.86
CA LEU B 833 23.75 83.67 -5.00
C LEU B 833 24.85 84.55 -5.57
N TYR B 834 25.36 84.23 -6.76
CA TYR B 834 26.49 84.95 -7.31
C TYR B 834 26.43 85.25 -8.81
N MET B 835 25.36 84.93 -9.52
CA MET B 835 25.33 85.29 -10.93
C MET B 835 25.12 86.78 -11.22
N PRO B 836 24.01 87.39 -10.79
CA PRO B 836 23.72 88.76 -11.24
C PRO B 836 24.60 89.79 -10.59
N LYS B 837 25.26 89.45 -9.48
CA LYS B 837 26.18 90.35 -8.81
C LYS B 837 27.43 90.61 -9.64
N VAL B 838 27.72 89.75 -10.63
CA VAL B 838 28.93 89.89 -11.44
C VAL B 838 28.57 89.95 -12.92
N TYR B 839 27.37 90.48 -13.23
CA TYR B 839 26.94 90.59 -14.63
C TYR B 839 28.04 91.16 -15.51
N ILE B 840 28.81 92.10 -15.00
CA ILE B 840 29.97 92.64 -15.71
C ILE B 840 31.08 92.90 -14.69
N ILE B 841 32.19 92.18 -14.82
CA ILE B 841 33.33 92.37 -13.94
C ILE B 841 34.62 92.34 -14.77
NAA Z99 C . -10.34 -42.21 11.96
OAB Z99 C . -11.42 -46.91 13.81
OAC Z99 C . -7.90 -43.46 9.67
OAD Z99 C . -11.08 -47.13 11.65
OAE Z99 C . -9.67 -42.25 9.38
CAF Z99 C . -5.86 -41.55 16.93
CAG Z99 C . -4.87 -40.50 9.92
CAH Z99 C . -7.23 -41.44 16.74
CAI Z99 C . -6.22 -40.35 9.70
CAJ Z99 C . -5.03 -41.70 15.83
CAK Z99 C . -4.42 -41.00 11.12
CAL Z99 C . -7.76 -41.47 15.47
CAM Z99 C . -7.08 -40.71 10.70
CAN Z99 C . -8.12 -43.07 12.58
CAO Z99 C . -8.89 -45.69 11.53
OAP Z99 C . -4.76 -41.89 13.37
CAQ Z99 C . -10.84 -46.56 12.75
CAR Z99 C . -8.95 -42.95 10.13
CAS Z99 C . -5.60 -41.73 14.53
CAT Z99 C . -5.29 -41.36 12.13
CAU Z99 C . -6.95 -41.62 14.34
CAV Z99 C . -6.60 -41.23 11.91
CAW Z99 C . -7.60 -41.63 12.97
CAX Z99 C . -9.79 -45.47 12.74
CAY Z99 C . -9.33 -43.16 11.57
CAZ Z99 C . -9.93 -44.56 11.53
NAA Z99 D . -4.82 -32.67 -30.59
OAB Z99 D . -5.59 -36.26 -34.18
OAC Z99 D . -7.42 -34.13 -28.60
OAD Z99 D . -6.57 -37.08 -32.41
OAE Z99 D . -5.49 -33.29 -28.07
CAF Z99 D . -8.84 -28.67 -34.00
CAG Z99 D . -9.35 -30.48 -27.09
CAH Z99 D . -7.48 -28.99 -33.98
CAI Z99 D . -8.00 -30.77 -27.00
CAJ Z99 D . -9.60 -29.08 -32.91
CAK Z99 D . -9.94 -30.28 -28.30
CAL Z99 D . -6.94 -29.67 -32.90
CAM Z99 D . -7.28 -30.86 -28.18
CAN Z99 D . -7.21 -32.32 -31.01
CAO Z99 D . -7.67 -34.82 -31.56
OAP Z99 D . -9.88 -30.15 -30.73
CAQ Z99 D . -6.19 -36.11 -33.08
CAR Z99 D . -6.36 -33.57 -28.94
CAS Z99 D . -9.05 -29.75 -31.82
CAT Z99 D . -9.21 -30.37 -29.48
CAU Z99 D . -7.73 -30.05 -31.83
CAV Z99 D . -7.90 -30.66 -29.41
CAW Z99 D . -7.09 -30.80 -30.68
CAX Z99 D . -6.48 -34.72 -32.52
CAY Z99 D . -6.12 -33.25 -30.40
CAZ Z99 D . -6.26 -34.62 -31.02
#